data_7JP6
# 
_entry.id   7JP6 
# 
_audit_conform.dict_name       mmcif_pdbx.dic 
_audit_conform.dict_version    5.380 
_audit_conform.dict_location   http://mmcif.pdb.org/dictionaries/ascii/mmcif_pdbx.dic 
# 
loop_
_database_2.database_id 
_database_2.database_code 
_database_2.pdbx_database_accession 
_database_2.pdbx_DOI 
PDB   7JP6         pdb_00007jp6 10.2210/pdb7jp6/pdb 
WWPDB D_1000250929 ?            ?                   
# 
_pdbx_database_status.status_code                     REL 
_pdbx_database_status.status_code_sf                  REL 
_pdbx_database_status.status_code_mr                  ? 
_pdbx_database_status.entry_id                        7JP6 
_pdbx_database_status.recvd_initial_deposition_date   2020-08-07 
_pdbx_database_status.SG_entry                        N 
_pdbx_database_status.deposit_site                    RCSB 
_pdbx_database_status.process_site                    RCSB 
_pdbx_database_status.status_code_cs                  ? 
_pdbx_database_status.status_code_nmr_data            ? 
_pdbx_database_status.methods_development_category    ? 
_pdbx_database_status.pdb_format_compatible           Y 
# 
loop_
_audit_author.name 
_audit_author.pdbx_ordinal 
_audit_author.identifier_ORCID 
'Simmons, C.R.'      1 0000-0002-2290-6132 
'MacCulloch, T.'     2 0000-0001-5875-3361 
'Stephanopoulos, N.' 3 0000-0001-7859-410X 
'Yan, H.'            4 0000-0001-7397-9852 
# 
_citation.abstract                  ? 
_citation.abstract_id_CAS           ? 
_citation.book_id_ISBN              ? 
_citation.book_publisher            ? 
_citation.book_publisher_city       ? 
_citation.book_title                ? 
_citation.coordinate_linkage        ? 
_citation.country                   UK 
_citation.database_id_Medline       ? 
_citation.details                   ? 
_citation.id                        primary 
_citation.journal_abbrev            'Nat Commun' 
_citation.journal_id_ASTM           ? 
_citation.journal_id_CSD            ? 
_citation.journal_id_ISSN           2041-1723 
_citation.journal_full              ? 
_citation.journal_issue             ? 
_citation.journal_volume            13 
_citation.language                  ? 
_citation.page_first                3112 
_citation.page_last                 3112 
_citation.title                     'The influence of Holliday junction sequence and dynamics on DNA crystal self-assembly.' 
_citation.year                      2022 
_citation.database_id_CSD           ? 
_citation.pdbx_database_id_DOI      10.1038/s41467-022-30779-6 
_citation.pdbx_database_id_PubMed   35662248 
_citation.unpublished_flag          ? 
# 
loop_
_citation_author.citation_id 
_citation_author.name 
_citation_author.ordinal 
_citation_author.identifier_ORCID 
primary 'Simmons, C.R.'      1  ?                   
primary 'MacCulloch, T.'     2  ?                   
primary 'Krepl, M.'          3  0000-0002-9833-4281 
primary 'Matthies, M.'       4  ?                   
primary 'Buchberger, A.'     5  ?                   
primary 'Crawford, I.'       6  ?                   
primary 'Sponer, J.'         7  0000-0001-6558-6186 
primary 'Sulc, P.'           8  0000-0003-1565-6769 
primary 'Stephanopoulos, N.' 9  0000-0001-7859-410X 
primary 'Yan, H.'            10 0000-0001-7397-9852 
# 
_cell.angle_alpha                  90.000 
_cell.angle_alpha_esd              ? 
_cell.angle_beta                   90.000 
_cell.angle_beta_esd               ? 
_cell.angle_gamma                  120.000 
_cell.angle_gamma_esd              ? 
_cell.entry_id                     7JP6 
_cell.details                      ? 
_cell.formula_units_Z              ? 
_cell.length_a                     68.074 
_cell.length_a_esd                 ? 
_cell.length_b                     68.074 
_cell.length_b_esd                 ? 
_cell.length_c                     56.063 
_cell.length_c_esd                 ? 
_cell.volume                       ? 
_cell.volume_esd                   ? 
_cell.Z_PDB                        3 
_cell.reciprocal_angle_alpha       ? 
_cell.reciprocal_angle_beta        ? 
_cell.reciprocal_angle_gamma       ? 
_cell.reciprocal_angle_alpha_esd   ? 
_cell.reciprocal_angle_beta_esd    ? 
_cell.reciprocal_angle_gamma_esd   ? 
_cell.reciprocal_length_a          ? 
_cell.reciprocal_length_b          ? 
_cell.reciprocal_length_c          ? 
_cell.reciprocal_length_a_esd      ? 
_cell.reciprocal_length_b_esd      ? 
_cell.reciprocal_length_c_esd      ? 
_cell.pdbx_unique_axis             ? 
# 
_symmetry.entry_id                         7JP6 
_symmetry.cell_setting                     ? 
_symmetry.Int_Tables_number                145 
_symmetry.space_group_name_Hall            ? 
_symmetry.space_group_name_H-M             'P 32' 
_symmetry.pdbx_full_space_group_name_H-M   ? 
# 
loop_
_entity.id 
_entity.type 
_entity.src_method 
_entity.pdbx_description 
_entity.formula_weight 
_entity.pdbx_number_of_molecules 
_entity.pdbx_ec 
_entity.pdbx_mutation 
_entity.pdbx_fragment 
_entity.details 
1 polymer     syn 
;DNA (5'-D(*GP*AP*GP*CP*AP*GP*AP*CP*GP*TP*GP*AP*CP*GP*AP*GP*AP*CP*TP*CP*A)-3')
;
6506.225 1 ? ? ? ? 
2 polymer     syn 
;DNA (5'-D(P*TP*CP*GP*TP*CP*A)-3')
;
1784.204 1 ? ? ? ? 
3 polymer     syn 
;DNA (5'-D(*TP*CP*TP*GP*AP*GP*TP*C)-3')
;
2417.603 1 ? ? ? ? 
4 polymer     syn 
;DNA (5'-D(P*CP*GP*TP*CP*TP*GP*C)-3')
;
2089.385 1 ? ? ? ? 
5 non-polymer syn 'CACODYLATE ION'                                                                136.989  1 ? ? ? ? 
# 
loop_
_entity_poly.entity_id 
_entity_poly.type 
_entity_poly.nstd_linkage 
_entity_poly.nstd_monomer 
_entity_poly.pdbx_seq_one_letter_code 
_entity_poly.pdbx_seq_one_letter_code_can 
_entity_poly.pdbx_strand_id 
_entity_poly.pdbx_target_identifier 
1 polydeoxyribonucleotide no no 
;(DG)(DA)(DG)(DC)(DA)(DG)(DA)(DC)(DG)(DT)(DG)(DA)(DC)(DG)(DA)(DG)(DA)(DC)(DT)(DC)
(DA)
;
GAGCAGACGTGACGAGACTCA A ? 
2 polydeoxyribonucleotide no no '(DT)(DC)(DG)(DT)(DC)(DA)'                                                              TCGTCA B ? 
3 polydeoxyribonucleotide no no '(DT)(DC)(DT)(DG)(DA)(DG)(DT)(DC)'                                                      TCTGAGTC C 
? 
4 polydeoxyribonucleotide no no '(DC)(DG)(DT)(DC)(DT)(DG)(DC)'                                                          CGTCTGC D 
? 
# 
loop_
_entity_poly_seq.entity_id 
_entity_poly_seq.num 
_entity_poly_seq.mon_id 
_entity_poly_seq.hetero 
1 1  DG n 
1 2  DA n 
1 3  DG n 
1 4  DC n 
1 5  DA n 
1 6  DG n 
1 7  DA n 
1 8  DC n 
1 9  DG n 
1 10 DT n 
1 11 DG n 
1 12 DA n 
1 13 DC n 
1 14 DG n 
1 15 DA n 
1 16 DG n 
1 17 DA n 
1 18 DC n 
1 19 DT n 
1 20 DC n 
1 21 DA n 
2 1  DT n 
2 2  DC n 
2 3  DG n 
2 4  DT n 
2 5  DC n 
2 6  DA n 
3 1  DT n 
3 2  DC n 
3 3  DT n 
3 4  DG n 
3 5  DA n 
3 6  DG n 
3 7  DT n 
3 8  DC n 
4 1  DC n 
4 2  DG n 
4 3  DT n 
4 4  DC n 
4 5  DT n 
4 6  DG n 
4 7  DC n 
# 
loop_
_pdbx_entity_src_syn.entity_id 
_pdbx_entity_src_syn.pdbx_src_id 
_pdbx_entity_src_syn.pdbx_alt_source_flag 
_pdbx_entity_src_syn.pdbx_beg_seq_num 
_pdbx_entity_src_syn.pdbx_end_seq_num 
_pdbx_entity_src_syn.organism_scientific 
_pdbx_entity_src_syn.organism_common_name 
_pdbx_entity_src_syn.ncbi_taxonomy_id 
_pdbx_entity_src_syn.details 
1 1 sample 1 21 'synthetic construct' ? 32630 ? 
2 1 sample 1 6  'synthetic construct' ? 32630 ? 
3 1 sample 1 8  'synthetic construct' ? 32630 ? 
4 1 sample 1 7  'synthetic construct' ? 32630 ? 
# 
loop_
_struct_ref.id 
_struct_ref.db_name 
_struct_ref.db_code 
_struct_ref.pdbx_db_accession 
_struct_ref.pdbx_db_isoform 
_struct_ref.entity_id 
_struct_ref.pdbx_seq_one_letter_code 
_struct_ref.pdbx_align_begin 
1 PDB 7JP6 7JP6 ? 1 ? 1 
2 PDB 7JP6 7JP6 ? 2 ? 1 
3 PDB 7JP6 7JP6 ? 3 ? 1 
4 PDB 7JP6 7JP6 ? 4 ? 1 
# 
loop_
_struct_ref_seq.align_id 
_struct_ref_seq.ref_id 
_struct_ref_seq.pdbx_PDB_id_code 
_struct_ref_seq.pdbx_strand_id 
_struct_ref_seq.seq_align_beg 
_struct_ref_seq.pdbx_seq_align_beg_ins_code 
_struct_ref_seq.seq_align_end 
_struct_ref_seq.pdbx_seq_align_end_ins_code 
_struct_ref_seq.pdbx_db_accession 
_struct_ref_seq.db_align_beg 
_struct_ref_seq.pdbx_db_align_beg_ins_code 
_struct_ref_seq.db_align_end 
_struct_ref_seq.pdbx_db_align_end_ins_code 
_struct_ref_seq.pdbx_auth_seq_align_beg 
_struct_ref_seq.pdbx_auth_seq_align_end 
1 1 7JP6 A 1 ? 21 ? 7JP6 1  ? 21 ? 1  21 
2 2 7JP6 B 1 ? 6  ? 7JP6 0  ? 5  ? 0  5  
3 3 7JP6 C 1 ? 8  ? 7JP6 1  ? 8  ? 1  8  
4 4 7JP6 D 1 ? 7  ? 7JP6 10 ? 16 ? 10 16 
# 
loop_
_chem_comp.id 
_chem_comp.type 
_chem_comp.mon_nstd_flag 
_chem_comp.name 
_chem_comp.pdbx_synonyms 
_chem_comp.formula 
_chem_comp.formula_weight 
CAC non-polymer   . 'CACODYLATE ION'                     dimethylarsinate 'C2 H6 As O2 -1'  136.989 
DA  'DNA linking' y "2'-DEOXYADENOSINE-5'-MONOPHOSPHATE" ?                'C10 H14 N5 O6 P' 331.222 
DC  'DNA linking' y "2'-DEOXYCYTIDINE-5'-MONOPHOSPHATE"  ?                'C9 H14 N3 O7 P'  307.197 
DG  'DNA linking' y "2'-DEOXYGUANOSINE-5'-MONOPHOSPHATE" ?                'C10 H14 N5 O7 P' 347.221 
DT  'DNA linking' y "THYMIDINE-5'-MONOPHOSPHATE"         ?                'C10 H15 N2 O8 P' 322.208 
# 
_exptl.absorpt_coefficient_mu     ? 
_exptl.absorpt_correction_T_max   ? 
_exptl.absorpt_correction_T_min   ? 
_exptl.absorpt_correction_type    ? 
_exptl.absorpt_process_details    ? 
_exptl.entry_id                   7JP6 
_exptl.crystals_number            1 
_exptl.details                    ? 
_exptl.method                     'X-RAY DIFFRACTION' 
_exptl.method_details             ? 
# 
_exptl_crystal.colour                      ? 
_exptl_crystal.density_diffrn              ? 
_exptl_crystal.density_Matthews            5.86 
_exptl_crystal.density_method              ? 
_exptl_crystal.density_percent_sol         79.01 
_exptl_crystal.description                 ? 
_exptl_crystal.F_000                       ? 
_exptl_crystal.id                          1 
_exptl_crystal.preparation                 ? 
_exptl_crystal.size_max                    ? 
_exptl_crystal.size_mid                    ? 
_exptl_crystal.size_min                    ? 
_exptl_crystal.size_rad                    ? 
_exptl_crystal.colour_lustre               ? 
_exptl_crystal.colour_modifier             ? 
_exptl_crystal.colour_primary              ? 
_exptl_crystal.density_meas                ? 
_exptl_crystal.density_meas_esd            ? 
_exptl_crystal.density_meas_gt             ? 
_exptl_crystal.density_meas_lt             ? 
_exptl_crystal.density_meas_temp           ? 
_exptl_crystal.density_meas_temp_esd       ? 
_exptl_crystal.density_meas_temp_gt        ? 
_exptl_crystal.density_meas_temp_lt        ? 
_exptl_crystal.pdbx_crystal_image_url      ? 
_exptl_crystal.pdbx_crystal_image_format   ? 
_exptl_crystal.pdbx_mosaicity              ? 
_exptl_crystal.pdbx_mosaicity_esd          ? 
# 
_exptl_crystal_grow.apparatus       ? 
_exptl_crystal_grow.atmosphere      ? 
_exptl_crystal_grow.crystal_id      1 
_exptl_crystal_grow.details         ? 
_exptl_crystal_grow.method          'VAPOR DIFFUSION, SITTING DROP' 
_exptl_crystal_grow.method_ref      ? 
_exptl_crystal_grow.pH              ? 
_exptl_crystal_grow.pressure        ? 
_exptl_crystal_grow.pressure_esd    ? 
_exptl_crystal_grow.seeding         ? 
_exptl_crystal_grow.seeding_ref     ? 
_exptl_crystal_grow.temp            298 
_exptl_crystal_grow.temp_details    'temperature gradient generated from 60 to 25 C at 0.3 degrees per hour' 
_exptl_crystal_grow.temp_esd        ? 
_exptl_crystal_grow.time            ? 
_exptl_crystal_grow.pdbx_details    
;0.5 mL of 0.05 M Cacodylate pH 6.5 with 30 mM MgCl2, 1.0 mM spermine, and 1.3 M Li2SO4 was added to the reservoir with 2 uL added to the drop containing 4 uL of DNA stock
;
_exptl_crystal_grow.pdbx_pH_range   ? 
# 
_diffrn.ambient_environment              ? 
_diffrn.ambient_temp                     100 
_diffrn.ambient_temp_details             ? 
_diffrn.ambient_temp_esd                 ? 
_diffrn.crystal_id                       1 
_diffrn.crystal_support                  ? 
_diffrn.crystal_treatment                ? 
_diffrn.details                          ? 
_diffrn.id                               1 
_diffrn.ambient_pressure                 ? 
_diffrn.ambient_pressure_esd             ? 
_diffrn.ambient_pressure_gt              ? 
_diffrn.ambient_pressure_lt              ? 
_diffrn.ambient_temp_gt                  ? 
_diffrn.ambient_temp_lt                  ? 
_diffrn.pdbx_serial_crystal_experiment   N 
# 
_diffrn_detector.details                      ? 
_diffrn_detector.detector                     CCD 
_diffrn_detector.diffrn_id                    1 
_diffrn_detector.type                         'ADSC QUANTUM 210r' 
_diffrn_detector.area_resol_mean              ? 
_diffrn_detector.dtime                        ? 
_diffrn_detector.pdbx_frames_total            ? 
_diffrn_detector.pdbx_collection_time_total   ? 
_diffrn_detector.pdbx_collection_date         2017-12-15 
_diffrn_detector.pdbx_frequency               ? 
# 
_diffrn_radiation.collimation                      ? 
_diffrn_radiation.diffrn_id                        1 
_diffrn_radiation.filter_edge                      ? 
_diffrn_radiation.inhomogeneity                    ? 
_diffrn_radiation.monochromator                    ? 
_diffrn_radiation.polarisn_norm                    ? 
_diffrn_radiation.polarisn_ratio                   ? 
_diffrn_radiation.probe                            ? 
_diffrn_radiation.type                             ? 
_diffrn_radiation.xray_symbol                      ? 
_diffrn_radiation.wavelength_id                    1 
_diffrn_radiation.pdbx_monochromatic_or_laue_m_l   M 
_diffrn_radiation.pdbx_wavelength_list             ? 
_diffrn_radiation.pdbx_wavelength                  ? 
_diffrn_radiation.pdbx_diffrn_protocol             'SINGLE WAVELENGTH' 
_diffrn_radiation.pdbx_analyzer                    ? 
_diffrn_radiation.pdbx_scattering_type             x-ray 
# 
_diffrn_radiation_wavelength.id           1 
_diffrn_radiation_wavelength.wavelength   1 
_diffrn_radiation_wavelength.wt           1.0 
# 
_diffrn_source.current                     ? 
_diffrn_source.details                     ? 
_diffrn_source.diffrn_id                   1 
_diffrn_source.power                       ? 
_diffrn_source.size                        ? 
_diffrn_source.source                      SYNCHROTRON 
_diffrn_source.target                      ? 
_diffrn_source.type                        'APS BEAMLINE 19-BM' 
_diffrn_source.voltage                     ? 
_diffrn_source.take-off_angle              ? 
_diffrn_source.pdbx_wavelength_list        1 
_diffrn_source.pdbx_wavelength             ? 
_diffrn_source.pdbx_synchrotron_beamline   19-BM 
_diffrn_source.pdbx_synchrotron_site       APS 
# 
_reflns.B_iso_Wilson_estimate            89.320 
_reflns.entry_id                         7JP6 
_reflns.data_reduction_details           ? 
_reflns.data_reduction_method            ? 
_reflns.d_resolution_high                3.087 
_reflns.d_resolution_low                 50.000 
_reflns.details                          ? 
_reflns.limit_h_max                      ? 
_reflns.limit_h_min                      ? 
_reflns.limit_k_max                      ? 
_reflns.limit_k_min                      ? 
_reflns.limit_l_max                      ? 
_reflns.limit_l_min                      ? 
_reflns.number_all                       ? 
_reflns.number_obs                       4830 
_reflns.observed_criterion               ? 
_reflns.observed_criterion_F_max         ? 
_reflns.observed_criterion_F_min         ? 
_reflns.observed_criterion_I_max         ? 
_reflns.observed_criterion_I_min         ? 
_reflns.observed_criterion_sigma_F       ? 
_reflns.observed_criterion_sigma_I       ? 
_reflns.percent_possible_obs             90.300 
_reflns.R_free_details                   ? 
_reflns.Rmerge_F_all                     ? 
_reflns.Rmerge_F_obs                     ? 
_reflns.Friedel_coverage                 ? 
_reflns.number_gt                        ? 
_reflns.threshold_expression             ? 
_reflns.pdbx_redundancy                  7.100 
_reflns.pdbx_Rmerge_I_obs                0.068 
_reflns.pdbx_Rmerge_I_all                ? 
_reflns.pdbx_Rsym_value                  ? 
_reflns.pdbx_netI_over_av_sigmaI         ? 
_reflns.pdbx_netI_over_sigmaI            11.500 
_reflns.pdbx_res_netI_over_av_sigmaI_2   ? 
_reflns.pdbx_res_netI_over_sigmaI_2      ? 
_reflns.pdbx_chi_squared                 1.787 
_reflns.pdbx_scaling_rejects             ? 
_reflns.pdbx_d_res_high_opt              ? 
_reflns.pdbx_d_res_low_opt               ? 
_reflns.pdbx_d_res_opt_method            ? 
_reflns.phase_calculation_details        ? 
_reflns.pdbx_Rrim_I_all                  0.073 
_reflns.pdbx_Rpim_I_all                  0.026 
_reflns.pdbx_d_opt                       ? 
_reflns.pdbx_number_measured_all         ? 
_reflns.pdbx_diffrn_id                   1 
_reflns.pdbx_ordinal                     1 
_reflns.pdbx_CC_half                     0.993 
_reflns.pdbx_CC_star                     ? 
_reflns.pdbx_R_split                     ? 
# 
loop_
_reflns_shell.d_res_high 
_reflns_shell.d_res_low 
_reflns_shell.meanI_over_sigI_all 
_reflns_shell.meanI_over_sigI_obs 
_reflns_shell.number_measured_all 
_reflns_shell.number_measured_obs 
_reflns_shell.number_possible 
_reflns_shell.number_unique_all 
_reflns_shell.number_unique_obs 
_reflns_shell.percent_possible_all 
_reflns_shell.percent_possible_obs 
_reflns_shell.Rmerge_F_all 
_reflns_shell.Rmerge_F_obs 
_reflns_shell.Rmerge_I_all 
_reflns_shell.Rmerge_I_obs 
_reflns_shell.meanI_over_sigI_gt 
_reflns_shell.meanI_over_uI_all 
_reflns_shell.meanI_over_uI_gt 
_reflns_shell.number_measured_gt 
_reflns_shell.number_unique_gt 
_reflns_shell.percent_possible_gt 
_reflns_shell.Rmerge_F_gt 
_reflns_shell.Rmerge_I_gt 
_reflns_shell.pdbx_redundancy 
_reflns_shell.pdbx_Rsym_value 
_reflns_shell.pdbx_chi_squared 
_reflns_shell.pdbx_netI_over_sigmaI_all 
_reflns_shell.pdbx_netI_over_sigmaI_obs 
_reflns_shell.pdbx_Rrim_I_all 
_reflns_shell.pdbx_Rpim_I_all 
_reflns_shell.pdbx_rejects 
_reflns_shell.pdbx_ordinal 
_reflns_shell.pdbx_diffrn_id 
_reflns_shell.pdbx_CC_half 
_reflns_shell.pdbx_CC_star 
_reflns_shell.pdbx_R_split 
3.100 3.150  ? ? ? ? ? ? 172 62.500  ? ? ? ? 0.373 ? ? ? ? ? ? ? ? 5.600 ? 1.552 ? ? 0.403 0.148 ? 1  1 0.958 ? ? 
3.150 3.210  ? ? ? ? ? ? 173 69.200  ? ? ? ? 0.139 ? ? ? ? ? ? ? ? 6.500 ? 1.936 ? ? 0.148 0.051 ? 2  1 0.995 ? ? 
3.210 3.270  ? ? ? ? ? ? 220 74.300  ? ? ? ? 0.104 ? ? ? ? ? ? ? ? 6.000 ? 2.423 ? ? 0.111 0.038 ? 3  1 0.996 ? ? 
3.270 3.340  ? ? ? ? ? ? 184 76.700  ? ? ? ? 0.130 ? ? ? ? ? ? ? ? 6.000 ? 1.861 ? ? 0.139 0.050 ? 4  1 0.996 ? ? 
3.340 3.410  ? ? ? ? ? ? 237 83.700  ? ? ? ? 0.104 ? ? ? ? ? ? ? ? 6.700 ? 2.057 ? ? 0.111 0.038 ? 5  1 0.997 ? ? 
3.410 3.490  ? ? ? ? ? ? 208 82.200  ? ? ? ? 0.174 ? ? ? ? ? ? ? ? 6.300 ? 1.634 ? ? 0.186 0.066 ? 6  1 0.992 ? ? 
3.490 3.580  ? ? ? ? ? ? 241 88.300  ? ? ? ? 0.144 ? ? ? ? ? ? ? ? 6.700 ? 1.670 ? ? 0.154 0.054 ? 7  1 0.996 ? ? 
3.580 3.680  ? ? ? ? ? ? 239 90.500  ? ? ? ? 0.239 ? ? ? ? ? ? ? ? 6.700 ? 1.526 ? ? 0.257 0.092 ? 8  1 0.984 ? ? 
3.680 3.780  ? ? ? ? ? ? 254 90.700  ? ? ? ? 0.243 ? ? ? ? ? ? ? ? 7.000 ? 1.735 ? ? 0.261 0.093 ? 9  1 0.979 ? ? 
3.780 3.910  ? ? ? ? ? ? 222 92.900  ? ? ? ? 0.313 ? ? ? ? ? ? ? ? 6.800 ? 1.479 ? ? 0.337 0.122 ? 10 1 0.974 ? ? 
3.910 4.040  ? ? ? ? ? ? 281 97.600  ? ? ? ? 0.250 ? ? ? ? ? ? ? ? 7.200 ? 2.332 ? ? 0.269 0.096 ? 11 1 0.973 ? ? 
4.040 4.210  ? ? ? ? ? ? 266 100.000 ? ? ? ? 0.165 ? ? ? ? ? ? ? ? 7.500 ? 1.387 ? ? 0.177 0.064 ? 12 1 0.992 ? ? 
4.210 4.400  ? ? ? ? ? ? 273 100.000 ? ? ? ? 0.193 ? ? ? ? ? ? ? ? 7.600 ? 1.768 ? ? 0.207 0.074 ? 13 1 0.992 ? ? 
4.400 4.630  ? ? ? ? ? ? 261 100.000 ? ? ? ? 0.198 ? ? ? ? ? ? ? ? 7.700 ? 1.636 ? ? 0.212 0.076 ? 14 1 0.984 ? ? 
4.630 4.920  ? ? ? ? ? ? 278 100.000 ? ? ? ? 0.139 ? ? ? ? ? ? ? ? 7.700 ? 1.524 ? ? 0.150 0.054 ? 15 1 0.993 ? ? 
4.920 5.300  ? ? ? ? ? ? 260 100.000 ? ? ? ? 0.079 ? ? ? ? ? ? ? ? 7.800 ? 1.562 ? ? 0.085 0.030 ? 16 1 0.998 ? ? 
5.300 5.830  ? ? ? ? ? ? 253 100.000 ? ? ? ? 0.061 ? ? ? ? ? ? ? ? 7.800 ? 1.577 ? ? 0.065 0.023 ? 17 1 0.998 ? ? 
5.830 6.670  ? ? ? ? ? ? 279 100.000 ? ? ? ? 0.049 ? ? ? ? ? ? ? ? 7.700 ? 1.440 ? ? 0.052 0.019 ? 18 1 0.999 ? ? 
6.670 8.400  ? ? ? ? ? ? 260 100.000 ? ? ? ? 0.031 ? ? ? ? ? ? ? ? 7.700 ? 1.445 ? ? 0.033 0.012 ? 19 1 1.000 ? ? 
8.400 50.000 ? ? ? ? ? ? 269 97.800  ? ? ? ? 0.032 ? ? ? ? ? ? ? ? 7.300 ? 3.341 ? ? 0.035 0.013 ? 20 1 0.998 ? ? 
# 
_refine.aniso_B[1][1]                            ? 
_refine.aniso_B[1][2]                            ? 
_refine.aniso_B[1][3]                            ? 
_refine.aniso_B[2][2]                            ? 
_refine.aniso_B[2][3]                            ? 
_refine.aniso_B[3][3]                            ? 
_refine.B_iso_max                                226.380 
_refine.B_iso_mean                               93.0300 
_refine.B_iso_min                                35.500 
_refine.correlation_coeff_Fo_to_Fc               ? 
_refine.correlation_coeff_Fo_to_Fc_free          ? 
_refine.details                                  ? 
_refine.diff_density_max                         ? 
_refine.diff_density_max_esd                     ? 
_refine.diff_density_min                         ? 
_refine.diff_density_min_esd                     ? 
_refine.diff_density_rms                         ? 
_refine.diff_density_rms_esd                     ? 
_refine.entry_id                                 7JP6 
_refine.pdbx_refine_id                           'X-RAY DIFFRACTION' 
_refine.ls_abs_structure_details                 ? 
_refine.ls_abs_structure_Flack                   ? 
_refine.ls_abs_structure_Flack_esd               ? 
_refine.ls_abs_structure_Rogers                  ? 
_refine.ls_abs_structure_Rogers_esd              ? 
_refine.ls_d_res_high                            3.0870 
_refine.ls_d_res_low                             34.0370 
_refine.ls_extinction_coef                       ? 
_refine.ls_extinction_coef_esd                   ? 
_refine.ls_extinction_expression                 ? 
_refine.ls_extinction_method                     ? 
_refine.ls_goodness_of_fit_all                   ? 
_refine.ls_goodness_of_fit_all_esd               ? 
_refine.ls_goodness_of_fit_obs                   ? 
_refine.ls_goodness_of_fit_obs_esd               ? 
_refine.ls_hydrogen_treatment                    ? 
_refine.ls_matrix_type                           ? 
_refine.ls_number_constraints                    ? 
_refine.ls_number_parameters                     ? 
_refine.ls_number_reflns_all                     ? 
_refine.ls_number_reflns_obs                     4606 
_refine.ls_number_reflns_R_free                  442 
_refine.ls_number_reflns_R_work                  4164 
_refine.ls_number_restraints                     ? 
_refine.ls_percent_reflns_obs                    86.2500 
_refine.ls_percent_reflns_R_free                 9.6000 
_refine.ls_R_factor_all                          ? 
_refine.ls_R_factor_obs                          0.2618 
_refine.ls_R_factor_R_free                       0.2700 
_refine.ls_R_factor_R_free_error                 ? 
_refine.ls_R_factor_R_free_error_details         ? 
_refine.ls_R_factor_R_work                       0.2605 
_refine.ls_R_Fsqd_factor_obs                     ? 
_refine.ls_R_I_factor_obs                        ? 
_refine.ls_redundancy_reflns_all                 ? 
_refine.ls_redundancy_reflns_obs                 ? 
_refine.ls_restrained_S_all                      ? 
_refine.ls_restrained_S_obs                      ? 
_refine.ls_shift_over_esd_max                    ? 
_refine.ls_shift_over_esd_mean                   ? 
_refine.ls_structure_factor_coef                 ? 
_refine.ls_weighting_details                     ? 
_refine.ls_weighting_scheme                      ? 
_refine.ls_wR_factor_all                         ? 
_refine.ls_wR_factor_obs                         ? 
_refine.ls_wR_factor_R_free                      ? 
_refine.ls_wR_factor_R_work                      ? 
_refine.occupancy_max                            ? 
_refine.occupancy_min                            ? 
_refine.solvent_model_details                    'FLAT BULK SOLVENT MODEL' 
_refine.solvent_model_param_bsol                 ? 
_refine.solvent_model_param_ksol                 ? 
_refine.pdbx_R_complete                          ? 
_refine.ls_R_factor_gt                           ? 
_refine.ls_goodness_of_fit_gt                    ? 
_refine.ls_goodness_of_fit_ref                   ? 
_refine.ls_shift_over_su_max                     ? 
_refine.ls_shift_over_su_max_lt                  ? 
_refine.ls_shift_over_su_mean                    ? 
_refine.ls_shift_over_su_mean_lt                 ? 
_refine.pdbx_ls_sigma_I                          ? 
_refine.pdbx_ls_sigma_F                          1.980 
_refine.pdbx_ls_sigma_Fsqd                       ? 
_refine.pdbx_data_cutoff_high_absF               ? 
_refine.pdbx_data_cutoff_high_rms_absF           ? 
_refine.pdbx_data_cutoff_low_absF                ? 
_refine.pdbx_isotropic_thermal_model             ? 
_refine.pdbx_ls_cross_valid_method               THROUGHOUT 
_refine.pdbx_method_to_determine_struct          'MOLECULAR REPLACEMENT' 
_refine.pdbx_starting_model                      5VY6 
_refine.pdbx_stereochemistry_target_values       ML 
_refine.pdbx_R_Free_selection_details            ? 
_refine.pdbx_stereochem_target_val_spec_case     ? 
_refine.pdbx_overall_ESU_R                       ? 
_refine.pdbx_overall_ESU_R_Free                  ? 
_refine.pdbx_solvent_vdw_probe_radii             1.1100 
_refine.pdbx_solvent_ion_probe_radii             ? 
_refine.pdbx_solvent_shrinkage_radii             0.9000 
_refine.pdbx_real_space_R                        ? 
_refine.pdbx_density_correlation                 ? 
_refine.pdbx_pd_number_of_powder_patterns        ? 
_refine.pdbx_pd_number_of_points                 ? 
_refine.pdbx_pd_meas_number_of_points            ? 
_refine.pdbx_pd_proc_ls_prof_R_factor            ? 
_refine.pdbx_pd_proc_ls_prof_wR_factor           ? 
_refine.pdbx_pd_Marquardt_correlation_coeff      ? 
_refine.pdbx_pd_Fsqrd_R_factor                   ? 
_refine.pdbx_pd_ls_matrix_band_width             ? 
_refine.pdbx_overall_phase_error                 43.8800 
_refine.pdbx_overall_SU_R_free_Cruickshank_DPI   ? 
_refine.pdbx_overall_SU_R_free_Blow_DPI          ? 
_refine.pdbx_overall_SU_R_Blow_DPI               ? 
_refine.pdbx_TLS_residual_ADP_flag               ? 
_refine.pdbx_diffrn_id                           1 
_refine.overall_SU_B                             ? 
_refine.overall_SU_ML                            0.4000 
_refine.overall_SU_R_Cruickshank_DPI             ? 
_refine.overall_SU_R_free                        ? 
_refine.overall_FOM_free_R_set                   ? 
_refine.overall_FOM_work_R_set                   ? 
_refine.pdbx_average_fsc_overall                 ? 
_refine.pdbx_average_fsc_work                    ? 
_refine.pdbx_average_fsc_free                    ? 
# 
_refine_hist.pdbx_refine_id                   'X-RAY DIFFRACTION' 
_refine_hist.cycle_id                         final 
_refine_hist.details                          ? 
_refine_hist.d_res_high                       3.0870 
_refine_hist.d_res_low                        34.0370 
_refine_hist.number_atoms_solvent             0 
_refine_hist.number_atoms_total               856 
_refine_hist.number_reflns_all                ? 
_refine_hist.number_reflns_obs                ? 
_refine_hist.number_reflns_R_free             ? 
_refine_hist.number_reflns_R_work             ? 
_refine_hist.R_factor_all                     ? 
_refine_hist.R_factor_obs                     ? 
_refine_hist.R_factor_R_free                  ? 
_refine_hist.R_factor_R_work                  ? 
_refine_hist.pdbx_number_residues_total       42 
_refine_hist.pdbx_B_iso_mean_ligand           226.38 
_refine_hist.pdbx_B_iso_mean_solvent          ? 
_refine_hist.pdbx_number_atoms_protein        0 
_refine_hist.pdbx_number_atoms_nucleic_acid   855 
_refine_hist.pdbx_number_atoms_ligand         1 
_refine_hist.pdbx_number_atoms_lipid          ? 
_refine_hist.pdbx_number_atoms_carb           ? 
_refine_hist.pdbx_pseudo_atom_details         ? 
# 
loop_
_refine_ls_restr.pdbx_refine_id 
_refine_ls_restr.criterion 
_refine_ls_restr.dev_ideal 
_refine_ls_restr.dev_ideal_target 
_refine_ls_restr.number 
_refine_ls_restr.rejects 
_refine_ls_restr.type 
_refine_ls_restr.weight 
_refine_ls_restr.pdbx_restraint_function 
'X-RAY DIFFRACTION' ? 0.006  ? 956  ? f_bond_d           ? ? 
'X-RAY DIFFRACTION' ? 0.691  ? 1467 ? f_angle_d          ? ? 
'X-RAY DIFFRACTION' ? 0.039  ? 166  ? f_chiral_restr     ? ? 
'X-RAY DIFFRACTION' ? 0.004  ? 42   ? f_plane_restr      ? ? 
'X-RAY DIFFRACTION' ? 35.151 ? 406  ? f_dihedral_angle_d ? ? 
# 
loop_
_refine_ls_shell.pdbx_refine_id 
_refine_ls_shell.d_res_high 
_refine_ls_shell.d_res_low 
_refine_ls_shell.number_reflns_all 
_refine_ls_shell.number_reflns_obs 
_refine_ls_shell.number_reflns_R_free 
_refine_ls_shell.number_reflns_R_work 
_refine_ls_shell.percent_reflns_obs 
_refine_ls_shell.percent_reflns_R_free 
_refine_ls_shell.R_factor_all 
_refine_ls_shell.R_factor_obs 
_refine_ls_shell.R_factor_R_free 
_refine_ls_shell.R_factor_R_free_error 
_refine_ls_shell.R_factor_R_work 
_refine_ls_shell.redundancy_reflns_all 
_refine_ls_shell.redundancy_reflns_obs 
_refine_ls_shell.wR_factor_all 
_refine_ls_shell.wR_factor_obs 
_refine_ls_shell.wR_factor_R_free 
_refine_ls_shell.wR_factor_R_work 
_refine_ls_shell.pdbx_R_complete 
_refine_ls_shell.pdbx_total_number_of_bins_used 
_refine_ls_shell.pdbx_phase_error 
_refine_ls_shell.pdbx_fsc_work 
_refine_ls_shell.pdbx_fsc_free 
'X-RAY DIFFRACTION' 3.087  3.5332 . . 94  1077 65.0000 . . . 0.4505 0.0000 0.4199 . . . . . . . . . . . 
'X-RAY DIFFRACTION' 3.5332 4.4499 . . 181 1473 94.0000 . . . 0.4178 0.0000 0.3845 . . . . . . . . . . . 
'X-RAY DIFFRACTION' 4.4499 34.037 . . 167 1614 99.0000 . . . 0.1895 0.0000 0.1882 . . . . . . . . . . . 
# 
_struct.entry_id                     7JP6 
_struct.title                        
'Self-assembly of a 3D DNA crystal lattice (4x6 duplex version) containing the J20 immobile Holliday junction' 
_struct.pdbx_model_details           ? 
_struct.pdbx_formula_weight          ? 
_struct.pdbx_formula_weight_method   ? 
_struct.pdbx_model_type_details      ? 
_struct.pdbx_CASP_flag               N 
# 
_struct_keywords.entry_id        7JP6 
_struct_keywords.text            
'Structural DNA nanotechnology, immobile Holliday junctions, 3D DNA self-assembly, designer DNA crystals, DNA' 
_struct_keywords.pdbx_keywords   DNA 
# 
loop_
_struct_asym.id 
_struct_asym.pdbx_blank_PDB_chainid_flag 
_struct_asym.pdbx_modified 
_struct_asym.entity_id 
_struct_asym.details 
A N N 1 ? 
B N N 2 ? 
C N N 3 ? 
D N N 4 ? 
E N N 5 ? 
# 
loop_
_struct_conn.id 
_struct_conn.conn_type_id 
_struct_conn.pdbx_leaving_atom_flag 
_struct_conn.pdbx_PDB_id 
_struct_conn.ptnr1_label_asym_id 
_struct_conn.ptnr1_label_comp_id 
_struct_conn.ptnr1_label_seq_id 
_struct_conn.ptnr1_label_atom_id 
_struct_conn.pdbx_ptnr1_label_alt_id 
_struct_conn.pdbx_ptnr1_PDB_ins_code 
_struct_conn.pdbx_ptnr1_standard_comp_id 
_struct_conn.ptnr1_symmetry 
_struct_conn.ptnr2_label_asym_id 
_struct_conn.ptnr2_label_comp_id 
_struct_conn.ptnr2_label_seq_id 
_struct_conn.ptnr2_label_atom_id 
_struct_conn.pdbx_ptnr2_label_alt_id 
_struct_conn.pdbx_ptnr2_PDB_ins_code 
_struct_conn.ptnr1_auth_asym_id 
_struct_conn.ptnr1_auth_comp_id 
_struct_conn.ptnr1_auth_seq_id 
_struct_conn.ptnr2_auth_asym_id 
_struct_conn.ptnr2_auth_comp_id 
_struct_conn.ptnr2_auth_seq_id 
_struct_conn.ptnr2_symmetry 
_struct_conn.pdbx_ptnr3_label_atom_id 
_struct_conn.pdbx_ptnr3_label_seq_id 
_struct_conn.pdbx_ptnr3_label_comp_id 
_struct_conn.pdbx_ptnr3_label_asym_id 
_struct_conn.pdbx_ptnr3_label_alt_id 
_struct_conn.pdbx_ptnr3_PDB_ins_code 
_struct_conn.details 
_struct_conn.pdbx_dist_value 
_struct_conn.pdbx_value_order 
_struct_conn.pdbx_role 
hydrog1  hydrog ? ? A DG 3  N1 ? ? ? 1_555 D DC 7 N3 ? ? A DG 3  D DC 16 1_555 ? ? ? ? ? ? WATSON-CRICK ? ? ? 
hydrog2  hydrog ? ? A DG 3  N2 ? ? ? 1_555 D DC 7 O2 ? ? A DG 3  D DC 16 1_555 ? ? ? ? ? ? WATSON-CRICK ? ? ? 
hydrog3  hydrog ? ? A DG 3  O6 ? ? ? 1_555 D DC 7 N4 ? ? A DG 3  D DC 16 1_555 ? ? ? ? ? ? WATSON-CRICK ? ? ? 
hydrog4  hydrog ? ? A DC 4  N3 ? ? ? 1_555 D DG 6 N1 ? ? A DC 4  D DG 15 1_555 ? ? ? ? ? ? WATSON-CRICK ? ? ? 
hydrog5  hydrog ? ? A DC 4  N4 ? ? ? 1_555 D DG 6 O6 ? ? A DC 4  D DG 15 1_555 ? ? ? ? ? ? WATSON-CRICK ? ? ? 
hydrog6  hydrog ? ? A DC 4  O2 ? ? ? 1_555 D DG 6 N2 ? ? A DC 4  D DG 15 1_555 ? ? ? ? ? ? WATSON-CRICK ? ? ? 
hydrog7  hydrog ? ? A DA 5  N1 ? ? ? 1_555 D DT 5 N3 ? ? A DA 5  D DT 14 1_555 ? ? ? ? ? ? WATSON-CRICK ? ? ? 
hydrog8  hydrog ? ? A DA 5  N6 ? ? ? 1_555 D DT 5 O4 ? ? A DA 5  D DT 14 1_555 ? ? ? ? ? ? WATSON-CRICK ? ? ? 
hydrog9  hydrog ? ? A DG 6  N1 ? ? ? 1_555 D DC 4 N3 ? ? A DG 6  D DC 13 1_555 ? ? ? ? ? ? WATSON-CRICK ? ? ? 
hydrog10 hydrog ? ? A DG 6  N2 ? ? ? 1_555 D DC 4 O2 ? ? A DG 6  D DC 13 1_555 ? ? ? ? ? ? WATSON-CRICK ? ? ? 
hydrog11 hydrog ? ? A DG 6  O6 ? ? ? 1_555 D DC 4 N4 ? ? A DG 6  D DC 13 1_555 ? ? ? ? ? ? WATSON-CRICK ? ? ? 
hydrog12 hydrog ? ? A DA 7  N1 ? ? ? 1_555 D DT 3 N3 ? ? A DA 7  D DT 12 1_555 ? ? ? ? ? ? WATSON-CRICK ? ? ? 
hydrog13 hydrog ? ? A DA 7  N6 ? ? ? 1_555 D DT 3 O4 ? ? A DA 7  D DT 12 1_555 ? ? ? ? ? ? WATSON-CRICK ? ? ? 
hydrog14 hydrog ? ? A DC 8  N3 ? ? ? 1_555 D DG 2 N1 ? ? A DC 8  D DG 11 1_555 ? ? ? ? ? ? WATSON-CRICK ? ? ? 
hydrog15 hydrog ? ? A DC 8  N4 ? ? ? 1_555 D DG 2 O6 ? ? A DC 8  D DG 11 1_555 ? ? ? ? ? ? WATSON-CRICK ? ? ? 
hydrog16 hydrog ? ? A DC 8  O2 ? ? ? 1_555 D DG 2 N2 ? ? A DC 8  D DG 11 1_555 ? ? ? ? ? ? WATSON-CRICK ? ? ? 
hydrog17 hydrog ? ? A DG 9  N1 ? ? ? 1_555 D DC 1 N3 ? ? A DG 9  D DC 10 1_555 ? ? ? ? ? ? WATSON-CRICK ? ? ? 
hydrog18 hydrog ? ? A DG 9  N2 ? ? ? 1_555 D DC 1 O2 ? ? A DG 9  D DC 10 1_555 ? ? ? ? ? ? WATSON-CRICK ? ? ? 
hydrog19 hydrog ? ? A DG 9  O6 ? ? ? 1_555 D DC 1 N4 ? ? A DG 9  D DC 10 1_555 ? ? ? ? ? ? WATSON-CRICK ? ? ? 
hydrog20 hydrog ? ? A DT 10 N3 ? ? ? 1_555 B DA 6 N1 ? ? A DT 10 B DA 5  1_555 ? ? ? ? ? ? WATSON-CRICK ? ? ? 
hydrog21 hydrog ? ? A DT 10 O4 ? ? ? 1_555 B DA 6 N6 ? ? A DT 10 B DA 5  1_555 ? ? ? ? ? ? WATSON-CRICK ? ? ? 
hydrog22 hydrog ? ? A DG 11 N1 ? ? ? 1_555 B DC 5 N3 ? ? A DG 11 B DC 4  1_555 ? ? ? ? ? ? WATSON-CRICK ? ? ? 
hydrog23 hydrog ? ? A DG 11 N2 ? ? ? 1_555 B DC 5 O2 ? ? A DG 11 B DC 4  1_555 ? ? ? ? ? ? WATSON-CRICK ? ? ? 
hydrog24 hydrog ? ? A DG 11 O6 ? ? ? 1_555 B DC 5 N4 ? ? A DG 11 B DC 4  1_555 ? ? ? ? ? ? WATSON-CRICK ? ? ? 
hydrog25 hydrog ? ? A DA 12 N1 ? ? ? 1_555 B DT 4 N3 ? ? A DA 12 B DT 3  1_555 ? ? ? ? ? ? WATSON-CRICK ? ? ? 
hydrog26 hydrog ? ? A DA 12 N6 ? ? ? 1_555 B DT 4 O4 ? ? A DA 12 B DT 3  1_555 ? ? ? ? ? ? WATSON-CRICK ? ? ? 
hydrog27 hydrog ? ? A DC 13 N3 ? ? ? 1_555 B DG 3 N1 ? ? A DC 13 B DG 2  1_555 ? ? ? ? ? ? WATSON-CRICK ? ? ? 
hydrog28 hydrog ? ? A DC 13 N4 ? ? ? 1_555 B DG 3 O6 ? ? A DC 13 B DG 2  1_555 ? ? ? ? ? ? WATSON-CRICK ? ? ? 
hydrog29 hydrog ? ? A DC 13 O2 ? ? ? 1_555 B DG 3 N2 ? ? A DC 13 B DG 2  1_555 ? ? ? ? ? ? WATSON-CRICK ? ? ? 
hydrog30 hydrog ? ? A DG 14 N1 ? ? ? 1_555 B DC 2 N3 ? ? A DG 14 B DC 1  1_555 ? ? ? ? ? ? WATSON-CRICK ? ? ? 
hydrog31 hydrog ? ? A DG 14 N2 ? ? ? 1_555 B DC 2 O2 ? ? A DG 14 B DC 1  1_555 ? ? ? ? ? ? WATSON-CRICK ? ? ? 
hydrog32 hydrog ? ? A DG 14 O6 ? ? ? 1_555 B DC 2 N4 ? ? A DG 14 B DC 1  1_555 ? ? ? ? ? ? WATSON-CRICK ? ? ? 
hydrog33 hydrog ? ? A DA 15 N1 ? ? ? 1_555 B DT 1 N3 ? ? A DA 15 B DT 0  1_555 ? ? ? ? ? ? WATSON-CRICK ? ? ? 
hydrog34 hydrog ? ? A DA 15 N6 ? ? ? 1_555 B DT 1 O4 ? ? A DA 15 B DT 0  1_555 ? ? ? ? ? ? WATSON-CRICK ? ? ? 
hydrog35 hydrog ? ? A DG 16 N1 ? ? ? 1_555 C DC 8 N3 ? ? A DG 16 C DC 8  1_555 ? ? ? ? ? ? WATSON-CRICK ? ? ? 
hydrog36 hydrog ? ? A DG 16 N2 ? ? ? 1_555 C DC 8 O2 ? ? A DG 16 C DC 8  1_555 ? ? ? ? ? ? WATSON-CRICK ? ? ? 
hydrog37 hydrog ? ? A DG 16 O6 ? ? ? 1_555 C DC 8 N4 ? ? A DG 16 C DC 8  1_555 ? ? ? ? ? ? WATSON-CRICK ? ? ? 
hydrog38 hydrog ? ? A DA 17 N1 ? ? ? 1_555 C DT 7 N3 ? ? A DA 17 C DT 7  1_555 ? ? ? ? ? ? WATSON-CRICK ? ? ? 
hydrog39 hydrog ? ? A DA 17 N6 ? ? ? 1_555 C DT 7 O4 ? ? A DA 17 C DT 7  1_555 ? ? ? ? ? ? WATSON-CRICK ? ? ? 
hydrog40 hydrog ? ? A DC 18 N3 ? ? ? 1_555 C DG 6 N1 ? ? A DC 18 C DG 6  1_555 ? ? ? ? ? ? WATSON-CRICK ? ? ? 
hydrog41 hydrog ? ? A DC 18 N4 ? ? ? 1_555 C DG 6 O6 ? ? A DC 18 C DG 6  1_555 ? ? ? ? ? ? WATSON-CRICK ? ? ? 
hydrog42 hydrog ? ? A DC 18 O2 ? ? ? 1_555 C DG 6 N2 ? ? A DC 18 C DG 6  1_555 ? ? ? ? ? ? WATSON-CRICK ? ? ? 
hydrog43 hydrog ? ? A DT 19 N3 ? ? ? 1_555 C DA 5 N1 ? ? A DT 19 C DA 5  1_555 ? ? ? ? ? ? WATSON-CRICK ? ? ? 
hydrog44 hydrog ? ? A DT 19 O4 ? ? ? 1_555 C DA 5 N6 ? ? A DT 19 C DA 5  1_555 ? ? ? ? ? ? WATSON-CRICK ? ? ? 
hydrog45 hydrog ? ? A DC 20 N3 ? ? ? 1_555 C DG 4 N1 ? ? A DC 20 C DG 4  1_555 ? ? ? ? ? ? WATSON-CRICK ? ? ? 
hydrog46 hydrog ? ? A DC 20 N4 ? ? ? 1_555 C DG 4 O6 ? ? A DC 20 C DG 4  1_555 ? ? ? ? ? ? WATSON-CRICK ? ? ? 
hydrog47 hydrog ? ? A DC 20 O2 ? ? ? 1_555 C DG 4 N2 ? ? A DC 20 C DG 4  1_555 ? ? ? ? ? ? WATSON-CRICK ? ? ? 
hydrog48 hydrog ? ? A DA 21 N1 ? ? ? 1_555 C DT 3 N3 ? ? A DA 21 C DT 3  1_555 ? ? ? ? ? ? WATSON-CRICK ? ? ? 
hydrog49 hydrog ? ? A DA 21 N6 ? ? ? 1_555 C DT 3 O4 ? ? A DA 21 C DT 3  1_555 ? ? ? ? ? ? WATSON-CRICK ? ? ? 
# 
_struct_conn_type.id          hydrog 
_struct_conn_type.criteria    ? 
_struct_conn_type.reference   ? 
# 
_atom_sites.entry_id                    7JP6 
_atom_sites.Cartn_transf_matrix[1][1]   ? 
_atom_sites.Cartn_transf_matrix[1][2]   ? 
_atom_sites.Cartn_transf_matrix[1][3]   ? 
_atom_sites.Cartn_transf_matrix[2][1]   ? 
_atom_sites.Cartn_transf_matrix[2][2]   ? 
_atom_sites.Cartn_transf_matrix[2][3]   ? 
_atom_sites.Cartn_transf_matrix[3][1]   ? 
_atom_sites.Cartn_transf_matrix[3][2]   ? 
_atom_sites.Cartn_transf_matrix[3][3]   ? 
_atom_sites.Cartn_transf_vector[1]      ? 
_atom_sites.Cartn_transf_vector[2]      ? 
_atom_sites.Cartn_transf_vector[3]      ? 
_atom_sites.fract_transf_matrix[1][1]   -0.01539327 
_atom_sites.fract_transf_matrix[1][2]   0.00588022 
_atom_sites.fract_transf_matrix[1][3]   0.00402415 
_atom_sites.fract_transf_matrix[2][1]   -0.01382651 
_atom_sites.fract_transf_matrix[2][2]   -0.00893689 
_atom_sites.fract_transf_matrix[2][3]   -0.00408276 
_atom_sites.fract_transf_matrix[3][1]   0.00085586 
_atom_sites.fract_transf_matrix[3][2]   -0.00848191 
_atom_sites.fract_transf_matrix[3][3]   0.01566790 
_atom_sites.fract_transf_vector[1]      1.187313 
_atom_sites.fract_transf_vector[2]      1.558850 
_atom_sites.fract_transf_vector[3]      0.225060 
_atom_sites.solution_primary            ? 
_atom_sites.solution_secondary          ? 
_atom_sites.solution_hydrogens          ? 
_atom_sites.special_details             ? 
# 
loop_
_atom_type.symbol 
AS 
C  
N  
O  
P  
# 
loop_
_atom_site.group_PDB 
_atom_site.id 
_atom_site.type_symbol 
_atom_site.label_atom_id 
_atom_site.label_alt_id 
_atom_site.label_comp_id 
_atom_site.label_asym_id 
_atom_site.label_entity_id 
_atom_site.label_seq_id 
_atom_site.pdbx_PDB_ins_code 
_atom_site.Cartn_x 
_atom_site.Cartn_y 
_atom_site.Cartn_z 
_atom_site.occupancy 
_atom_site.B_iso_or_equiv 
_atom_site.pdbx_formal_charge 
_atom_site.auth_seq_id 
_atom_site.auth_comp_id 
_atom_site.auth_asym_id 
_atom_site.auth_atom_id 
_atom_site.pdbx_PDB_model_num 
ATOM   1   O  "O5'" . DG  A 1 1  ? 7.541   27.252  21.266  1.00 122.47 ? 1   DG  A "O5'" 1 
ATOM   2   C  "C5'" . DG  A 1 1  ? 8.893   27.240  20.820  1.00 122.31 ? 1   DG  A "C5'" 1 
ATOM   3   C  "C4'" . DG  A 1 1  ? 9.149   28.369  19.836  1.00 119.91 ? 1   DG  A "C4'" 1 
ATOM   4   O  "O4'" . DG  A 1 1  ? 10.549  28.701  19.850  1.00 114.39 ? 1   DG  A "O4'" 1 
ATOM   5   C  "C3'" . DG  A 1 1  ? 8.821   28.048  18.386  1.00 119.20 ? 1   DG  A "C3'" 1 
ATOM   6   O  "O3'" . DG  A 1 1  ? 7.473   28.407  18.114  1.00 122.28 ? 1   DG  A "O3'" 1 
ATOM   7   C  "C2'" . DG  A 1 1  ? 9.792   28.926  17.601  1.00 115.21 ? 1   DG  A "C2'" 1 
ATOM   8   C  "C1'" . DG  A 1 1  ? 10.969  29.100  18.563  1.00 113.38 ? 1   DG  A "C1'" 1 
ATOM   9   N  N9    . DG  A 1 1  ? 12.161  28.332  18.213  1.00 111.78 ? 1   DG  A N9    1 
ATOM   10  C  C8    . DG  A 1 1  ? 12.759  27.347  18.962  1.00 109.77 ? 1   DG  A C8    1 
ATOM   11  N  N7    . DG  A 1 1  ? 13.832  26.855  18.409  1.00 110.00 ? 1   DG  A N7    1 
ATOM   12  C  C5    . DG  A 1 1  ? 13.957  27.561  17.222  1.00 110.83 ? 1   DG  A C5    1 
ATOM   13  C  C6    . DG  A 1 1  ? 14.934  27.464  16.200  1.00 110.54 ? 1   DG  A C6    1 
ATOM   14  O  O6    . DG  A 1 1  ? 15.916  26.705  16.145  1.00 108.25 ? 1   DG  A O6    1 
ATOM   15  N  N1    . DG  A 1 1  ? 14.688  28.368  15.164  1.00 113.75 ? 1   DG  A N1    1 
ATOM   16  C  C2    . DG  A 1 1  ? 13.631  29.255  15.123  1.00 114.01 ? 1   DG  A C2    1 
ATOM   17  N  N2    . DG  A 1 1  ? 13.558  30.050  14.042  1.00 111.00 ? 1   DG  A N2    1 
ATOM   18  N  N3    . DG  A 1 1  ? 12.711  29.354  16.075  1.00 113.99 ? 1   DG  A N3    1 
ATOM   19  C  C4    . DG  A 1 1  ? 12.936  28.482  17.088  1.00 112.21 ? 1   DG  A C4    1 
ATOM   20  P  P     . DA  A 1 2  ? 6.804   28.035  16.701  1.00 126.01 ? 2   DA  A P     1 
ATOM   21  O  OP1   . DA  A 1 2  ? 5.363   27.797  16.942  1.00 126.43 ? 2   DA  A OP1   1 
ATOM   22  O  OP2   . DA  A 1 2  ? 7.637   26.983  16.070  1.00 121.35 ? 2   DA  A OP2   1 
ATOM   23  O  "O5'" . DA  A 1 2  ? 6.964   29.366  15.830  1.00 117.18 ? 2   DA  A "O5'" 1 
ATOM   24  C  "C5'" . DA  A 1 2  ? 6.632   29.341  14.454  1.00 112.32 ? 2   DA  A "C5'" 1 
ATOM   25  C  "C4'" . DA  A 1 2  ? 7.884   29.367  13.593  1.00 114.33 ? 2   DA  A "C4'" 1 
ATOM   26  O  "O4'" . DA  A 1 2  ? 8.992   28.771  14.301  1.00 113.08 ? 2   DA  A "O4'" 1 
ATOM   27  C  "C3'" . DA  A 1 2  ? 7.775   28.597  12.271  1.00 116.67 ? 2   DA  A "C3'" 1 
ATOM   28  O  "O3'" . DA  A 1 2  ? 7.768   29.502  11.178  1.00 121.98 ? 2   DA  A "O3'" 1 
ATOM   29  C  "C2'" . DA  A 1 2  ? 9.015   27.685  12.245  1.00 114.06 ? 2   DA  A "C2'" 1 
ATOM   30  C  "C1'" . DA  A 1 2  ? 9.887   28.273  13.344  1.00 115.42 ? 2   DA  A "C1'" 1 
ATOM   31  N  N9    . DA  A 1 2  ? 10.764  27.289  13.968  1.00 117.61 ? 2   DA  A N9    1 
ATOM   32  C  C8    . DA  A 1 2  ? 10.546  26.598  15.129  1.00 118.43 ? 2   DA  A C8    1 
ATOM   33  N  N7    . DA  A 1 2  ? 11.516  25.768  15.441  1.00 116.67 ? 2   DA  A N7    1 
ATOM   34  C  C5    . DA  A 1 2  ? 12.429  25.924  14.409  1.00 117.00 ? 2   DA  A C5    1 
ATOM   35  C  C6    . DA  A 1 2  ? 13.678  25.324  14.145  1.00 117.03 ? 2   DA  A C6    1 
ATOM   36  N  N6    . DA  A 1 2  ? 14.236  24.405  14.944  1.00 115.38 ? 2   DA  A N6    1 
ATOM   37  N  N1    . DA  A 1 2  ? 14.332  25.707  13.024  1.00 119.32 ? 2   DA  A N1    1 
ATOM   38  C  C2    . DA  A 1 2  ? 13.768  26.629  12.228  1.00 119.00 ? 2   DA  A C2    1 
ATOM   39  N  N3    . DA  A 1 2  ? 12.600  27.258  12.371  1.00 119.25 ? 2   DA  A N3    1 
ATOM   40  C  C4    . DA  A 1 2  ? 11.978  26.857  13.493  1.00 118.09 ? 2   DA  A C4    1 
ATOM   41  P  P     . DG  A 1 3  ? 7.591   28.943  9.682   1.00 123.45 ? 3   DG  A P     1 
ATOM   42  O  OP1   . DG  A 1 3  ? 7.138   30.039  8.793   1.00 124.94 ? 3   DG  A OP1   1 
ATOM   43  O  OP2   . DG  A 1 3  ? 6.815   27.687  9.778   1.00 121.35 ? 3   DG  A OP2   1 
ATOM   44  O  "O5'" . DG  A 1 3  ? 9.064   28.526  9.253   1.00 115.84 ? 3   DG  A "O5'" 1 
ATOM   45  C  "C5'" . DG  A 1 3  ? 9.238   27.395  8.448   1.00 114.81 ? 3   DG  A "C5'" 1 
ATOM   46  C  "C4'" . DG  A 1 3  ? 10.526  27.487  7.671   1.00 117.42 ? 3   DG  A "C4'" 1 
ATOM   47  O  "O4'" . DG  A 1 3  ? 11.627  27.175  8.554   1.00 116.22 ? 3   DG  A "O4'" 1 
ATOM   48  C  "C3'" . DG  A 1 3  ? 10.633  26.483  6.544   1.00 117.76 ? 3   DG  A "C3'" 1 
ATOM   49  O  "O3'" . DG  A 1 3  ? 11.573  26.921  5.573   1.00 122.00 ? 3   DG  A "O3'" 1 
ATOM   50  C  "C2'" . DG  A 1 3  ? 11.116  25.244  7.280   1.00 114.93 ? 3   DG  A "C2'" 1 
ATOM   51  C  "C1'" . DG  A 1 3  ? 12.042  25.839  8.342   1.00 115.16 ? 3   DG  A "C1'" 1 
ATOM   52  N  N9    . DG  A 1 3  ? 11.996  25.130  9.617   1.00 113.85 ? 3   DG  A N9    1 
ATOM   53  C  C8    . DG  A 1 3  ? 11.023  25.220  10.584  1.00 113.35 ? 3   DG  A C8    1 
ATOM   54  N  N7    . DG  A 1 3  ? 11.254  24.463  11.624  1.00 115.01 ? 3   DG  A N7    1 
ATOM   55  C  C5    . DG  A 1 3  ? 12.456  23.830  11.326  1.00 115.10 ? 3   DG  A C5    1 
ATOM   56  C  C6    . DG  A 1 3  ? 13.213  22.893  12.079  1.00 113.85 ? 3   DG  A C6    1 
ATOM   57  O  O6    . DG  A 1 3  ? 12.961  22.418  13.196  1.00 111.07 ? 3   DG  A O6    1 
ATOM   58  N  N1    . DG  A 1 3  ? 14.375  22.510  11.407  1.00 115.82 ? 3   DG  A N1    1 
ATOM   59  C  C2    . DG  A 1 3  ? 14.758  22.971  10.165  1.00 115.56 ? 3   DG  A C2    1 
ATOM   60  N  N2    . DG  A 1 3  ? 15.912  22.490  9.670   1.00 114.25 ? 3   DG  A N2    1 
ATOM   61  N  N3    . DG  A 1 3  ? 14.058  23.849  9.454   1.00 114.55 ? 3   DG  A N3    1 
ATOM   62  C  C4    . DG  A 1 3  ? 12.926  24.234  10.095  1.00 114.67 ? 3   DG  A C4    1 
ATOM   63  P  P     . DC  A 1 4  ? 11.571  26.271  4.103   1.00 131.60 ? 4   DC  A P     1 
ATOM   64  O  OP1   . DC  A 1 4  ? 12.390  27.134  3.221   1.00 128.82 ? 4   DC  A OP1   1 
ATOM   65  O  OP2   . DC  A 1 4  ? 10.160  25.992  3.745   1.00 127.91 ? 4   DC  A OP2   1 
ATOM   66  O  "O5'" . DC  A 1 4  ? 12.319  24.866  4.302   1.00 125.26 ? 4   DC  A "O5'" 1 
ATOM   67  C  "C5'" . DC  A 1 4  ? 13.597  24.813  4.940   1.00 120.15 ? 4   DC  A "C5'" 1 
ATOM   68  C  "C4'" . DC  A 1 4  ? 13.996  23.375  5.235   1.00 113.94 ? 4   DC  A "C4'" 1 
ATOM   69  O  "O4'" . DC  A 1 4  ? 13.655  23.027  6.602   1.00 113.67 ? 4   DC  A "O4'" 1 
ATOM   70  C  "C3'" . DC  A 1 4  ? 13.323  22.319  4.348   1.00 116.29 ? 4   DC  A "C3'" 1 
ATOM   71  O  "O3'" . DC  A 1 4  ? 14.323  21.495  3.737   1.00 117.05 ? 4   DC  A "O3'" 1 
ATOM   72  C  "C2'" . DC  A 1 4  ? 12.442  21.525  5.331   1.00 116.73 ? 4   DC  A "C2'" 1 
ATOM   73  C  "C1'" . DC  A 1 4  ? 13.227  21.687  6.620   1.00 116.68 ? 4   DC  A "C1'" 1 
ATOM   74  N  N1    . DC  A 1 4  ? 12.446  21.434  7.904   1.00 118.70 ? 4   DC  A N1    1 
ATOM   75  C  C2    . DC  A 1 4  ? 12.964  20.547  8.865   1.00 118.49 ? 4   DC  A C2    1 
ATOM   76  O  O2    . DC  A 1 4  ? 14.039  19.974  8.638   1.00 118.95 ? 4   DC  A O2    1 
ATOM   77  N  N3    . DC  A 1 4  ? 12.267  20.343  10.019  1.00 117.13 ? 4   DC  A N3    1 
ATOM   78  C  C4    . DC  A 1 4  ? 11.112  20.984  10.227  1.00 115.11 ? 4   DC  A C4    1 
ATOM   79  N  N4    . DC  A 1 4  ? 10.464  20.751  11.377  1.00 111.94 ? 4   DC  A N4    1 
ATOM   80  C  C5    . DC  A 1 4  ? 10.572  21.891  9.265   1.00 116.77 ? 4   DC  A C5    1 
ATOM   81  C  C6    . DC  A 1 4  ? 11.263  22.082  8.130   1.00 117.38 ? 4   DC  A C6    1 
ATOM   82  P  P     . DA  A 1 5  ? 14.174  21.019  2.207   1.00 121.10 ? 5   DA  A P     1 
ATOM   83  O  OP1   . DA  A 1 5  ? 14.868  21.993  1.329   1.00 120.18 ? 5   DA  A OP1   1 
ATOM   84  O  OP2   . DA  A 1 5  ? 12.738  20.731  1.990   1.00 120.54 ? 5   DA  A OP2   1 
ATOM   85  O  "O5'" . DA  A 1 5  ? 14.954  19.619  2.161   1.00 114.05 ? 5   DA  A "O5'" 1 
ATOM   86  C  "C5'" . DA  A 1 5  ? 16.250  19.499  2.744   1.00 115.75 ? 5   DA  A "C5'" 1 
ATOM   87  C  "C4'" . DA  A 1 5  ? 16.435  18.143  3.422   1.00 119.61 ? 5   DA  A "C4'" 1 
ATOM   88  O  "O4'" . DA  A 1 5  ? 15.700  18.106  4.676   1.00 113.30 ? 5   DA  A "O4'" 1 
ATOM   89  C  "C3'" . DA  A 1 5  ? 15.967  16.927  2.621   1.00 121.27 ? 5   DA  A "C3'" 1 
ATOM   90  O  "O3'" . DA  A 1 5  ? 16.907  15.854  2.780   1.00 126.56 ? 5   DA  A "O3'" 1 
ATOM   91  C  "C2'" . DA  A 1 5  ? 14.618  16.591  3.263   1.00 117.82 ? 5   DA  A "C2'" 1 
ATOM   92  C  "C1'" . DA  A 1 5  ? 14.873  16.960  4.716   1.00 112.15 ? 5   DA  A "C1'" 1 
ATOM   93  N  N9    . DA  A 1 5  ? 13.666  17.315  5.459   1.00 110.00 ? 5   DA  A N9    1 
ATOM   94  C  C8    . DA  A 1 5  ? 12.695  18.192  5.066   1.00 109.21 ? 5   DA  A C8    1 
ATOM   95  N  N7    . DA  A 1 5  ? 11.727  18.340  5.938   1.00 109.83 ? 5   DA  A N7    1 
ATOM   96  C  C5    . DA  A 1 5  ? 12.088  17.508  6.986   1.00 114.12 ? 5   DA  A C5    1 
ATOM   97  C  C6    . DA  A 1 5  ? 11.473  17.218  8.225   1.00 111.82 ? 5   DA  A C6    1 
ATOM   98  N  N6    . DA  A 1 5  ? 10.317  17.766  8.616   1.00 109.45 ? 5   DA  A N6    1 
ATOM   99  N  N1    . DA  A 1 5  ? 12.097  16.339  9.045   1.00 111.19 ? 5   DA  A N1    1 
ATOM   100 C  C2    . DA  A 1 5  ? 13.257  15.794  8.645   1.00 113.30 ? 5   DA  A C2    1 
ATOM   101 N  N3    . DA  A 1 5  ? 13.930  15.990  7.504   1.00 116.12 ? 5   DA  A N3    1 
ATOM   102 C  C4    . DA  A 1 5  ? 13.284  16.869  6.710   1.00 115.34 ? 5   DA  A C4    1 
ATOM   103 P  P     . DG  A 1 6  ? 17.460  15.046  1.503   1.00 135.18 ? 6   DG  A P     1 
ATOM   104 O  OP1   . DG  A 1 6  ? 18.937  15.004  1.612   1.00 139.72 ? 6   DG  A OP1   1 
ATOM   105 O  OP2   . DG  A 1 6  ? 16.831  15.618  0.289   1.00 126.24 ? 6   DG  A OP2   1 
ATOM   106 O  "O5'" . DG  A 1 6  ? 16.920  13.553  1.727   1.00 126.16 ? 6   DG  A "O5'" 1 
ATOM   107 C  "C5'" . DG  A 1 6  ? 15.636  13.338  2.302   1.00 117.75 ? 6   DG  A "C5'" 1 
ATOM   108 C  "C4'" . DG  A 1 6  ? 15.746  12.535  3.586   1.00 114.01 ? 6   DG  A "C4'" 1 
ATOM   109 O  "O4'" . DG  A 1 6  ? 15.051  13.229  4.654   1.00 108.81 ? 6   DG  A "O4'" 1 
ATOM   110 C  "C3'" . DG  A 1 6  ? 15.148  11.133  3.509   1.00 118.49 ? 6   DG  A "C3'" 1 
ATOM   111 O  "O3'" . DG  A 1 6  ? 16.029  10.171  4.086   1.00 125.76 ? 6   DG  A "O3'" 1 
ATOM   112 C  "C2'" . DG  A 1 6  ? 13.832  11.237  4.280   1.00 115.29 ? 6   DG  A "C2'" 1 
ATOM   113 C  "C1'" . DG  A 1 6  ? 14.067  12.399  5.240   1.00 112.78 ? 6   DG  A "C1'" 1 
ATOM   114 N  N9    . DG  A 1 6  ? 12.864  13.207  5.456   1.00 113.89 ? 6   DG  A N9    1 
ATOM   115 C  C8    . DG  A 1 6  ? 12.335  14.131  4.586   1.00 113.60 ? 6   DG  A C8    1 
ATOM   116 N  N7    . DG  A 1 6  ? 11.251  14.708  5.027   1.00 110.85 ? 6   DG  A N7    1 
ATOM   117 C  C5    . DG  A 1 6  ? 11.037  14.132  6.274   1.00 114.28 ? 6   DG  A C5    1 
ATOM   118 C  C6    . DG  A 1 6  ? 10.005  14.369  7.220   1.00 111.08 ? 6   DG  A C6    1 
ATOM   119 O  O6    . DG  A 1 6  ? 9.055   15.162  7.131   1.00 105.73 ? 6   DG  A O6    1 
ATOM   120 N  N1    . DG  A 1 6  ? 10.153  13.578  8.358   1.00 111.43 ? 6   DG  A N1    1 
ATOM   121 C  C2    . DG  A 1 6  ? 11.171  12.667  8.561   1.00 112.62 ? 6   DG  A C2    1 
ATOM   122 N  N2    . DG  A 1 6  ? 11.146  11.995  9.725   1.00 111.83 ? 6   DG  A N2    1 
ATOM   123 N  N3    . DG  A 1 6  ? 12.149  12.433  7.678   1.00 113.76 ? 6   DG  A N3    1 
ATOM   124 C  C4    . DG  A 1 6  ? 12.018  13.200  6.559   1.00 114.95 ? 6   DG  A C4    1 
ATOM   125 P  P     . DA  A 1 7  ? 15.796  8.605   3.799   1.00 131.94 ? 7   DA  A P     1 
ATOM   126 O  OP1   . DA  A 1 7  ? 17.099  7.903   3.879   1.00 129.98 ? 7   DA  A OP1   1 
ATOM   127 O  OP2   . DA  A 1 7  ? 14.995  8.510   2.557   1.00 131.26 ? 7   DA  A OP2   1 
ATOM   128 O  "O5'" . DA  A 1 7  ? 14.852  8.124   5.000   1.00 114.55 ? 7   DA  A "O5'" 1 
ATOM   129 C  "C5'" . DA  A 1 7  ? 15.177  8.445   6.350   1.00 112.36 ? 7   DA  A "C5'" 1 
ATOM   130 C  "C4'" . DA  A 1 7  ? 14.167  7.824   7.299   1.00 111.58 ? 7   DA  A "C4'" 1 
ATOM   131 O  "O4'" . DA  A 1 7  ? 13.114  8.781   7.587   1.00 109.96 ? 7   DA  A "O4'" 1 
ATOM   132 C  "C3'" . DA  A 1 7  ? 13.470  6.578   6.759   1.00 116.84 ? 7   DA  A "C3'" 1 
ATOM   133 O  "O3'" . DA  A 1 7  ? 13.321  5.608   7.783   1.00 120.93 ? 7   DA  A "O3'" 1 
ATOM   134 C  "C2'" . DA  A 1 7  ? 12.117  7.103   6.294   1.00 114.60 ? 7   DA  A "C2'" 1 
ATOM   135 C  "C1'" . DA  A 1 7  ? 11.852  8.211   7.297   1.00 112.39 ? 7   DA  A "C1'" 1 
ATOM   136 N  N9    . DA  A 1 7  ? 10.992  9.259   6.763   1.00 113.45 ? 7   DA  A N9    1 
ATOM   137 C  C8    . DA  A 1 7  ? 11.150  9.905   5.571   1.00 112.31 ? 7   DA  A C8    1 
ATOM   138 N  N7    . DA  A 1 7  ? 10.234  10.808  5.327   1.00 109.41 ? 7   DA  A N7    1 
ATOM   139 C  C5    . DA  A 1 7  ? 9.407   10.749  6.435   1.00 109.60 ? 7   DA  A C5    1 
ATOM   140 C  C6    . DA  A 1 7  ? 8.245   11.461  6.778   1.00 107.49 ? 7   DA  A C6    1 
ATOM   141 N  N6    . DA  A 1 7  ? 7.713   12.404  5.996   1.00 103.03 ? 7   DA  A N6    1 
ATOM   142 N  N1    . DA  A 1 7  ? 7.652   11.165  7.959   1.00 109.87 ? 7   DA  A N1    1 
ATOM   143 C  C2    . DA  A 1 7  ? 8.195   10.212  8.740   1.00 108.99 ? 7   DA  A C2    1 
ATOM   144 N  N3    . DA  A 1 7  ? 9.292   9.472   8.519   1.00 110.35 ? 7   DA  A N3    1 
ATOM   145 C  C4    . DA  A 1 7  ? 9.854   9.796   7.335   1.00 112.76 ? 7   DA  A C4    1 
ATOM   146 P  P     . DC  A 1 8  ? 12.755  4.147   7.419   1.00 132.52 ? 8   DC  A P     1 
ATOM   147 O  OP1   . DC  A 1 8  ? 13.447  3.163   8.284   1.00 137.33 ? 8   DC  A OP1   1 
ATOM   148 O  OP2   . DC  A 1 8  ? 12.812  4.014   5.943   1.00 127.78 ? 8   DC  A OP2   1 
ATOM   149 O  "O5'" . DC  A 1 8  ? 11.214  4.207   7.843   1.00 119.35 ? 8   DC  A "O5'" 1 
ATOM   150 C  "C5'" . DC  A 1 8  ? 10.857  4.321   9.211   1.00 113.02 ? 8   DC  A "C5'" 1 
ATOM   151 C  "C4'" . DC  A 1 8  ? 9.388   4.662   9.350   1.00 109.38 ? 8   DC  A "C4'" 1 
ATOM   152 O  "O4'" . DC  A 1 8  ? 9.116   5.909   8.661   1.00 105.83 ? 8   DC  A "O4'" 1 
ATOM   153 C  "C3'" . DC  A 1 8  ? 8.419   3.627   8.754   1.00 109.02 ? 8   DC  A "C3'" 1 
ATOM   154 O  "O3'" . DC  A 1 8  ? 7.494   3.191   9.755   1.00 114.25 ? 8   DC  A "O3'" 1 
ATOM   155 C  "C2'" . DC  A 1 8  ? 7.713   4.393   7.630   1.00 106.45 ? 8   DC  A "C2'" 1 
ATOM   156 C  "C1'" . DC  A 1 8  ? 7.833   5.825   8.106   1.00 104.27 ? 8   DC  A "C1'" 1 
ATOM   157 N  N1    . DC  A 1 8  ? 7.703   6.806   7.005   1.00 107.40 ? 8   DC  A N1    1 
ATOM   158 C  C2    . DC  A 1 8  ? 6.608   7.676   6.992   1.00 105.60 ? 8   DC  A C2    1 
ATOM   159 O  O2    . DC  A 1 8  ? 5.791   7.619   7.920   1.00 104.14 ? 8   DC  A O2    1 
ATOM   160 N  N3    . DC  A 1 8  ? 6.480   8.556   5.965   1.00 101.35 ? 8   DC  A N3    1 
ATOM   161 C  C4    . DC  A 1 8  ? 7.390   8.576   4.989   1.00 104.93 ? 8   DC  A C4    1 
ATOM   162 N  N4    . DC  A 1 8  ? 7.227   9.462   3.998   1.00 113.09 ? 8   DC  A N4    1 
ATOM   163 C  C5    . DC  A 1 8  ? 8.511   7.689   4.982   1.00 107.65 ? 8   DC  A C5    1 
ATOM   164 C  C6    . DC  A 1 8  ? 8.622   6.825   5.998   1.00 109.22 ? 8   DC  A C6    1 
ATOM   165 P  P     . DG  A 1 9  ? 6.384   2.062   9.442   1.00 129.99 ? 9   DG  A P     1 
ATOM   166 O  OP1   . DG  A 1 9  ? 6.723   0.873   10.260  1.00 134.29 ? 9   DG  A OP1   1 
ATOM   167 O  OP2   . DG  A 1 9  ? 6.206   1.896   7.980   1.00 116.73 ? 9   DG  A OP2   1 
ATOM   168 O  "O5'" . DG  A 1 9  ? 5.034   2.704   10.018  1.00 114.44 ? 9   DG  A "O5'" 1 
ATOM   169 C  "C5'" . DG  A 1 9  ? 4.839   4.106   9.936   1.00 105.02 ? 9   DG  A "C5'" 1 
ATOM   170 C  "C4'" . DG  A 1 9  ? 3.468   4.507   10.450  1.00 106.63 ? 9   DG  A "C4'" 1 
ATOM   171 O  "O4'" . DG  A 1 9  ? 3.075   5.737   9.799   1.00 106.39 ? 9   DG  A "O4'" 1 
ATOM   172 C  "C3'" . DG  A 1 9  ? 2.347   3.537   10.125  1.00 102.92 ? 9   DG  A "C3'" 1 
ATOM   173 O  "O3'" . DG  A 1 9  ? 1.237   3.757   10.997  1.00 106.32 ? 9   DG  A "O3'" 1 
ATOM   174 C  "C2'" . DG  A 1 9  ? 2.006   3.927   8.696   1.00 101.94 ? 9   DG  A "C2'" 1 
ATOM   175 C  "C1'" . DG  A 1 9  ? 2.198   5.445   8.723   1.00 100.10 ? 9   DG  A "C1'" 1 
ATOM   176 N  N9    . DG  A 1 9  ? 2.786   5.951   7.492   1.00 96.69  ? 9   DG  A N9    1 
ATOM   177 C  C8    . DG  A 1 9  ? 4.006   5.611   6.962   1.00 97.61  ? 9   DG  A C8    1 
ATOM   178 N  N7    . DG  A 1 9  ? 4.265   6.204   5.829   1.00 98.38  ? 9   DG  A N7    1 
ATOM   179 C  C5    . DG  A 1 9  ? 3.140   6.982   5.585   1.00 95.60  ? 9   DG  A C5    1 
ATOM   180 C  C6    . DG  A 1 9  ? 2.842   7.845   4.499   1.00 88.79  ? 9   DG  A C6    1 
ATOM   181 O  O6    . DG  A 1 9  ? 3.542   8.105   3.508   1.00 86.57  ? 9   DG  A O6    1 
ATOM   182 N  N1    . DG  A 1 9  ? 1.589   8.439   4.640   1.00 88.15  ? 9   DG  A N1    1 
ATOM   183 C  C2    . DG  A 1 9  ? 0.730   8.222   5.699   1.00 89.69  ? 9   DG  A C2    1 
ATOM   184 N  N2    . DG  A 1 9  ? -0.439  8.877   5.668   1.00 89.05  ? 9   DG  A N2    1 
ATOM   185 N  N3    . DG  A 1 9  ? 0.997   7.414   6.720   1.00 94.73  ? 9   DG  A N3    1 
ATOM   186 C  C4    . DG  A 1 9  ? 2.215   6.830   6.597   1.00 96.70  ? 9   DG  A C4    1 
ATOM   187 P  P     . DT  A 1 10 ? -0.119  2.910   10.811  1.00 113.95 ? 10  DT  A P     1 
ATOM   188 O  OP1   . DT  A 1 10 ? -0.931  3.059   12.039  1.00 115.59 ? 10  DT  A OP1   1 
ATOM   189 O  OP2   . DT  A 1 10 ? 0.261   1.564   10.326  1.00 109.74 ? 10  DT  A OP2   1 
ATOM   190 O  "O5'" . DT  A 1 10 ? -0.878  3.640   9.608   1.00 100.11 ? 10  DT  A "O5'" 1 
ATOM   191 C  "C5'" . DT  A 1 10 ? -1.359  4.968   9.756   1.00 100.26 ? 10  DT  A "C5'" 1 
ATOM   192 C  "C4'" . DT  A 1 10 ? -2.549  5.187   8.846   1.00 97.16  ? 10  DT  A "C4'" 1 
ATOM   193 O  "O4'" . DT  A 1 10 ? -2.115  5.826   7.616   1.00 96.59  ? 10  DT  A "O4'" 1 
ATOM   194 C  "C3'" . DT  A 1 10 ? -3.264  3.903   8.431   1.00 97.03  ? 10  DT  A "C3'" 1 
ATOM   195 O  "O3'" . DT  A 1 10 ? -4.675  4.086   8.466   1.00 96.97  ? 10  DT  A "O3'" 1 
ATOM   196 C  "C2'" . DT  A 1 10 ? -2.754  3.658   7.009   1.00 96.21  ? 10  DT  A "C2'" 1 
ATOM   197 C  "C1'" . DT  A 1 10 ? -2.561  5.077   6.502   1.00 98.08  ? 10  DT  A "C1'" 1 
ATOM   198 N  N1    . DT  A 1 10 ? -1.534  5.206   5.407   1.00 97.63  ? 10  DT  A N1    1 
ATOM   199 C  C2    . DT  A 1 10 ? -1.816  5.982   4.300   1.00 90.36  ? 10  DT  A C2    1 
ATOM   200 O  O2    . DT  A 1 10 ? -2.872  6.569   4.149   1.00 85.69  ? 10  DT  A O2    1 
ATOM   201 N  N3    . DT  A 1 10 ? -0.806  6.041   3.367   1.00 90.92  ? 10  DT  A N3    1 
ATOM   202 C  C4    . DT  A 1 10 ? 0.430   5.421   3.432   1.00 91.23  ? 10  DT  A C4    1 
ATOM   203 O  O4    . DT  A 1 10 ? 1.272   5.535   2.544   1.00 87.77  ? 10  DT  A O4    1 
ATOM   204 C  C5    . DT  A 1 10 ? 0.660   4.626   4.619   1.00 96.88  ? 10  DT  A C5    1 
ATOM   205 C  C7    . DT  A 1 10 ? 1.963   3.901   4.803   1.00 99.89  ? 10  DT  A C7    1 
ATOM   206 C  C6    . DT  A 1 10 ? -0.321  4.561   5.538   1.00 97.98  ? 10  DT  A C6    1 
ATOM   207 P  P     . DG  A 1 11 ? -5.644  2.825   8.708   1.00 100.07 ? 11  DG  A P     1 
ATOM   208 O  OP1   . DG  A 1 11 ? -6.019  2.809   10.144  1.00 102.62 ? 11  DG  A OP1   1 
ATOM   209 O  OP2   . DG  A 1 11 ? -4.980  1.645   8.106   1.00 93.08  ? 11  DG  A OP2   1 
ATOM   210 O  "O5'" . DG  A 1 11 ? -6.934  3.144   7.809   1.00 90.95  ? 11  DG  A "O5'" 1 
ATOM   211 C  "C5'" . DG  A 1 11 ? -7.367  4.492   7.620   1.00 92.18  ? 11  DG  A "C5'" 1 
ATOM   212 C  "C4'" . DG  A 1 11 ? -7.994  4.686   6.241   1.00 95.41  ? 11  DG  A "C4'" 1 
ATOM   213 O  "O4'" . DG  A 1 11 ? -6.961  4.932   5.251   1.00 95.54  ? 11  DG  A "O4'" 1 
ATOM   214 C  "C3'" . DG  A 1 11 ? -8.812  3.511   5.710   1.00 91.90  ? 11  DG  A "C3'" 1 
ATOM   215 O  "O3'" . DG  A 1 11 ? -9.956  4.005   5.027   1.00 92.94  ? 11  DG  A "O3'" 1 
ATOM   216 C  "C2'" . DG  A 1 11 ? -7.840  2.814   4.753   1.00 92.16  ? 11  DG  A "C2'" 1 
ATOM   217 C  "C1'" . DG  A 1 11 ? -7.066  3.996   4.191   1.00 91.13  ? 11  DG  A "C1'" 1 
ATOM   218 N  N9    . DG  A 1 11 ? -5.710  3.665   3.759   1.00 86.84  ? 11  DG  A N9    1 
ATOM   219 C  C8    . DG  A 1 11 ? -4.791  2.908   4.443   1.00 87.80  ? 11  DG  A C8    1 
ATOM   220 N  N7    . DG  A 1 11 ? -3.645  2.794   3.830   1.00 84.47  ? 11  DG  A N7    1 
ATOM   221 C  C5    . DG  A 1 11 ? -3.809  3.528   2.663   1.00 86.30  ? 11  DG  A C5    1 
ATOM   222 C  C6    . DG  A 1 11 ? -2.903  3.769   1.600   1.00 81.49  ? 11  DG  A C6    1 
ATOM   223 O  O6    . DG  A 1 11 ? -1.737  3.365   1.480   1.00 83.33  ? 11  DG  A O6    1 
ATOM   224 N  N1    . DG  A 1 11 ? -3.470  4.564   0.608   1.00 79.27  ? 11  DG  A N1    1 
ATOM   225 C  C2    . DG  A 1 11 ? -4.753  5.067   0.637   1.00 79.28  ? 11  DG  A C2    1 
ATOM   226 N  N2    . DG  A 1 11 ? -5.127  5.818   -0.410  1.00 82.88  ? 11  DG  A N2    1 
ATOM   227 N  N3    . DG  A 1 11 ? -5.614  4.848   1.626   1.00 86.85  ? 11  DG  A N3    1 
ATOM   228 C  C4    . DG  A 1 11 ? -5.076  4.074   2.603   1.00 87.29  ? 11  DG  A C4    1 
ATOM   229 P  P     . DA  A 1 12 ? -11.029 2.990   4.395   1.00 97.30  ? 12  DA  A P     1 
ATOM   230 O  OP1   . DA  A 1 12 ? -12.263 3.758   4.102   1.00 101.16 ? 12  DA  A OP1   1 
ATOM   231 O  OP2   . DA  A 1 12 ? -11.077 1.791   5.266   1.00 105.63 ? 12  DA  A OP2   1 
ATOM   232 O  "O5'" . DA  A 1 12 ? -10.379 2.560   3.001   1.00 95.56  ? 12  DA  A "O5'" 1 
ATOM   233 C  "C5'" . DA  A 1 12 ? -11.209 2.326   1.876   1.00 94.18  ? 12  DA  A "C5'" 1 
ATOM   234 C  "C4'" . DA  A 1 12 ? -11.040 3.425   0.845   1.00 83.19  ? 12  DA  A "C4'" 1 
ATOM   235 O  "O4'" . DA  A 1 12 ? -9.654  3.846   0.803   1.00 78.53  ? 12  DA  A "O4'" 1 
ATOM   236 C  "C3'" . DA  A 1 12 ? -11.369 3.011   -0.575  1.00 85.27  ? 12  DA  A "C3'" 1 
ATOM   237 O  "O3'" . DA  A 1 12 ? -11.737 4.155   -1.334  1.00 94.15  ? 12  DA  A "O3'" 1 
ATOM   238 C  "C2'" . DA  A 1 12 ? -10.042 2.419   -1.047  1.00 84.34  ? 12  DA  A "C2'" 1 
ATOM   239 C  "C1'" . DA  A 1 12 ? -9.029  3.339   -0.367  1.00 81.94  ? 12  DA  A "C1'" 1 
ATOM   240 N  N9    . DA  A 1 12 ? -7.798  2.668   0.035   1.00 79.55  ? 12  DA  A N9    1 
ATOM   241 C  C8    . DA  A 1 12 ? -7.586  1.974   1.193   1.00 86.73  ? 12  DA  A C8    1 
ATOM   242 N  N7    . DA  A 1 12 ? -6.376  1.480   1.305   1.00 85.06  ? 12  DA  A N7    1 
ATOM   243 C  C5    . DA  A 1 12 ? -5.744  1.885   0.140   1.00 82.16  ? 12  DA  A C5    1 
ATOM   244 C  C6    . DA  A 1 12 ? -4.437  1.678   -0.346  1.00 81.05  ? 12  DA  A C6    1 
ATOM   245 N  N6    . DA  A 1 12 ? -3.512  0.983   0.324   1.00 79.43  ? 12  DA  A N6    1 
ATOM   246 N  N1    . DA  A 1 12 ? -4.121  2.216   -1.553  1.00 80.18  ? 12  DA  A N1    1 
ATOM   247 C  C2    . DA  A 1 12 ? -5.066  2.909   -2.214  1.00 82.97  ? 12  DA  A C2    1 
ATOM   248 N  N3    . DA  A 1 12 ? -6.331  3.166   -1.854  1.00 81.42  ? 12  DA  A N3    1 
ATOM   249 C  C4    . DA  A 1 12 ? -6.606  2.620   -0.655  1.00 78.91  ? 12  DA  A C4    1 
ATOM   250 P  P     . DC  A 1 13 ? -12.488 3.987   -2.745  1.00 94.63  ? 13  DC  A P     1 
ATOM   251 O  OP1   . DC  A 1 13 ? -13.115 5.288   -3.083  1.00 98.24  ? 13  DC  A OP1   1 
ATOM   252 O  OP2   . DC  A 1 13 ? -13.331 2.771   -2.663  1.00 95.36  ? 13  DC  A OP2   1 
ATOM   253 O  "O5'" . DC  A 1 13 ? -11.298 3.696   -3.775  1.00 85.55  ? 13  DC  A "O5'" 1 
ATOM   254 C  "C5'" . DC  A 1 13 ? -11.145 2.396   -4.322  1.00 87.00  ? 13  DC  A "C5'" 1 
ATOM   255 C  "C4'" . DC  A 1 13 ? -9.811  2.253   -5.031  1.00 87.04  ? 13  DC  A "C4'" 1 
ATOM   256 O  "O4'" . DC  A 1 13 ? -8.781  1.964   -4.067  1.00 80.65  ? 13  DC  A "O4'" 1 
ATOM   257 C  "C3'" . DC  A 1 13 ? -9.763  1.113   -6.045  1.00 88.70  ? 13  DC  A "C3'" 1 
ATOM   258 O  "O3'" . DC  A 1 13 ? -9.803  1.640   -7.371  1.00 85.19  ? 13  DC  A "O3'" 1 
ATOM   259 C  "C2'" . DC  A 1 13 ? -8.444  0.370   -5.756  1.00 82.21  ? 13  DC  A "C2'" 1 
ATOM   260 C  "C1'" . DC  A 1 13 ? -7.764  1.219   -4.689  1.00 79.47  ? 13  DC  A "C1'" 1 
ATOM   261 N  N1    . DC  A 1 13 ? -7.065  0.415   -3.628  1.00 80.27  ? 13  DC  A N1    1 
ATOM   262 C  C2    . DC  A 1 13 ? -5.716  0.048   -3.794  1.00 80.68  ? 13  DC  A C2    1 
ATOM   263 O  O2    . DC  A 1 13 ? -5.115  0.380   -4.823  1.00 80.18  ? 13  DC  A O2    1 
ATOM   264 N  N3    . DC  A 1 13 ? -5.109  -0.672  -2.810  1.00 81.62  ? 13  DC  A N3    1 
ATOM   265 C  C4    . DC  A 1 13 ? -5.789  -1.015  -1.713  1.00 78.82  ? 13  DC  A C4    1 
ATOM   266 N  N4    . DC  A 1 13 ? -5.152  -1.722  -0.772  1.00 77.81  ? 13  DC  A N4    1 
ATOM   267 C  C5    . DC  A 1 13 ? -7.157  -0.648  -1.529  1.00 79.92  ? 13  DC  A C5    1 
ATOM   268 C  C6    . DC  A 1 13 ? -7.746  0.060   -2.500  1.00 81.56  ? 13  DC  A C6    1 
ATOM   269 P  P     . DG  A 1 14 ? -10.111 0.673   -8.616  1.00 89.01  ? 14  DG  A P     1 
ATOM   270 O  OP1   . DG  A 1 14 ? -10.617 1.505   -9.733  1.00 99.66  ? 14  DG  A OP1   1 
ATOM   271 O  OP2   . DG  A 1 14 ? -10.928 -0.457  -8.117  1.00 102.77 ? 14  DG  A OP2   1 
ATOM   272 O  "O5'" . DG  A 1 14 ? -8.676  0.082   -9.003  1.00 85.06  ? 14  DG  A "O5'" 1 
ATOM   273 C  "C5'" . DG  A 1 14 ? -7.562  0.955   -9.130  1.00 88.17  ? 14  DG  A "C5'" 1 
ATOM   274 C  "C4'" . DG  A 1 14 ? -6.320  0.183   -9.538  1.00 90.61  ? 14  DG  A "C4'" 1 
ATOM   275 O  "O4'" . DG  A 1 14 ? -5.638  -0.307  -8.358  1.00 90.86  ? 14  DG  A "O4'" 1 
ATOM   276 C  "C3'" . DG  A 1 14 ? -6.580  -1.035  -10.421 1.00 90.02  ? 14  DG  A "C3'" 1 
ATOM   277 O  "O3'" . DG  A 1 14 ? -5.627  -1.088  -11.466 1.00 91.72  ? 14  DG  A "O3'" 1 
ATOM   278 C  "C2'" . DG  A 1 14 ? -6.438  -2.217  -9.465  1.00 87.17  ? 14  DG  A "C2'" 1 
ATOM   279 C  "C1'" . DG  A 1 14 ? -5.423  -1.697  -8.460  1.00 86.20  ? 14  DG  A "C1'" 1 
ATOM   280 N  N9    . DG  A 1 14 ? -5.596  -2.266  -7.131  1.00 77.41  ? 14  DG  A N9    1 
ATOM   281 C  C8    . DG  A 1 14 ? -6.741  -2.256  -6.381  1.00 78.91  ? 14  DG  A C8    1 
ATOM   282 N  N7    . DG  A 1 14 ? -6.612  -2.827  -5.220  1.00 80.71  ? 14  DG  A N7    1 
ATOM   283 C  C5    . DG  A 1 14 ? -5.292  -3.250  -5.198  1.00 79.52  ? 14  DG  A C5    1 
ATOM   284 C  C6    . DG  A 1 14 ? -4.573  -3.939  -4.193  1.00 75.43  ? 14  DG  A C6    1 
ATOM   285 O  O6    . DG  A 1 14 ? -4.981  -4.324  -3.090  1.00 72.71  ? 14  DG  A O6    1 
ATOM   286 N  N1    . DG  A 1 14 ? -3.256  -4.177  -4.573  1.00 71.73  ? 14  DG  A N1    1 
ATOM   287 C  C2    . DG  A 1 14 ? -2.700  -3.794  -5.774  1.00 77.02  ? 14  DG  A C2    1 
ATOM   288 N  N2    . DG  A 1 14 ? -1.414  -4.112  -5.969  1.00 75.16  ? 14  DG  A N2    1 
ATOM   289 N  N3    . DG  A 1 14 ? -3.365  -3.149  -6.728  1.00 80.00  ? 14  DG  A N3    1 
ATOM   290 C  C4    . DG  A 1 14 ? -4.649  -2.910  -6.371  1.00 77.46  ? 14  DG  A C4    1 
ATOM   291 P  P     . DA  A 1 15 ? -5.798  -2.150  -12.658 1.00 99.13  ? 15  DA  A P     1 
ATOM   292 O  OP1   . DA  A 1 15 ? -5.447  -1.469  -13.928 1.00 102.84 ? 15  DA  A OP1   1 
ATOM   293 O  OP2   . DA  A 1 15 ? -7.133  -2.774  -12.502 1.00 101.24 ? 15  DA  A OP2   1 
ATOM   294 O  "O5'" . DA  A 1 15 ? -4.699  -3.267  -12.334 1.00 82.87  ? 15  DA  A "O5'" 1 
ATOM   295 C  "C5'" . DA  A 1 15 ? -3.376  -2.879  -11.981 1.00 83.92  ? 15  DA  A "C5'" 1 
ATOM   296 C  "C4'" . DA  A 1 15 ? -2.572  -4.079  -11.515 1.00 84.57  ? 15  DA  A "C4'" 1 
ATOM   297 O  "O4'" . DA  A 1 15 ? -2.832  -4.325  -10.108 1.00 82.09  ? 15  DA  A "O4'" 1 
ATOM   298 C  "C3'" . DA  A 1 15 ? -2.893  -5.392  -12.238 1.00 79.34  ? 15  DA  A "C3'" 1 
ATOM   299 O  "O3'" . DA  A 1 15 ? -1.696  -6.122  -12.481 1.00 77.50  ? 15  DA  A "O3'" 1 
ATOM   300 C  "C2'" . DA  A 1 15 ? -3.779  -6.119  -11.239 1.00 80.00  ? 15  DA  A "C2'" 1 
ATOM   301 C  "C1'" . DA  A 1 15 ? -3.148  -5.683  -9.932  1.00 76.47  ? 15  DA  A "C1'" 1 
ATOM   302 N  N9    . DA  A 1 15 ? -4.049  -5.806  -8.805  1.00 71.04  ? 15  DA  A N9    1 
ATOM   303 C  C8    . DA  A 1 15 ? -5.327  -5.337  -8.726  1.00 73.32  ? 15  DA  A C8    1 
ATOM   304 N  N7    . DA  A 1 15 ? -5.920  -5.602  -7.587  1.00 79.14  ? 15  DA  A N7    1 
ATOM   305 C  C5    . DA  A 1 15 ? -4.960  -6.300  -6.871  1.00 77.95  ? 15  DA  A C5    1 
ATOM   306 C  C6    . DA  A 1 15 ? -4.963  -6.865  -5.584  1.00 68.32  ? 15  DA  A C6    1 
ATOM   307 N  N6    . DA  A 1 15 ? -6.015  -6.805  -4.766  1.00 65.03  ? 15  DA  A N6    1 
ATOM   308 N  N1    . DA  A 1 15 ? -3.839  -7.495  -5.172  1.00 66.96  ? 15  DA  A N1    1 
ATOM   309 C  C2    . DA  A 1 15 ? -2.789  -7.548  -6.002  1.00 69.69  ? 15  DA  A C2    1 
ATOM   310 N  N3    . DA  A 1 15 ? -2.670  -7.052  -7.235  1.00 73.03  ? 15  DA  A N3    1 
ATOM   311 C  C4    . DA  A 1 15 ? -3.801  -6.436  -7.611  1.00 75.83  ? 15  DA  A C4    1 
ATOM   312 P  P     . DG  A 1 16 ? -1.675  -7.283  -13.596 1.00 83.45  ? 16  DG  A P     1 
ATOM   313 O  OP1   . DG  A 1 16 ? -1.460  -6.623  -14.906 1.00 94.67  ? 16  DG  A OP1   1 
ATOM   314 O  OP2   . DG  A 1 16 ? -2.845  -8.163  -13.371 1.00 73.71  ? 16  DG  A OP2   1 
ATOM   315 O  "O5'" . DG  A 1 16 ? -0.368  -8.139  -13.255 1.00 78.20  ? 16  DG  A "O5'" 1 
ATOM   316 C  "C5'" . DG  A 1 16 ? 0.514   -7.718  -12.227 1.00 80.50  ? 16  DG  A "C5'" 1 
ATOM   317 C  "C4'" . DG  A 1 16 ? 0.747   -8.839  -11.230 1.00 82.30  ? 16  DG  A "C4'" 1 
ATOM   318 O  "O4'" . DG  A 1 16 ? -0.212  -8.730  -10.151 1.00 80.98  ? 16  DG  A "O4'" 1 
ATOM   319 C  "C3'" . DG  A 1 16 ? 0.582   -10.253 -11.800 1.00 76.75  ? 16  DG  A "C3'" 1 
ATOM   320 O  "O3'" . DG  A 1 16 ? 1.655   -11.081 -11.387 1.00 73.73  ? 16  DG  A "O3'" 1 
ATOM   321 C  "C2'" . DG  A 1 16 ? -0.743  -10.727 -11.208 1.00 74.10  ? 16  DG  A "C2'" 1 
ATOM   322 C  "C1'" . DG  A 1 16 ? -0.735  -10.004 -9.878  1.00 75.66  ? 16  DG  A "C1'" 1 
ATOM   323 N  N9    . DG  A 1 16 ? -2.053  -9.848  -9.286  1.00 72.57  ? 16  DG  A N9    1 
ATOM   324 C  C8    . DG  A 1 16 ? -3.122  -9.155  -9.804  1.00 69.30  ? 16  DG  A C8    1 
ATOM   325 N  N7    . DG  A 1 16 ? -4.180  -9.185  -9.041  1.00 67.43  ? 16  DG  A N7    1 
ATOM   326 C  C5    . DG  A 1 16 ? -3.785  -9.950  -7.946  1.00 78.73  ? 16  DG  A C5    1 
ATOM   327 C  C6    . DG  A 1 16 ? -4.504  -10.328 -6.786  1.00 70.13  ? 16  DG  A C6    1 
ATOM   328 O  O6    . DG  A 1 16 ? -5.675  -10.058 -6.486  1.00 70.40  ? 16  DG  A O6    1 
ATOM   329 N  N1    . DG  A 1 16 ? -3.727  -11.102 -5.929  1.00 60.71  ? 16  DG  A N1    1 
ATOM   330 C  C2    . DG  A 1 16 ? -2.418  -11.466 -6.158  1.00 61.92  ? 16  DG  A C2    1 
ATOM   331 N  N2    . DG  A 1 16 ? -1.830  -12.219 -5.217  1.00 68.86  ? 16  DG  A N2    1 
ATOM   332 N  N3    . DG  A 1 16 ? -1.734  -11.119 -7.238  1.00 68.62  ? 16  DG  A N3    1 
ATOM   333 C  C4    . DG  A 1 16 ? -2.478  -10.363 -8.086  1.00 76.42  ? 16  DG  A C4    1 
ATOM   334 P  P     . DA  A 1 17 ? 2.034   -12.376 -12.259 1.00 83.26  ? 17  DA  A P     1 
ATOM   335 O  OP1   . DA  A 1 17 ? 3.401   -12.186 -12.801 1.00 84.23  ? 17  DA  A OP1   1 
ATOM   336 O  OP2   . DA  A 1 17 ? 0.887   -12.626 -13.162 1.00 79.50  ? 17  DA  A OP2   1 
ATOM   337 O  "O5'" . DA  A 1 17 ? 2.052   -13.575 -11.204 1.00 80.54  ? 17  DA  A "O5'" 1 
ATOM   338 C  "C5'" . DA  A 1 17 ? 2.708   -13.423 -9.962  1.00 73.76  ? 17  DA  A "C5'" 1 
ATOM   339 C  "C4'" . DA  A 1 17 ? 2.100   -14.354 -8.935  1.00 71.55  ? 17  DA  A "C4'" 1 
ATOM   340 O  "O4'" . DA  A 1 17 ? 0.814   -13.841 -8.514  1.00 68.34  ? 17  DA  A "O4'" 1 
ATOM   341 C  "C3'" . DA  A 1 17 ? 1.835   -15.780 -9.430  1.00 75.92  ? 17  DA  A "C3'" 1 
ATOM   342 O  "O3'" . DA  A 1 17 ? 2.211   -16.707 -8.414  1.00 72.57  ? 17  DA  A "O3'" 1 
ATOM   343 C  "C2'" . DA  A 1 17 ? 0.320   -15.787 -9.663  1.00 72.75  ? 17  DA  A "C2'" 1 
ATOM   344 C  "C1'" . DA  A 1 17 ? -0.124  -14.893 -8.528  1.00 69.15  ? 17  DA  A "C1'" 1 
ATOM   345 N  N9    . DA  A 1 17 ? -1.447  -14.313 -8.689  1.00 68.07  ? 17  DA  A N9    1 
ATOM   346 C  C8    . DA  A 1 17 ? -1.879  -13.512 -9.710  1.00 71.29  ? 17  DA  A C8    1 
ATOM   347 N  N7    . DA  A 1 17 ? -3.121  -13.107 -9.577  1.00 70.67  ? 17  DA  A N7    1 
ATOM   348 C  C5    . DA  A 1 17 ? -3.528  -13.676 -8.379  1.00 72.67  ? 17  DA  A C5    1 
ATOM   349 C  C6    . DA  A 1 17 ? -4.746  -13.627 -7.670  1.00 72.45  ? 17  DA  A C6    1 
ATOM   350 N  N6    . DA  A 1 17 ? -5.815  -12.951 -8.101  1.00 68.10  ? 17  DA  A N6    1 
ATOM   351 N  N1    . DA  A 1 17 ? -4.819  -14.311 -6.497  1.00 73.02  ? 17  DA  A N1    1 
ATOM   352 C  C2    . DA  A 1 17 ? -3.737  -14.988 -6.074  1.00 71.21  ? 17  DA  A C2    1 
ATOM   353 N  N3    . DA  A 1 17 ? -2.541  -15.105 -6.658  1.00 68.31  ? 17  DA  A N3    1 
ATOM   354 C  C4    . DA  A 1 17 ? -2.505  -14.418 -7.816  1.00 71.63  ? 17  DA  A C4    1 
ATOM   355 P  P     . DC  A 1 18 ? 2.718   -18.186 -8.792  1.00 75.32  ? 18  DC  A P     1 
ATOM   356 O  OP1   . DC  A 1 18 ? 4.041   -18.371 -8.154  1.00 80.33  ? 18  DC  A OP1   1 
ATOM   357 O  OP2   . DC  A 1 18 ? 2.578   -18.373 -10.256 1.00 76.38  ? 18  DC  A OP2   1 
ATOM   358 O  "O5'" . DC  A 1 18 ? 1.676   -19.146 -8.047  1.00 73.29  ? 18  DC  A "O5'" 1 
ATOM   359 C  "C5'" . DC  A 1 18 ? 0.306   -18.797 -8.018  1.00 69.03  ? 18  DC  A "C5'" 1 
ATOM   360 C  "C4'" . DC  A 1 18 ? -0.341  -19.245 -6.729  1.00 70.77  ? 18  DC  A "C4'" 1 
ATOM   361 O  "O4'" . DC  A 1 18 ? -1.492  -18.406 -6.471  1.00 68.78  ? 18  DC  A "O4'" 1 
ATOM   362 C  "C3'" . DC  A 1 18 ? -0.904  -20.649 -6.772  1.00 75.03  ? 18  DC  A "C3'" 1 
ATOM   363 O  "O3'" . DC  A 1 18 ? -1.131  -21.124 -5.437  1.00 75.76  ? 18  DC  A "O3'" 1 
ATOM   364 C  "C2'" . DC  A 1 18 ? -2.209  -20.401 -7.510  1.00 71.20  ? 18  DC  A "C2'" 1 
ATOM   365 C  "C1'" . DC  A 1 18 ? -2.668  -19.093 -6.861  1.00 69.57  ? 18  DC  A "C1'" 1 
ATOM   366 N  N1    . DC  A 1 18 ? -3.474  -18.192 -7.758  1.00 71.62  ? 18  DC  A N1    1 
ATOM   367 C  C2    . DC  A 1 18 ? -4.772  -17.821 -7.375  1.00 73.17  ? 18  DC  A C2    1 
ATOM   368 O  O2    . DC  A 1 18 ? -5.228  -18.253 -6.310  1.00 72.35  ? 18  DC  A O2    1 
ATOM   369 N  N3    . DC  A 1 18 ? -5.488  -17.001 -8.187  1.00 76.81  ? 18  DC  A N3    1 
ATOM   370 C  C4    . DC  A 1 18 ? -4.955  -16.557 -9.332  1.00 74.70  ? 18  DC  A C4    1 
ATOM   371 N  N4    . DC  A 1 18 ? -5.701  -15.752 -10.101 1.00 71.14  ? 18  DC  A N4    1 
ATOM   372 C  C5    . DC  A 1 18 ? -3.635  -16.923 -9.741  1.00 73.15  ? 18  DC  A C5    1 
ATOM   373 C  C6    . DC  A 1 18 ? -2.937  -17.731 -8.930  1.00 77.52  ? 18  DC  A C6    1 
ATOM   374 P  P     . DT  A 1 19 ? -1.517  -22.665 -5.167  1.00 80.20  ? 19  DT  A P     1 
ATOM   375 O  OP1   . DT  A 1 19 ? -0.502  -23.245 -4.255  1.00 91.47  ? 19  DT  A OP1   1 
ATOM   376 O  OP2   . DT  A 1 19 ? -1.798  -23.321 -6.465  1.00 83.81  ? 19  DT  A OP2   1 
ATOM   377 O  "O5'" . DT  A 1 19 ? -2.889  -22.571 -4.358  1.00 73.71  ? 19  DT  A "O5'" 1 
ATOM   378 C  "C5'" . DT  A 1 19 ? -3.810  -21.546 -4.651  1.00 71.92  ? 19  DT  A "C5'" 1 
ATOM   379 C  "C4'" . DT  A 1 19 ? -5.090  -21.763 -3.885  1.00 82.26  ? 19  DT  A "C4'" 1 
ATOM   380 O  "O4'" . DT  A 1 19 ? -6.136  -20.934 -4.440  1.00 83.12  ? 19  DT  A "O4'" 1 
ATOM   381 C  "C3'" . DT  A 1 19 ? -5.637  -23.168 -3.965  1.00 88.72  ? 19  DT  A "C3'" 1 
ATOM   382 O  "O3'" . DT  A 1 19 ? -6.501  -23.383 -2.863  1.00 90.50  ? 19  DT  A "O3'" 1 
ATOM   383 C  "C2'" . DT  A 1 19 ? -6.394  -23.128 -5.295  1.00 93.10  ? 19  DT  A "C2'" 1 
ATOM   384 C  "C1'" . DT  A 1 19 ? -6.981  -21.717 -5.271  1.00 89.16  ? 19  DT  A "C1'" 1 
ATOM   385 N  N1    . DT  A 1 19 ? -7.051  -21.038 -6.602  1.00 82.95  ? 19  DT  A N1    1 
ATOM   386 C  C2    . DT  A 1 19 ? -8.173  -20.302 -6.915  1.00 86.36  ? 19  DT  A C2    1 
ATOM   387 O  O2    . DT  A 1 19 ? -9.133  -20.204 -6.172  1.00 88.59  ? 19  DT  A O2    1 
ATOM   388 N  N3    . DT  A 1 19 ? -8.134  -19.689 -8.140  1.00 85.37  ? 19  DT  A N3    1 
ATOM   389 C  C4    . DT  A 1 19 ? -7.108  -19.727 -9.061  1.00 83.49  ? 19  DT  A C4    1 
ATOM   390 O  O4    . DT  A 1 19 ? -7.166  -19.145 -10.138 1.00 82.17  ? 19  DT  A O4    1 
ATOM   391 C  C5    . DT  A 1 19 ? -5.958  -20.502 -8.673  1.00 82.10  ? 19  DT  A C5    1 
ATOM   392 C  C7    . DT  A 1 19 ? -4.793  -20.612 -9.606  1.00 80.52  ? 19  DT  A C7    1 
ATOM   393 C  C6    . DT  A 1 19 ? -5.978  -21.110 -7.470  1.00 82.10  ? 19  DT  A C6    1 
ATOM   394 P  P     . DC  A 1 20 ? -7.193  -24.810 -2.629  1.00 104.01 ? 20  DC  A P     1 
ATOM   395 O  OP1   . DC  A 1 20 ? -7.428  -24.960 -1.174  1.00 107.13 ? 20  DC  A OP1   1 
ATOM   396 O  OP2   . DC  A 1 20 ? -6.421  -25.832 -3.378  1.00 102.06 ? 20  DC  A OP2   1 
ATOM   397 O  "O5'" . DC  A 1 20 ? -8.610  -24.651 -3.341  1.00 101.14 ? 20  DC  A "O5'" 1 
ATOM   398 C  "C5'" . DC  A 1 20 ? -9.431  -23.520 -3.055  1.00 101.83 ? 20  DC  A "C5'" 1 
ATOM   399 C  "C4'" . DC  A 1 20 ? -10.777 -23.665 -3.736  1.00 101.60 ? 20  DC  A "C4'" 1 
ATOM   400 O  "O4'" . DC  A 1 20 ? -10.751 -22.977 -5.017  1.00 97.70  ? 20  DC  A "O4'" 1 
ATOM   401 C  "C3'" . DC  A 1 20 ? -11.171 -25.106 -4.046  1.00 107.01 ? 20  DC  A "C3'" 1 
ATOM   402 O  "O3'" . DC  A 1 20 ? -12.585 -25.260 -3.943  1.00 109.58 ? 20  DC  A "O3'" 1 
ATOM   403 C  "C2'" . DC  A 1 20 ? -10.696 -25.266 -5.485  1.00 102.84 ? 20  DC  A "C2'" 1 
ATOM   404 C  "C1'" . DC  A 1 20 ? -11.039 -23.898 -6.051  1.00 101.91 ? 20  DC  A "C1'" 1 
ATOM   405 N  N1    . DC  A 1 20 ? -10.238 -23.524 -7.257  1.00 101.25 ? 20  DC  A N1    1 
ATOM   406 C  C2    . DC  A 1 20 ? -10.781 -22.640 -8.209  1.00 95.14  ? 20  DC  A C2    1 
ATOM   407 O  O2    . DC  A 1 20 ? -11.921 -22.183 -8.031  1.00 94.17  ? 20  DC  A O2    1 
ATOM   408 N  N3    . DC  A 1 20 ? -10.036 -22.311 -9.293  1.00 93.38  ? 20  DC  A N3    1 
ATOM   409 C  C4    . DC  A 1 20 ? -8.812  -22.824 -9.446  1.00 94.44  ? 20  DC  A C4    1 
ATOM   410 N  N4    . DC  A 1 20 ? -8.116  -22.474 -10.533 1.00 93.43  ? 20  DC  A N4    1 
ATOM   411 C  C5    . DC  A 1 20 ? -8.247  -23.726 -8.491  1.00 97.28  ? 20  DC  A C5    1 
ATOM   412 C  C6    . DC  A 1 20 ? -8.987  -24.044 -7.423  1.00 96.29  ? 20  DC  A C6    1 
ATOM   413 P  P     . DA  A 1 21 ? -13.219 -26.309 -2.900  1.00 106.63 ? 21  DA  A P     1 
ATOM   414 O  OP1   . DA  A 1 21 ? -12.428 -26.231 -1.653  1.00 103.82 ? 21  DA  A OP1   1 
ATOM   415 O  OP2   . DA  A 1 21 ? -13.383 -27.609 -3.593  1.00 104.34 ? 21  DA  A OP2   1 
ATOM   416 O  "O5'" . DA  A 1 21 ? -14.685 -25.723 -2.628  1.00 107.62 ? 21  DA  A "O5'" 1 
ATOM   417 C  "C5'" . DA  A 1 21 ? -14.961 -24.345 -2.908  1.00 110.52 ? 21  DA  A "C5'" 1 
ATOM   418 C  "C4'" . DA  A 1 21 ? -15.951 -24.189 -4.059  1.00 110.74 ? 21  DA  A "C4'" 1 
ATOM   419 O  "O4'" . DA  A 1 21 ? -15.239 -24.039 -5.317  1.00 105.09 ? 21  DA  A "O4'" 1 
ATOM   420 C  "C3'" . DA  A 1 21 ? -16.927 -25.347 -4.253  1.00 110.97 ? 21  DA  A "C3'" 1 
ATOM   421 O  "O3'" . DA  A 1 21 ? -18.228 -24.843 -4.544  1.00 112.93 ? 21  DA  A "O3'" 1 
ATOM   422 C  "C2'" . DA  A 1 21 ? -16.341 -26.113 -5.438  1.00 112.02 ? 21  DA  A "C2'" 1 
ATOM   423 C  "C1'" . DA  A 1 21 ? -15.685 -25.005 -6.252  1.00 106.23 ? 21  DA  A "C1'" 1 
ATOM   424 N  N9    . DA  A 1 21 ? -14.517 -25.458 -6.997  1.00 104.85 ? 21  DA  A N9    1 
ATOM   425 C  C8    . DA  A 1 21 ? -13.633 -26.427 -6.614  1.00 103.05 ? 21  DA  A C8    1 
ATOM   426 N  N7    . DA  A 1 21 ? -12.658 -26.623 -7.467  1.00 101.22 ? 21  DA  A N7    1 
ATOM   427 C  C5    . DA  A 1 21 ? -12.909 -25.711 -8.478  1.00 106.24 ? 21  DA  A C5    1 
ATOM   428 C  C6    . DA  A 1 21 ? -12.232 -25.418 -9.678  1.00 104.81 ? 21  DA  A C6    1 
ATOM   429 N  N6    . DA  A 1 21 ? -11.113 -26.047 -10.059 1.00 103.08 ? 21  DA  A N6    1 
ATOM   430 N  N1    . DA  A 1 21 ? -12.750 -24.451 -10.471 1.00 105.22 ? 21  DA  A N1    1 
ATOM   431 C  C2    . DA  A 1 21 ? -13.874 -23.824 -10.080 1.00 105.06 ? 21  DA  A C2    1 
ATOM   432 N  N3    . DA  A 1 21 ? -14.599 -24.015 -8.972  1.00 107.04 ? 21  DA  A N3    1 
ATOM   433 C  C4    . DA  A 1 21 ? -14.055 -24.982 -8.205  1.00 108.82 ? 21  DA  A C4    1 
ATOM   434 P  P     . DT  B 2 1  ? -0.529  -10.842 4.512   1.00 49.83  ? 0   DT  B P     1 
ATOM   435 O  OP1   . DT  B 2 1  ? -1.238  -12.087 4.124   1.00 44.85  ? 0   DT  B OP1   1 
ATOM   436 O  OP2   . DT  B 2 1  ? 0.946   -10.726 4.371   1.00 55.05  ? 0   DT  B OP2   1 
ATOM   437 O  "O5'" . DT  B 2 1  ? -1.205  -9.594  3.763   1.00 59.97  ? 0   DT  B "O5'" 1 
ATOM   438 C  "C5'" . DT  B 2 1  ? -1.639  -9.722  2.413   1.00 56.91  ? 0   DT  B "C5'" 1 
ATOM   439 C  "C4'" . DT  B 2 1  ? -0.627  -10.501 1.585   1.00 51.69  ? 0   DT  B "C4'" 1 
ATOM   440 O  "O4'" . DT  B 2 1  ? -1.309  -11.259 0.567   1.00 48.61  ? 0   DT  B "O4'" 1 
ATOM   441 C  "C3'" . DT  B 2 1  ? 0.425   -9.652  0.883   1.00 47.66  ? 0   DT  B "C3'" 1 
ATOM   442 O  "O3'" . DT  B 2 1  ? 1.719   -10.043 1.324   1.00 57.44  ? 0   DT  B "O3'" 1 
ATOM   443 C  "C2'" . DT  B 2 1  ? 0.240   -9.930  -0.614  1.00 61.65  ? 0   DT  B "C2'" 1 
ATOM   444 C  "C1'" . DT  B 2 1  ? -1.070  -10.703 -0.700  1.00 56.09  ? 0   DT  B "C1'" 1 
ATOM   445 N  N1    . DT  B 2 1  ? -2.272  -9.876  -1.115  1.00 60.83  ? 0   DT  B N1    1 
ATOM   446 C  C2    . DT  B 2 1  ? -2.258  -9.183  -2.312  1.00 57.59  ? 0   DT  B C2    1 
ATOM   447 O  O2    . DT  B 2 1  ? -1.309  -9.171  -3.076  1.00 55.05  ? 0   DT  B O2    1 
ATOM   448 N  N3    . DT  B 2 1  ? -3.410  -8.485  -2.574  1.00 52.96  ? 0   DT  B N3    1 
ATOM   449 C  C4    . DT  B 2 1  ? -4.545  -8.421  -1.796  1.00 52.84  ? 0   DT  B C4    1 
ATOM   450 O  O4    . DT  B 2 1  ? -5.532  -7.768  -2.112  1.00 57.51  ? 0   DT  B O4    1 
ATOM   451 C  C5    . DT  B 2 1  ? -4.493  -9.168  -0.577  1.00 62.05  ? 0   DT  B C5    1 
ATOM   452 C  C7    . DT  B 2 1  ? -5.665  -9.162  0.342   1.00 65.81  ? 0   DT  B C7    1 
ATOM   453 C  C6    . DT  B 2 1  ? -3.382  -9.858  -0.302  1.00 62.58  ? 0   DT  B C6    1 
ATOM   454 P  P     . DC  B 2 2  ? 2.840   -8.929  1.624   1.00 61.79  ? 1   DC  B P     1 
ATOM   455 O  OP1   . DC  B 2 2  ? 4.121   -9.624  1.895   1.00 61.02  ? 1   DC  B OP1   1 
ATOM   456 O  OP2   . DC  B 2 2  ? 2.269   -7.937  2.569   1.00 56.69  ? 1   DC  B OP2   1 
ATOM   457 O  "O5'" . DC  B 2 2  ? 3.007   -8.188  0.239   1.00 64.60  ? 1   DC  B "O5'" 1 
ATOM   458 C  "C5'" . DC  B 2 2  ? 3.562   -8.860  -0.858  1.00 66.45  ? 1   DC  B "C5'" 1 
ATOM   459 C  "C4'" . DC  B 2 2  ? 3.637   -7.898  -2.002  1.00 59.67  ? 1   DC  B "C4'" 1 
ATOM   460 O  "O4'" . DC  B 2 2  ? 2.287   -7.593  -2.423  1.00 54.01  ? 1   DC  B "O4'" 1 
ATOM   461 C  "C3'" . DC  B 2 2  ? 4.282   -6.570  -1.619  1.00 59.77  ? 1   DC  B "C3'" 1 
ATOM   462 O  "O3'" . DC  B 2 2  ? 5.186   -6.155  -2.621  1.00 66.82  ? 1   DC  B "O3'" 1 
ATOM   463 C  "C2'" . DC  B 2 2  ? 3.101   -5.608  -1.461  1.00 63.68  ? 1   DC  B "C2'" 1 
ATOM   464 C  "C1'" . DC  B 2 2  ? 2.070   -6.202  -2.407  1.00 68.44  ? 1   DC  B "C1'" 1 
ATOM   465 N  N1    . DC  B 2 2  ? 0.654   -5.963  -1.995  1.00 69.47  ? 1   DC  B N1    1 
ATOM   466 C  C2    . DC  B 2 2  ? -0.218  -5.346  -2.895  1.00 70.08  ? 1   DC  B C2    1 
ATOM   467 O  O2    . DC  B 2 2  ? 0.216   -5.001  -4.004  1.00 71.13  ? 1   DC  B O2    1 
ATOM   468 N  N3    . DC  B 2 2  ? -1.505  -5.138  -2.523  1.00 71.57  ? 1   DC  B N3    1 
ATOM   469 C  C4    . DC  B 2 2  ? -1.923  -5.528  -1.311  1.00 70.31  ? 1   DC  B C4    1 
ATOM   470 N  N4    . DC  B 2 2  ? -3.203  -5.303  -0.989  1.00 72.91  ? 1   DC  B N4    1 
ATOM   471 C  C5    . DC  B 2 2  ? -1.045  -6.163  -0.378  1.00 68.15  ? 1   DC  B C5    1 
ATOM   472 C  C6    . DC  B 2 2  ? 0.223   -6.362  -0.761  1.00 65.86  ? 1   DC  B C6    1 
ATOM   473 P  P     . DG  B 2 3  ? 6.302   -5.054  -2.274  1.00 73.74  ? 2   DG  B P     1 
ATOM   474 O  OP1   . DG  B 2 3  ? 7.621   -5.592  -2.690  1.00 74.17  ? 2   DG  B OP1   1 
ATOM   475 O  OP2   . DG  B 2 3  ? 6.061   -4.625  -0.875  1.00 69.09  ? 2   DG  B OP2   1 
ATOM   476 O  "O5'" . DG  B 2 3  ? 5.926   -3.827  -3.222  1.00 72.41  ? 2   DG  B "O5'" 1 
ATOM   477 C  "C5'" . DG  B 2 3  ? 5.494   -4.068  -4.544  1.00 66.25  ? 2   DG  B "C5'" 1 
ATOM   478 C  "C4'" . DG  B 2 3  ? 4.566   -2.964  -4.989  1.00 69.95  ? 2   DG  B "C4'" 1 
ATOM   479 O  "O4'" . DG  B 2 3  ? 3.279   -3.166  -4.403  1.00 63.56  ? 2   DG  B "O4'" 1 
ATOM   480 C  "C3'" . DG  B 2 3  ? 4.991   -1.564  -4.554  1.00 76.98  ? 2   DG  B "C3'" 1 
ATOM   481 O  "O3'" . DG  B 2 3  ? 5.648   -0.910  -5.653  1.00 87.97  ? 2   DG  B "O3'" 1 
ATOM   482 C  "C2'" . DG  B 2 3  ? 3.673   -0.867  -4.134  1.00 73.90  ? 2   DG  B "C2'" 1 
ATOM   483 C  "C1'" . DG  B 2 3  ? 2.609   -1.936  -4.366  1.00 72.81  ? 2   DG  B "C1'" 1 
ATOM   484 N  N9    . DG  B 2 3  ? 1.608   -2.025  -3.315  1.00 72.54  ? 2   DG  B N9    1 
ATOM   485 C  C8    . DG  B 2 3  ? 1.776   -2.579  -2.070  1.00 70.94  ? 2   DG  B C8    1 
ATOM   486 N  N7    . DG  B 2 3  ? 0.699   -2.552  -1.337  1.00 70.37  ? 2   DG  B N7    1 
ATOM   487 C  C5    . DG  B 2 3  ? -0.251  -1.952  -2.151  1.00 71.92  ? 2   DG  B C5    1 
ATOM   488 C  C6    . DG  B 2 3  ? -1.611  -1.654  -1.895  1.00 74.64  ? 2   DG  B C6    1 
ATOM   489 O  O6    . DG  B 2 3  ? -2.258  -1.867  -0.862  1.00 73.80  ? 2   DG  B O6    1 
ATOM   490 N  N1    . DG  B 2 3  ? -2.222  -1.043  -2.990  1.00 82.68  ? 2   DG  B N1    1 
ATOM   491 C  C2    . DG  B 2 3  ? -1.596  -0.754  -4.186  1.00 79.38  ? 2   DG  B C2    1 
ATOM   492 N  N2    . DG  B 2 3  ? -2.347  -0.162  -5.127  1.00 79.28  ? 2   DG  B N2    1 
ATOM   493 N  N3    . DG  B 2 3  ? -0.316  -1.028  -4.438  1.00 75.97  ? 2   DG  B N3    1 
ATOM   494 C  C4    . DG  B 2 3  ? 0.291   -1.624  -3.379  1.00 77.39  ? 2   DG  B C4    1 
ATOM   495 P  P     . DT  B 2 4  ? 5.799   0.692   -5.717  1.00 97.61  ? 3   DT  B P     1 
ATOM   496 O  OP1   . DT  B 2 4  ? 6.894   0.998   -6.670  1.00 97.36  ? 3   DT  B OP1   1 
ATOM   497 O  OP2   . DT  B 2 4  ? 5.872   1.223   -4.333  1.00 92.86  ? 3   DT  B OP2   1 
ATOM   498 O  "O5'" . DT  B 2 4  ? 4.432   1.171   -6.393  1.00 73.93  ? 3   DT  B "O5'" 1 
ATOM   499 C  "C5'" . DT  B 2 4  ? 3.716   2.244   -5.832  1.00 68.36  ? 3   DT  B "C5'" 1 
ATOM   500 C  "C4'" . DT  B 2 4  ? 2.632   2.710   -6.772  1.00 64.42  ? 3   DT  B "C4'" 1 
ATOM   501 O  "O4'" . DT  B 2 4  ? 1.355   2.199   -6.317  1.00 68.41  ? 3   DT  B "O4'" 1 
ATOM   502 C  "C3'" . DT  B 2 4  ? 2.445   4.203   -6.789  1.00 69.27  ? 3   DT  B "C3'" 1 
ATOM   503 O  "O3'" . DT  B 2 4  ? 1.702   4.585   -7.959  1.00 72.03  ? 3   DT  B "O3'" 1 
ATOM   504 C  "C2'" . DT  B 2 4  ? 1.637   4.389   -5.514  1.00 60.37  ? 3   DT  B "C2'" 1 
ATOM   505 C  "C1'" . DT  B 2 4  ? 0.667   3.214   -5.604  1.00 64.32  ? 3   DT  B "C1'" 1 
ATOM   506 N  N1    . DT  B 2 4  ? 0.245   2.648   -4.272  1.00 76.11  ? 3   DT  B N1    1 
ATOM   507 C  C2    . DT  B 2 4  ? -1.080  2.725   -3.880  1.00 77.91  ? 3   DT  B C2    1 
ATOM   508 O  O2    . DT  B 2 4  ? -1.946  3.252   -4.555  1.00 76.12  ? 3   DT  B O2    1 
ATOM   509 N  N3    . DT  B 2 4  ? -1.349  2.154   -2.650  1.00 81.12  ? 3   DT  B N3    1 
ATOM   510 C  C4    . DT  B 2 4  ? -0.445  1.532   -1.803  1.00 78.02  ? 3   DT  B C4    1 
ATOM   511 O  O4    . DT  B 2 4  ? -0.772  1.050   -0.720  1.00 79.85  ? 3   DT  B O4    1 
ATOM   512 C  C5    . DT  B 2 4  ? 0.918   1.487   -2.282  1.00 71.20  ? 3   DT  B C5    1 
ATOM   513 C  C7    . DT  B 2 4  ? 1.985   0.839   -1.455  1.00 80.15  ? 3   DT  B C7    1 
ATOM   514 C  C6    . DT  B 2 4  ? 1.189   2.035   -3.474  1.00 75.89  ? 3   DT  B C6    1 
ATOM   515 P  P     . DC  B 2 5  ? 1.958   6.010   -8.671  1.00 56.12  ? 4   DC  B P     1 
ATOM   516 O  OP1   . DC  B 2 5  ? 2.011   5.789   -10.134 1.00 83.69  ? 4   DC  B OP1   1 
ATOM   517 O  OP2   . DC  B 2 5  ? 3.090   6.690   -7.993  1.00 55.82  ? 4   DC  B OP2   1 
ATOM   518 O  "O5'" . DC  B 2 5  ? 0.630   6.841   -8.348  1.00 61.55  ? 4   DC  B "O5'" 1 
ATOM   519 C  "C5'" . DC  B 2 5  ? 0.235   7.030   -7.007  1.00 56.54  ? 4   DC  B "C5'" 1 
ATOM   520 C  "C4'" . DC  B 2 5  ? -1.208  7.453   -6.928  1.00 58.92  ? 4   DC  B "C4'" 1 
ATOM   521 O  "O4'" . DC  B 2 5  ? -1.886  6.665   -5.921  1.00 56.53  ? 4   DC  B "O4'" 1 
ATOM   522 C  "C3'" . DC  B 2 5  ? -1.399  8.884   -6.496  1.00 60.97  ? 4   DC  B "C3'" 1 
ATOM   523 O  "O3'" . DC  B 2 5  ? -2.659  9.371   -6.946  1.00 67.89  ? 4   DC  B "O3'" 1 
ATOM   524 C  "C2'" . DC  B 2 5  ? -1.332  8.760   -4.981  1.00 60.96  ? 4   DC  B "C2'" 1 
ATOM   525 C  "C1'" . DC  B 2 5  ? -2.021  7.423   -4.729  1.00 62.53  ? 4   DC  B "C1'" 1 
ATOM   526 N  N1    . DC  B 2 5  ? -1.423  6.620   -3.589  1.00 69.61  ? 4   DC  B N1    1 
ATOM   527 C  C2    . DC  B 2 5  ? -2.251  6.127   -2.563  1.00 73.15  ? 4   DC  B C2    1 
ATOM   528 O  O2    . DC  B 2 5  ? -3.465  6.366   -2.601  1.00 79.80  ? 4   DC  B O2    1 
ATOM   529 N  N3    . DC  B 2 5  ? -1.693  5.396   -1.558  1.00 74.91  ? 4   DC  B N3    1 
ATOM   530 C  C4    . DC  B 2 5  ? -0.379  5.157   -1.555  1.00 73.39  ? 4   DC  B C4    1 
ATOM   531 N  N4    . DC  B 2 5  ? 0.128   4.434   -0.549  1.00 74.09  ? 4   DC  B N4    1 
ATOM   532 C  C5    . DC  B 2 5  ? 0.476   5.653   -2.584  1.00 72.80  ? 4   DC  B C5    1 
ATOM   533 C  C6    . DC  B 2 5  ? -0.083  6.372   -3.568  1.00 69.61  ? 4   DC  B C6    1 
ATOM   534 P  P     . DA  B 2 6  ? -2.720  10.666  -7.902  1.00 68.66  ? 5   DA  B P     1 
ATOM   535 O  OP1   . DA  B 2 6  ? -3.722  10.434  -8.971  1.00 73.25  ? 5   DA  B OP1   1 
ATOM   536 O  OP2   . DA  B 2 6  ? -1.326  11.020  -8.273  1.00 58.00  ? 5   DA  B OP2   1 
ATOM   537 O  "O5'" . DA  B 2 6  ? -3.282  11.809  -6.944  1.00 64.25  ? 5   DA  B "O5'" 1 
ATOM   538 C  "C5'" . DA  B 2 6  ? -2.661  12.046  -5.698  1.00 61.47  ? 5   DA  B "C5'" 1 
ATOM   539 C  "C4'" . DA  B 2 6  ? -3.637  11.792  -4.578  1.00 49.32  ? 5   DA  B "C4'" 1 
ATOM   540 O  "O4'" . DA  B 2 6  ? -3.172  10.696  -3.753  1.00 56.62  ? 5   DA  B "O4'" 1 
ATOM   541 C  "C3'" . DA  B 2 6  ? -3.810  12.950  -3.632  1.00 41.47  ? 5   DA  B "C3'" 1 
ATOM   542 O  "O3'" . DA  B 2 6  ? -5.096  12.882  -3.071  1.00 35.50  ? 5   DA  B "O3'" 1 
ATOM   543 C  "C2'" . DA  B 2 6  ? -2.736  12.662  -2.596  1.00 49.99  ? 5   DA  B "C2'" 1 
ATOM   544 C  "C1'" . DA  B 2 6  ? -2.915  11.167  -2.442  1.00 58.84  ? 5   DA  B "C1'" 1 
ATOM   545 N  N9    . DA  B 2 6  ? -1.747  10.457  -1.914  1.00 61.40  ? 5   DA  B N9    1 
ATOM   546 C  C8    . DA  B 2 6  ? -0.473  10.478  -2.408  1.00 59.31  ? 5   DA  B C8    1 
ATOM   547 N  N7    . DA  B 2 6  ? 0.369   9.714   -1.746  1.00 61.32  ? 5   DA  B N7    1 
ATOM   548 C  C5    . DA  B 2 6  ? -0.405  9.152   -0.745  1.00 67.84  ? 5   DA  B C5    1 
ATOM   549 C  C6    . DA  B 2 6  ? -0.103  8.254   0.306   1.00 68.84  ? 5   DA  B C6    1 
ATOM   550 N  N6    . DA  B 2 6  ? 1.120   7.749   0.511   1.00 74.67  ? 5   DA  B N6    1 
ATOM   551 N  N1    . DA  B 2 6  ? -1.109  7.893   1.137   1.00 66.79  ? 5   DA  B N1    1 
ATOM   552 C  C2    . DA  B 2 6  ? -2.332  8.405   0.922   1.00 73.99  ? 5   DA  B C2    1 
ATOM   553 N  N3    . DA  B 2 6  ? -2.735  9.259   -0.028  1.00 73.99  ? 5   DA  B N3    1 
ATOM   554 C  C4    . DA  B 2 6  ? -1.714  9.596   -0.833  1.00 67.92  ? 5   DA  B C4    1 
ATOM   555 O  "O5'" . DT  C 3 1  ? -4.559  -31.543 -16.601 1.00 117.52 ? 1   DT  C "O5'" 1 
ATOM   556 C  "C5'" . DT  C 3 1  ? -4.703  -31.869 -17.980 1.00 116.22 ? 1   DT  C "C5'" 1 
ATOM   557 C  "C4'" . DT  C 3 1  ? -5.951  -31.225 -18.555 1.00 112.50 ? 1   DT  C "C4'" 1 
ATOM   558 O  "O4'" . DT  C 3 1  ? -7.110  -31.787 -17.911 1.00 108.04 ? 1   DT  C "O4'" 1 
ATOM   559 C  "C3'" . DT  C 3 1  ? -6.055  -29.716 -18.326 1.00 111.13 ? 1   DT  C "C3'" 1 
ATOM   560 O  "O3'" . DT  C 3 1  ? -5.668  -28.967 -19.519 1.00 113.97 ? 1   DT  C "O3'" 1 
ATOM   561 C  "C2'" . DT  C 3 1  ? -7.517  -29.480 -17.914 1.00 105.12 ? 1   DT  C "C2'" 1 
ATOM   562 C  "C1'" . DT  C 3 1  ? -8.155  -30.861 -18.003 1.00 106.13 ? 1   DT  C "C1'" 1 
ATOM   563 N  N1    . DT  C 3 1  ? -9.115  -31.123 -16.910 1.00 109.06 ? 1   DT  C N1    1 
ATOM   564 C  C2    . DT  C 3 1  ? -10.379 -30.597 -16.997 1.00 111.76 ? 1   DT  C C2    1 
ATOM   565 O  O2    . DT  C 3 1  ? -10.756 -29.924 -17.942 1.00 109.65 ? 1   DT  C O2    1 
ATOM   566 N  N3    . DT  C 3 1  ? -11.194 -30.886 -15.934 1.00 115.46 ? 1   DT  C N3    1 
ATOM   567 C  C4    . DT  C 3 1  ? -10.873 -31.635 -14.813 1.00 117.07 ? 1   DT  C C4    1 
ATOM   568 O  O4    . DT  C 3 1  ? -11.677 -31.841 -13.907 1.00 117.01 ? 1   DT  C O4    1 
ATOM   569 C  C5    . DT  C 3 1  ? -9.524  -32.154 -14.786 1.00 116.55 ? 1   DT  C C5    1 
ATOM   570 C  C7    . DT  C 3 1  ? -9.055  -32.978 -13.624 1.00 119.24 ? 1   DT  C C7    1 
ATOM   571 C  C6    . DT  C 3 1  ? -8.720  -31.875 -15.823 1.00 112.36 ? 1   DT  C C6    1 
ATOM   572 P  P     . DC  C 3 2  ? -6.685  -28.701 -20.745 1.00 123.69 ? 2   DC  C P     1 
ATOM   573 O  OP1   . DC  C 3 2  ? -7.355  -29.978 -21.084 1.00 126.23 ? 2   DC  C OP1   1 
ATOM   574 O  OP2   . DC  C 3 2  ? -5.918  -27.984 -21.792 1.00 117.63 ? 2   DC  C OP2   1 
ATOM   575 O  "O5'" . DC  C 3 2  ? -7.784  -27.691 -20.161 1.00 111.29 ? 2   DC  C "O5'" 1 
ATOM   576 C  "C5'" . DC  C 3 2  ? -7.716  -26.305 -20.452 1.00 109.05 ? 2   DC  C "C5'" 1 
ATOM   577 C  "C4'" . DC  C 3 2  ? -9.113  -25.724 -20.536 1.00 107.65 ? 2   DC  C "C4'" 1 
ATOM   578 O  "O4'" . DC  C 3 2  ? -9.995  -26.458 -19.643 1.00 104.52 ? 2   DC  C "O4'" 1 
ATOM   579 C  "C3'" . DC  C 3 2  ? -9.234  -24.263 -20.122 1.00 110.18 ? 2   DC  C "C3'" 1 
ATOM   580 O  "O3'" . DC  C 3 2  ? -10.274 -23.646 -20.863 1.00 116.92 ? 2   DC  C "O3'" 1 
ATOM   581 C  "C2'" . DC  C 3 2  ? -9.595  -24.374 -18.646 1.00 111.71 ? 2   DC  C "C2'" 1 
ATOM   582 C  "C1'" . DC  C 3 2  ? -10.520 -25.582 -18.666 1.00 107.83 ? 2   DC  C "C1'" 1 
ATOM   583 N  N1    . DC  C 3 2  ? -10.580 -26.308 -17.370 1.00 106.73 ? 2   DC  C N1    1 
ATOM   584 C  C2    . DC  C 3 2  ? -11.767 -26.298 -16.630 1.00 109.69 ? 2   DC  C C2    1 
ATOM   585 O  O2    . DC  C 3 2  ? -12.747 -25.684 -17.069 1.00 111.96 ? 2   DC  C O2    1 
ATOM   586 N  N3    . DC  C 3 2  ? -11.808 -26.968 -15.450 1.00 109.88 ? 2   DC  C N3    1 
ATOM   587 C  C4    . DC  C 3 2  ? -10.727 -27.621 -15.013 1.00 110.14 ? 2   DC  C C4    1 
ATOM   588 N  N4    . DC  C 3 2  ? -10.815 -28.264 -13.842 1.00 107.78 ? 2   DC  C N4    1 
ATOM   589 C  C5    . DC  C 3 2  ? -9.509  -27.638 -15.756 1.00 109.09 ? 2   DC  C C5    1 
ATOM   590 C  C6    . DC  C 3 2  ? -9.483  -26.974 -16.917 1.00 105.45 ? 2   DC  C C6    1 
ATOM   591 P  P     . DT  C 3 3  ? -10.378 -22.045 -20.940 1.00 132.52 ? 3   DT  C P     1 
ATOM   592 O  OP1   . DT  C 3 3  ? -11.223 -21.693 -22.105 1.00 135.34 ? 3   DT  C OP1   1 
ATOM   593 O  OP2   . DT  C 3 3  ? -9.003  -21.504 -20.834 1.00 132.01 ? 3   DT  C OP2   1 
ATOM   594 O  "O5'" . DT  C 3 3  ? -11.176 -21.643 -19.613 1.00 116.17 ? 3   DT  C "O5'" 1 
ATOM   595 C  "C5'" . DT  C 3 3  ? -12.442 -22.227 -19.325 1.00 113.95 ? 3   DT  C "C5'" 1 
ATOM   596 C  "C4'" . DT  C 3 3  ? -13.086 -21.506 -18.159 1.00 112.77 ? 3   DT  C "C4'" 1 
ATOM   597 O  "O4'" . DT  C 3 3  ? -13.027 -22.342 -16.970 1.00 110.11 ? 3   DT  C "O4'" 1 
ATOM   598 C  "C3'" . DT  C 3 3  ? -12.404 -20.188 -17.793 1.00 109.12 ? 3   DT  C "C3'" 1 
ATOM   599 O  "O3'" . DT  C 3 3  ? -13.375 -19.168 -17.575 1.00 106.56 ? 3   DT  C "O3'" 1 
ATOM   600 C  "C2'" . DT  C 3 3  ? -11.633 -20.528 -16.518 1.00 103.80 ? 3   DT  C "C2'" 1 
ATOM   601 C  "C1'" . DT  C 3 3  ? -12.521 -21.590 -15.892 1.00 104.72 ? 3   DT  C "C1'" 1 
ATOM   602 N  N1    . DT  C 3 3  ? -11.787 -22.514 -14.962 1.00 108.08 ? 3   DT  C N1    1 
ATOM   603 C  C2    . DT  C 3 3  ? -12.420 -22.973 -13.825 1.00 107.40 ? 3   DT  C C2    1 
ATOM   604 O  O2    . DT  C 3 3  ? -13.561 -22.669 -13.526 1.00 107.12 ? 3   DT  C O2    1 
ATOM   605 N  N3    . DT  C 3 3  ? -11.662 -23.813 -13.045 1.00 105.31 ? 3   DT  C N3    1 
ATOM   606 C  C4    . DT  C 3 3  ? -10.362 -24.229 -13.282 1.00 106.02 ? 3   DT  C C4    1 
ATOM   607 O  O4    . DT  C 3 3  ? -9.765  -24.988 -12.522 1.00 101.71 ? 3   DT  C O4    1 
ATOM   608 C  C5    . DT  C 3 3  ? -9.758  -23.708 -14.491 1.00 107.06 ? 3   DT  C C5    1 
ATOM   609 C  C7    . DT  C 3 3  ? -8.352  -24.086 -14.856 1.00 107.70 ? 3   DT  C C7    1 
ATOM   610 C  C6    . DT  C 3 3  ? -10.491 -22.887 -15.261 1.00 105.97 ? 3   DT  C C6    1 
ATOM   611 P  P     . DG  C 3 4  ? -13.403 -17.868 -18.524 1.00 101.26 ? 4   DG  C P     1 
ATOM   612 O  OP1   . DG  C 3 4  ? -14.219 -18.211 -19.712 1.00 107.33 ? 4   DG  C OP1   1 
ATOM   613 O  OP2   . DG  C 3 4  ? -12.010 -17.398 -18.696 1.00 102.07 ? 4   DG  C OP2   1 
ATOM   614 O  "O5'" . DG  C 3 4  ? -14.171 -16.768 -17.649 1.00 96.60  ? 4   DG  C "O5'" 1 
ATOM   615 C  "C5'" . DG  C 3 4  ? -15.506 -17.013 -17.213 1.00 99.16  ? 4   DG  C "C5'" 1 
ATOM   616 C  "C4'" . DG  C 3 4  ? -15.621 -16.946 -15.694 1.00 99.33  ? 4   DG  C "C4'" 1 
ATOM   617 O  "O4'" . DG  C 3 4  ? -14.716 -17.902 -15.084 1.00 94.93  ? 4   DG  C "O4'" 1 
ATOM   618 C  "C3'" . DG  C 3 4  ? -15.297 -15.588 -15.057 1.00 98.39  ? 4   DG  C "C3'" 1 
ATOM   619 O  "O3'" . DG  C 3 4  ? -16.299 -15.262 -14.093 1.00 102.12 ? 4   DG  C "O3'" 1 
ATOM   620 C  "C2'" . DG  C 3 4  ? -13.941 -15.824 -14.390 1.00 95.24  ? 4   DG  C "C2'" 1 
ATOM   621 C  "C1'" . DG  C 3 4  ? -14.050 -17.286 -14.006 1.00 93.02  ? 4   DG  C "C1'" 1 
ATOM   622 N  N9    . DG  C 3 4  ? -12.759 -17.940 -13.838 1.00 91.03  ? 4   DG  C N9    1 
ATOM   623 C  C8    . DG  C 3 4  ? -11.659 -17.803 -14.645 1.00 92.72  ? 4   DG  C C8    1 
ATOM   624 N  N7    . DG  C 3 4  ? -10.637 -18.513 -14.255 1.00 93.90  ? 4   DG  C N7    1 
ATOM   625 C  C5    . DG  C 3 4  ? -11.089 -19.165 -13.116 1.00 93.61  ? 4   DG  C C5    1 
ATOM   626 C  C6    . DG  C 3 4  ? -10.424 -20.074 -12.261 1.00 88.26  ? 4   DG  C C6    1 
ATOM   627 O  O6    . DG  C 3 4  ? -9.262  -20.493 -12.352 1.00 90.44  ? 4   DG  C O6    1 
ATOM   628 N  N1    . DG  C 3 4  ? -11.239 -20.498 -11.220 1.00 87.07  ? 4   DG  C N1    1 
ATOM   629 C  C2    . DG  C 3 4  ? -12.543 -20.097 -11.024 1.00 88.21  ? 4   DG  C C2    1 
ATOM   630 N  N2    . DG  C 3 4  ? -13.177 -20.617 -9.963  1.00 95.14  ? 4   DG  C N2    1 
ATOM   631 N  N3    . DG  C 3 4  ? -13.182 -19.245 -11.819 1.00 89.74  ? 4   DG  C N3    1 
ATOM   632 C  C4    . DG  C 3 4  ? -12.396 -18.822 -12.841 1.00 94.25  ? 4   DG  C C4    1 
ATOM   633 P  P     . DA  C 3 5  ? -16.444 -13.763 -13.523 1.00 112.79 ? 5   DA  C P     1 
ATOM   634 O  OP1   . DA  C 3 5  ? -17.686 -13.191 -14.090 1.00 118.48 ? 5   DA  C OP1   1 
ATOM   635 O  OP2   . DA  C 3 5  ? -15.161 -13.053 -13.726 1.00 113.92 ? 5   DA  C OP2   1 
ATOM   636 O  "O5'" . DA  C 3 5  ? -16.626 -13.968 -11.944 1.00 104.11 ? 5   DA  C "O5'" 1 
ATOM   637 C  "C5'" . DA  C 3 5  ? -17.485 -14.993 -11.450 1.00 102.68 ? 5   DA  C "C5'" 1 
ATOM   638 C  "C4'" . DA  C 3 5  ? -17.081 -15.410 -10.042 1.00 96.36  ? 5   DA  C "C4'" 1 
ATOM   639 O  "O4'" . DA  C 3 5  ? -15.857 -16.185 -10.095 1.00 93.61  ? 5   DA  C "O4'" 1 
ATOM   640 C  "C3'" . DA  C 3 5  ? -16.822 -14.258 -9.068  1.00 91.75  ? 5   DA  C "C3'" 1 
ATOM   641 O  "O3'" . DA  C 3 5  ? -17.467 -14.524 -7.827  1.00 88.85  ? 5   DA  C "O3'" 1 
ATOM   642 C  "C2'" . DA  C 3 5  ? -15.296 -14.231 -8.927  1.00 88.79  ? 5   DA  C "C2'" 1 
ATOM   643 C  "C1'" . DA  C 3 5  ? -14.923 -15.685 -9.161  1.00 89.41  ? 5   DA  C "C1'" 1 
ATOM   644 N  N9    . DA  C 3 5  ? -13.589 -15.861 -9.732  1.00 88.14  ? 5   DA  C N9    1 
ATOM   645 C  C8    . DA  C 3 5  ? -13.082 -15.231 -10.834 1.00 92.53  ? 5   DA  C C8    1 
ATOM   646 N  N7    . DA  C 3 5  ? -11.856 -15.587 -11.135 1.00 86.98  ? 5   DA  C N7    1 
ATOM   647 C  C5    . DA  C 3 5  ? -11.536 -16.524 -10.166 1.00 85.78  ? 5   DA  C C5    1 
ATOM   648 C  C6    . DA  C 3 5  ? -10.374 -17.281 -9.934  1.00 86.26  ? 5   DA  C C6    1 
ATOM   649 N  N6    . DA  C 3 5  ? -9.283  -17.198 -10.702 1.00 86.90  ? 5   DA  C N6    1 
ATOM   650 N  N1    . DA  C 3 5  ? -10.377 -18.128 -8.876  1.00 86.48  ? 5   DA  C N1    1 
ATOM   651 C  C2    . DA  C 3 5  ? -11.476 -18.203 -8.109  1.00 87.45  ? 5   DA  C C2    1 
ATOM   652 N  N3    . DA  C 3 5  ? -12.630 -17.541 -8.232  1.00 89.89  ? 5   DA  C N3    1 
ATOM   653 C  C4    . DA  C 3 5  ? -12.593 -16.709 -9.293  1.00 88.22  ? 5   DA  C C4    1 
ATOM   654 P  P     . DG  C 3 6  ? -17.325 -13.493 -6.601  1.00 93.71  ? 6   DG  C P     1 
ATOM   655 O  OP1   . DG  C 3 6  ? -18.592 -13.530 -5.833  1.00 91.67  ? 6   DG  C OP1   1 
ATOM   656 O  OP2   . DG  C 3 6  ? -16.814 -12.208 -7.136  1.00 90.98  ? 6   DG  C OP2   1 
ATOM   657 O  "O5'" . DG  C 3 6  ? -16.161 -14.126 -5.706  1.00 91.07  ? 6   DG  C "O5'" 1 
ATOM   658 C  "C5'" . DG  C 3 6  ? -16.023 -15.537 -5.614  1.00 87.50  ? 6   DG  C "C5'" 1 
ATOM   659 C  "C4'" . DG  C 3 6  ? -14.868 -15.903 -4.700  1.00 84.17  ? 6   DG  C "C4'" 1 
ATOM   660 O  "O4'" . DG  C 3 6  ? -13.671 -16.141 -5.489  1.00 82.13  ? 6   DG  C "O4'" 1 
ATOM   661 C  "C3'" . DG  C 3 6  ? -14.492 -14.836 -3.671  1.00 80.59  ? 6   DG  C "C3'" 1 
ATOM   662 O  "O3'" . DG  C 3 6  ? -14.202 -15.451 -2.415  1.00 87.19  ? 6   DG  C "O3'" 1 
ATOM   663 C  "C2'" . DG  C 3 6  ? -13.253 -14.190 -4.282  1.00 75.21  ? 6   DG  C "C2'" 1 
ATOM   664 C  "C1'" . DG  C 3 6  ? -12.605 -15.384 -4.963  1.00 78.08  ? 6   DG  C "C1'" 1 
ATOM   665 N  N9    . DG  C 3 6  ? -11.717 -15.014 -6.058  1.00 82.11  ? 6   DG  C N9    1 
ATOM   666 C  C8    . DG  C 3 6  ? -11.982 -14.116 -7.069  1.00 81.99  ? 6   DG  C C8    1 
ATOM   667 N  N7    . DG  C 3 6  ? -10.998 -13.977 -7.914  1.00 79.96  ? 6   DG  C N7    1 
ATOM   668 C  C5    . DG  C 3 6  ? -10.016 -14.839 -7.439  1.00 81.18  ? 6   DG  C C5    1 
ATOM   669 C  C6    . DG  C 3 6  ? -8.722  -15.117 -7.947  1.00 79.15  ? 6   DG  C C6    1 
ATOM   670 O  O6    . DG  C 3 6  ? -8.172  -14.640 -8.951  1.00 74.49  ? 6   DG  C O6    1 
ATOM   671 N  N1    . DG  C 3 6  ? -8.051  -16.055 -7.162  1.00 81.31  ? 6   DG  C N1    1 
ATOM   672 C  C2    . DG  C 3 6  ? -8.563  -16.650 -6.026  1.00 79.29  ? 6   DG  C C2    1 
ATOM   673 N  N2    . DG  C 3 6  ? -7.769  -17.531 -5.399  1.00 76.77  ? 6   DG  C N2    1 
ATOM   674 N  N3    . DG  C 3 6  ? -9.777  -16.397 -5.539  1.00 78.43  ? 6   DG  C N3    1 
ATOM   675 C  C4    . DG  C 3 6  ? -10.444 -15.486 -6.294  1.00 78.50  ? 6   DG  C C4    1 
ATOM   676 P  P     . DT  C 3 7  ? -13.680 -14.562 -1.180  1.00 81.03  ? 7   DT  C P     1 
ATOM   677 O  OP1   . DT  C 3 7  ? -13.803 -15.370 0.057   1.00 72.43  ? 7   DT  C OP1   1 
ATOM   678 O  OP2   . DT  C 3 7  ? -14.344 -13.238 -1.279  1.00 78.27  ? 7   DT  C OP2   1 
ATOM   679 O  "O5'" . DT  C 3 7  ? -12.123 -14.362 -1.486  1.00 72.68  ? 7   DT  C "O5'" 1 
ATOM   680 C  "C5'" . DT  C 3 7  ? -11.211 -14.216 -0.420  1.00 66.61  ? 7   DT  C "C5'" 1 
ATOM   681 C  "C4'" . DT  C 3 7  ? -10.357 -15.459 -0.273  1.00 59.44  ? 7   DT  C "C4'" 1 
ATOM   682 O  "O4'" . DT  C 3 7  ? -9.852  -15.864 -1.568  1.00 55.51  ? 7   DT  C "O4'" 1 
ATOM   683 C  "C3'" . DT  C 3 7  ? -9.142  -15.285 0.608   1.00 55.66  ? 7   DT  C "C3'" 1 
ATOM   684 O  "O3'" . DT  C 3 7  ? -8.858  -16.487 1.281   1.00 54.37  ? 7   DT  C "O3'" 1 
ATOM   685 C  "C2'" . DT  C 3 7  ? -8.040  -14.908 -0.376  1.00 47.17  ? 7   DT  C "C2'" 1 
ATOM   686 C  "C1'" . DT  C 3 7  ? -8.469  -15.585 -1.672  1.00 53.46  ? 7   DT  C "C1'" 1 
ATOM   687 N  N1    . DT  C 3 7  ? -8.267  -14.735 -2.875  1.00 70.34  ? 7   DT  C N1    1 
ATOM   688 C  C2    . DT  C 3 7  ? -7.071  -14.793 -3.562  1.00 72.27  ? 7   DT  C C2    1 
ATOM   689 O  O2    . DT  C 3 7  ? -6.145  -15.514 -3.233  1.00 70.65  ? 7   DT  C O2    1 
ATOM   690 N  N3    . DT  C 3 7  ? -7.001  -13.963 -4.657  1.00 65.36  ? 7   DT  C N3    1 
ATOM   691 C  C4    . DT  C 3 7  ? -7.984  -13.109 -5.121  1.00 66.90  ? 7   DT  C C4    1 
ATOM   692 O  O4    . DT  C 3 7  ? -7.831  -12.401 -6.115  1.00 76.03  ? 7   DT  C O4    1 
ATOM   693 C  C5    . DT  C 3 7  ? -9.206  -13.100 -4.352  1.00 66.02  ? 7   DT  C C5    1 
ATOM   694 C  C7    . DT  C 3 7  ? -10.342 -12.210 -4.754  1.00 80.59  ? 7   DT  C C7    1 
ATOM   695 C  C6    . DT  C 3 7  ? -9.285  -13.902 -3.282  1.00 69.66  ? 7   DT  C C6    1 
ATOM   696 P  P     . DC  C 3 8  ? -7.930  -16.448 2.589   1.00 51.42  ? 8   DC  C P     1 
ATOM   697 O  OP1   . DC  C 3 8  ? -8.202  -17.673 3.379   1.00 75.42  ? 8   DC  C OP1   1 
ATOM   698 O  OP2   . DC  C 3 8  ? -8.126  -15.116 3.218   1.00 47.02  ? 8   DC  C OP2   1 
ATOM   699 O  "O5'" . DC  C 3 8  ? -6.437  -16.520 1.997   1.00 46.48  ? 8   DC  C "O5'" 1 
ATOM   700 C  "C5'" . DC  C 3 8  ? -5.545  -15.419 2.156   1.00 49.72  ? 8   DC  C "C5'" 1 
ATOM   701 C  "C4'" . DC  C 3 8  ? -4.468  -15.432 1.084   1.00 46.05  ? 8   DC  C "C4'" 1 
ATOM   702 O  "O4'" . DC  C 3 8  ? -4.987  -14.834 -0.137  1.00 51.99  ? 8   DC  C "O4'" 1 
ATOM   703 C  "C3'" . DC  C 3 8  ? -3.220  -14.611 1.415   1.00 41.17  ? 8   DC  C "C3'" 1 
ATOM   704 O  "O3'" . DC  C 3 8  ? -2.093  -15.185 0.767   1.00 41.17  ? 8   DC  C "O3'" 1 
ATOM   705 C  "C2'" . DC  C 3 8  ? -3.571  -13.279 0.787   1.00 49.66  ? 8   DC  C "C2'" 1 
ATOM   706 C  "C1'" . DC  C 3 8  ? -4.100  -13.809 -0.518  1.00 55.94  ? 8   DC  C "C1'" 1 
ATOM   707 N  N1    . DC  C 3 8  ? -4.800  -12.816 -1.367  1.00 58.08  ? 8   DC  C N1    1 
ATOM   708 C  C2    . DC  C 3 8  ? -4.145  -12.308 -2.493  1.00 56.24  ? 8   DC  C C2    1 
ATOM   709 O  O2    . DC  C 3 8  ? -2.990  -12.686 -2.740  1.00 44.78  ? 8   DC  C O2    1 
ATOM   710 N  N3    . DC  C 3 8  ? -4.790  -11.412 -3.275  1.00 63.16  ? 8   DC  C N3    1 
ATOM   711 C  C4    . DC  C 3 8  ? -6.035  -11.032 -2.970  1.00 61.58  ? 8   DC  C C4    1 
ATOM   712 N  N4    . DC  C 3 8  ? -6.627  -10.147 -3.773  1.00 70.67  ? 8   DC  C N4    1 
ATOM   713 C  C5    . DC  C 3 8  ? -6.723  -11.545 -1.832  1.00 62.42  ? 8   DC  C C5    1 
ATOM   714 C  C6    . DC  C 3 8  ? -6.069  -12.422 -1.062  1.00 63.65  ? 8   DC  C C6    1 
ATOM   715 P  P     . DC  D 4 1  ? -0.185  17.009  0.193   1.00 56.20  ? 10  DC  D P     1 
ATOM   716 O  OP1   . DC  D 4 1  ? -0.371  18.470  0.012   1.00 54.62  ? 10  DC  D OP1   1 
ATOM   717 O  OP2   . DC  D 4 1  ? 0.994   16.265  -0.324  1.00 40.71  ? 10  DC  D OP2   1 
ATOM   718 O  "O5'" . DC  D 4 1  ? -1.478  16.266  -0.369  1.00 45.95  ? 10  DC  D "O5'" 1 
ATOM   719 C  "C5'" . DC  D 4 1  ? -1.514  14.867  -0.360  1.00 50.67  ? 10  DC  D "C5'" 1 
ATOM   720 C  "C4'" . DC  D 4 1  ? -2.460  14.351  0.708   1.00 62.64  ? 10  DC  D "C4'" 1 
ATOM   721 O  "O4'" . DC  D 4 1  ? -2.559  12.906  0.582   1.00 65.30  ? 10  DC  D "O4'" 1 
ATOM   722 C  "C3'" . DC  D 4 1  ? -2.021  14.620  2.150   1.00 59.67  ? 10  DC  D "C3'" 1 
ATOM   723 O  "O3'" . DC  D 4 1  ? -2.696  15.768  2.664   1.00 58.61  ? 10  DC  D "O3'" 1 
ATOM   724 C  "C2'" . DC  D 4 1  ? -2.460  13.357  2.876   1.00 64.03  ? 10  DC  D "C2'" 1 
ATOM   725 C  "C1'" . DC  D 4 1  ? -2.243  12.296  1.811   1.00 65.03  ? 10  DC  D "C1'" 1 
ATOM   726 N  N1    . DC  D 4 1  ? -0.840  11.784  1.755   1.00 65.08  ? 10  DC  D N1    1 
ATOM   727 C  C2    . DC  D 4 1  ? -0.356  11.005  2.811   1.00 71.58  ? 10  DC  D C2    1 
ATOM   728 O  O2    . DC  D 4 1  ? -1.102  10.760  3.769   1.00 75.39  ? 10  DC  D O2    1 
ATOM   729 N  N3    . DC  D 4 1  ? 0.917   10.546  2.757   1.00 72.05  ? 10  DC  D N3    1 
ATOM   730 C  C4    . DC  D 4 1  ? 1.686   10.835  1.705   1.00 74.99  ? 10  DC  D C4    1 
ATOM   731 N  N4    . DC  D 4 1  ? 2.935   10.360  1.697   1.00 87.01  ? 10  DC  D N4    1 
ATOM   732 C  C5    . DC  D 4 1  ? 1.211   11.630  0.618   1.00 66.90  ? 10  DC  D C5    1 
ATOM   733 C  C6    . DC  D 4 1  ? -0.044  12.073  0.681   1.00 62.11  ? 10  DC  D C6    1 
ATOM   734 P  P     . DG  D 4 2  ? -2.032  16.648  3.835   1.00 62.63  ? 11  DG  D P     1 
ATOM   735 O  OP1   . DG  D 4 2  ? -3.083  17.563  4.342   1.00 54.25  ? 11  DG  D OP1   1 
ATOM   736 O  OP2   . DG  D 4 2  ? -0.731  17.161  3.347   1.00 60.63  ? 11  DG  D OP2   1 
ATOM   737 O  "O5'" . DG  D 4 2  ? -1.668  15.591  4.971   1.00 65.57  ? 11  DG  D "O5'" 1 
ATOM   738 C  "C5'" . DG  D 4 2  ? -2.635  15.188  5.917   1.00 62.90  ? 11  DG  D "C5'" 1 
ATOM   739 C  "C4'" . DG  D 4 2  ? -2.025  14.180  6.858   1.00 68.53  ? 11  DG  D "C4'" 1 
ATOM   740 O  "O4'" . DG  D 4 2  ? -1.347  13.178  6.080   1.00 73.61  ? 11  DG  D "O4'" 1 
ATOM   741 C  "C3'" . DG  D 4 2  ? -0.946  14.742  7.762   1.00 80.50  ? 11  DG  D "C3'" 1 
ATOM   742 O  "O3'" . DG  D 4 2  ? -1.528  15.237  8.954   1.00 90.11  ? 11  DG  D "O3'" 1 
ATOM   743 C  "C2'" . DG  D 4 2  ? -0.066  13.529  8.048   1.00 85.70  ? 11  DG  D "C2'" 1 
ATOM   744 C  "C1'" . DG  D 4 2  ? -0.274  12.643  6.828   1.00 80.78  ? 11  DG  D "C1'" 1 
ATOM   745 N  N9    . DG  D 4 2  ? 0.899   12.538  5.968   1.00 82.48  ? 11  DG  D N9    1 
ATOM   746 C  C8    . DG  D 4 2  ? 1.133   13.213  4.794   1.00 78.91  ? 11  DG  D C8    1 
ATOM   747 N  N7    . DG  D 4 2  ? 2.269   12.902  4.233   1.00 73.79  ? 11  DG  D N7    1 
ATOM   748 C  C5    . DG  D 4 2  ? 2.826   11.960  5.091   1.00 84.39  ? 11  DG  D C5    1 
ATOM   749 C  C6    . DG  D 4 2  ? 4.056   11.261  5.010   1.00 90.62  ? 11  DG  D C6    1 
ATOM   750 O  O6    . DG  D 4 2  ? 4.928   11.339  4.131   1.00 87.14  ? 11  DG  D O6    1 
ATOM   751 N  N1    . DG  D 4 2  ? 4.233   10.398  6.094   1.00 90.34  ? 11  DG  D N1    1 
ATOM   752 C  C2    . DG  D 4 2  ? 3.332   10.233  7.124   1.00 85.07  ? 11  DG  D C2    1 
ATOM   753 N  N2    . DG  D 4 2  ? 3.669   9.362   8.083   1.00 91.97  ? 11  DG  D N2    1 
ATOM   754 N  N3    . DG  D 4 2  ? 2.178   10.883  7.212   1.00 81.63  ? 11  DG  D N3    1 
ATOM   755 C  C4    . DG  D 4 2  ? 1.992   11.726  6.166   1.00 86.06  ? 11  DG  D C4    1 
ATOM   756 P  P     . DT  D 4 3  ? -0.641  16.082  9.991   1.00 90.73  ? 12  DT  D P     1 
ATOM   757 O  OP1   . DT  D 4 3  ? -1.573  16.812  10.882  1.00 87.76  ? 12  DT  D OP1   1 
ATOM   758 O  OP2   . DT  D 4 3  ? 0.360   16.818  9.188   1.00 93.63  ? 12  DT  D OP2   1 
ATOM   759 O  "O5'" . DT  D 4 3  ? 0.171   14.976  10.825  1.00 83.01  ? 12  DT  D "O5'" 1 
ATOM   760 C  "C5'" . DT  D 4 3  ? -0.504  13.884  11.442  1.00 82.22  ? 12  DT  D "C5'" 1 
ATOM   761 C  "C4'" . DT  D 4 3  ? 0.491   12.962  12.130  1.00 88.33  ? 12  DT  D "C4'" 1 
ATOM   762 O  "O4'" . DT  D 4 3  ? 1.384   12.379  11.143  1.00 85.60  ? 12  DT  D "O4'" 1 
ATOM   763 C  "C3'" . DT  D 4 3  ? 1.393   13.639  13.156  1.00 93.62  ? 12  DT  D "C3'" 1 
ATOM   764 O  "O3'" . DT  D 4 3  ? 1.637   12.749  14.250  1.00 101.24 ? 12  DT  D "O3'" 1 
ATOM   765 C  "C2'" . DT  D 4 3  ? 2.665   13.920  12.356  1.00 89.56  ? 12  DT  D "C2'" 1 
ATOM   766 C  "C1'" . DT  D 4 3  ? 2.727   12.699  11.454  1.00 87.99  ? 12  DT  D "C1'" 1 
ATOM   767 N  N1    . DT  D 4 3  ? 3.445   12.938  10.173  1.00 92.73  ? 12  DT  D N1    1 
ATOM   768 C  C2    . DT  D 4 3  ? 4.553   12.182  9.857   1.00 94.94  ? 12  DT  D C2    1 
ATOM   769 O  O2    . DT  D 4 3  ? 4.999   11.313  10.587  1.00 95.33  ? 12  DT  D O2    1 
ATOM   770 N  N3    . DT  D 4 3  ? 5.124   12.485  8.642   1.00 94.59  ? 12  DT  D N3    1 
ATOM   771 C  C4    . DT  D 4 3  ? 4.698   13.449  7.738   1.00 92.62  ? 12  DT  D C4    1 
ATOM   772 O  O4    . DT  D 4 3  ? 5.268   13.657  6.672   1.00 93.12  ? 12  DT  D O4    1 
ATOM   773 C  C5    . DT  D 4 3  ? 3.533   14.198  8.139   1.00 89.29  ? 12  DT  D C5    1 
ATOM   774 C  C7    . DT  D 4 3  ? 2.981   15.267  7.243   1.00 91.25  ? 12  DT  D C7    1 
ATOM   775 C  C6    . DT  D 4 3  ? 2.975   13.909  9.320   1.00 89.61  ? 12  DT  D C6    1 
ATOM   776 P  P     . DC  D 4 4  ? 1.883   13.321  15.734  1.00 100.35 ? 13  DC  D P     1 
ATOM   777 O  OP1   . DC  D 4 4  ? 0.964   12.617  16.657  1.00 97.87  ? 13  DC  D OP1   1 
ATOM   778 O  OP2   . DC  D 4 4  ? 1.850   14.800  15.661  1.00 105.98 ? 13  DC  D OP2   1 
ATOM   779 O  "O5'" . DC  D 4 4  ? 3.379   12.868  16.074  1.00 90.81  ? 13  DC  D "O5'" 1 
ATOM   780 C  "C5'" . DC  D 4 4  ? 4.420   13.152  15.163  1.00 95.29  ? 13  DC  D "C5'" 1 
ATOM   781 C  "C4'" . DC  D 4 4  ? 5.555   12.170  15.323  1.00 103.53 ? 13  DC  D "C4'" 1 
ATOM   782 O  "O4'" . DC  D 4 4  ? 6.104   11.849  14.023  1.00 99.09  ? 13  DC  D "O4'" 1 
ATOM   783 C  "C3'" . DC  D 4 4  ? 6.723   12.685  16.138  1.00 113.98 ? 13  DC  D "C3'" 1 
ATOM   784 O  "O3'" . DC  D 4 4  ? 7.400   11.594  16.768  1.00 123.29 ? 13  DC  D "O3'" 1 
ATOM   785 C  "C2'" . DC  D 4 4  ? 7.587   13.375  15.080  1.00 109.58 ? 13  DC  D "C2'" 1 
ATOM   786 C  "C1'" . DC  D 4 4  ? 7.331   12.528  13.829  1.00 104.69 ? 13  DC  D "C1'" 1 
ATOM   787 N  N1    . DC  D 4 4  ? 7.221   13.328  12.562  1.00 105.96 ? 13  DC  D N1    1 
ATOM   788 C  C2    . DC  D 4 4  ? 8.127   13.104  11.507  1.00 110.41 ? 13  DC  D C2    1 
ATOM   789 O  O2    . DC  D 4 4  ? 9.017   12.249  11.641  1.00 113.33 ? 13  DC  D O2    1 
ATOM   790 N  N3    . DC  D 4 4  ? 8.000   13.835  10.366  1.00 108.16 ? 13  DC  D N3    1 
ATOM   791 C  C4    . DC  D 4 4  ? 7.024   14.746  10.262  1.00 104.03 ? 13  DC  D C4    1 
ATOM   792 N  N4    . DC  D 4 4  ? 6.935   15.444  9.123   1.00 102.51 ? 13  DC  D N4    1 
ATOM   793 C  C5    . DC  D 4 4  ? 6.096   14.983  11.322  1.00 102.62 ? 13  DC  D C5    1 
ATOM   794 C  C6    . DC  D 4 4  ? 6.231   14.260  12.439  1.00 102.36 ? 13  DC  D C6    1 
ATOM   795 P  P     . DT  D 4 5  ? 8.332   11.850  18.054  1.00 128.30 ? 14  DT  D P     1 
ATOM   796 O  OP1   . DT  D 4 5  ? 8.330   10.621  18.883  1.00 127.62 ? 14  DT  D OP1   1 
ATOM   797 O  OP2   . DT  D 4 5  ? 7.922   13.138  18.660  1.00 126.14 ? 14  DT  D OP2   1 
ATOM   798 O  "O5'" . DT  D 4 5  ? 9.789   12.048  17.421  1.00 125.79 ? 14  DT  D "O5'" 1 
ATOM   799 C  "C5'" . DT  D 4 5  ? 10.216  11.219  16.339  1.00 121.99 ? 14  DT  D "C5'" 1 
ATOM   800 C  "C4'" . DT  D 4 5  ? 11.573  11.665  15.828  1.00 120.79 ? 14  DT  D "C4'" 1 
ATOM   801 O  "O4'" . DT  D 4 5  ? 11.413  12.359  14.562  1.00 114.22 ? 14  DT  D "O4'" 1 
ATOM   802 C  "C3'" . DT  D 4 5  ? 12.321  12.625  16.757  1.00 128.71 ? 14  DT  D "C3'" 1 
ATOM   803 O  "O3'" . DT  D 4 5  ? 13.699  12.241  16.873  1.00 134.39 ? 14  DT  D "O3'" 1 
ATOM   804 C  "C2'" . DT  D 4 5  ? 12.159  13.981  16.067  1.00 122.64 ? 14  DT  D "C2'" 1 
ATOM   805 C  "C1'" . DT  D 4 5  ? 12.116  13.580  14.600  1.00 119.78 ? 14  DT  D "C1'" 1 
ATOM   806 N  N1    . DT  D 4 5  ? 11.404  14.573  13.718  1.00 120.39 ? 14  DT  D N1    1 
ATOM   807 C  C2    . DT  D 4 5  ? 11.862  14.790  12.433  1.00 119.43 ? 14  DT  D C2    1 
ATOM   808 O  O2    . DT  D 4 5  ? 12.826  14.212  11.962  1.00 120.37 ? 14  DT  D O2    1 
ATOM   809 N  N3    . DT  D 4 5  ? 11.142  15.714  11.714  1.00 118.26 ? 14  DT  D N3    1 
ATOM   810 C  C4    . DT  D 4 5  ? 10.034  16.428  12.141  1.00 116.32 ? 14  DT  D C4    1 
ATOM   811 O  O4    . DT  D 4 5  ? 9.452   17.237  11.420  1.00 116.74 ? 14  DT  D O4    1 
ATOM   812 C  C5    . DT  D 4 5  ? 9.608   16.155  13.497  1.00 114.96 ? 14  DT  D C5    1 
ATOM   813 C  C7    . DT  D 4 5  ? 8.420   16.867  14.071  1.00 110.07 ? 14  DT  D C7    1 
ATOM   814 C  C6    . DT  D 4 5  ? 10.307  15.255  14.210  1.00 116.64 ? 14  DT  D C6    1 
ATOM   815 P  P     . DG  D 4 6  ? 14.459  12.348  18.289  1.00 138.15 ? 15  DG  D P     1 
ATOM   816 O  OP1   . DG  D 4 6  ? 14.734  10.975  18.777  1.00 134.84 ? 15  DG  D OP1   1 
ATOM   817 O  OP2   . DG  D 4 6  ? 13.665  13.260  19.144  1.00 134.36 ? 15  DG  D OP2   1 
ATOM   818 O  "O5'" . DG  D 4 6  ? 15.855  13.058  17.929  1.00 134.90 ? 15  DG  D "O5'" 1 
ATOM   819 C  "C5'" . DG  D 4 6  ? 16.722  12.488  16.944  1.00 133.12 ? 15  DG  D "C5'" 1 
ATOM   820 C  "C4'" . DG  D 4 6  ? 17.123  13.520  15.896  1.00 133.68 ? 15  DG  D "C4'" 1 
ATOM   821 O  "O4'" . DG  D 4 6  ? 15.940  14.130  15.348  1.00 131.56 ? 15  DG  D "O4'" 1 
ATOM   822 C  "C3'" . DG  D 4 6  ? 17.961  14.693  16.413  1.00 133.55 ? 15  DG  D "C3'" 1 
ATOM   823 O  "O3'" . DG  D 4 6  ? 19.389  14.440  16.230  1.00 135.79 ? 15  DG  D "O3'" 1 
ATOM   824 C  "C2'" . DG  D 4 6  ? 17.458  15.912  15.616  1.00 129.19 ? 15  DG  D "C2'" 1 
ATOM   825 C  "C1'" . DG  D 4 6  ? 16.306  15.358  14.772  1.00 127.48 ? 15  DG  D "C1'" 1 
ATOM   826 N  N9    . DG  D 4 6  ? 15.140  16.238  14.745  1.00 123.92 ? 15  DG  D N9    1 
ATOM   827 C  C8    . DG  D 4 6  ? 14.278  16.508  15.782  1.00 122.07 ? 15  DG  D C8    1 
ATOM   828 N  N7    . DG  D 4 6  ? 13.329  17.347  15.468  1.00 121.02 ? 15  DG  D N7    1 
ATOM   829 C  C5    . DG  D 4 6  ? 13.579  17.661  14.134  1.00 122.51 ? 15  DG  D C5    1 
ATOM   830 C  C6    . DG  D 4 6  ? 12.881  18.525  13.248  1.00 118.98 ? 15  DG  D C6    1 
ATOM   831 O  O6    . DG  D 4 6  ? 11.870  19.209  13.475  1.00 117.31 ? 15  DG  D O6    1 
ATOM   832 N  N1    . DG  D 4 6  ? 13.473  18.554  11.983  1.00 117.38 ? 15  DG  D N1    1 
ATOM   833 C  C2    . DG  D 4 6  ? 14.595  17.842  11.620  1.00 117.83 ? 15  DG  D C2    1 
ATOM   834 N  N2    . DG  D 4 6  ? 15.021  17.995  10.357  1.00 114.95 ? 15  DG  D N2    1 
ATOM   835 N  N3    . DG  D 4 6  ? 15.256  17.029  12.441  1.00 121.23 ? 15  DG  D N3    1 
ATOM   836 C  C4    . DG  D 4 6  ? 14.695  16.989  13.677  1.00 123.23 ? 15  DG  D C4    1 
ATOM   837 P  P     . DC  D 4 7  ? 20.192  14.864  14.889  1.00 140.53 ? 16  DC  D P     1 
ATOM   838 O  OP1   . DC  D 4 7  ? 19.409  14.472  13.694  1.00 137.45 ? 16  DC  D OP1   1 
ATOM   839 O  OP2   . DC  D 4 7  ? 21.568  14.346  15.055  1.00 140.49 ? 16  DC  D OP2   1 
ATOM   840 O  "O5'" . DC  D 4 7  ? 20.320  16.462  14.959  1.00 128.27 ? 16  DC  D "O5'" 1 
ATOM   841 C  "C5'" . DC  D 4 7  ? 21.309  17.151  14.172  1.00 123.47 ? 16  DC  D "C5'" 1 
ATOM   842 C  "C4'" . DC  D 4 7  ? 20.938  17.179  12.694  1.00 118.58 ? 16  DC  D "C4'" 1 
ATOM   843 O  "O4'" . DC  D 4 7  ? 19.505  17.335  12.543  1.00 119.29 ? 16  DC  D "O4'" 1 
ATOM   844 C  "C3'" . DC  D 4 7  ? 21.564  18.318  11.896  1.00 116.77 ? 16  DC  D "C3'" 1 
ATOM   845 O  "O3'" . DC  D 4 7  ? 21.829  17.890  10.565  1.00 117.22 ? 16  DC  D "O3'" 1 
ATOM   846 C  "C2'" . DC  D 4 7  ? 20.485  19.401  11.939  1.00 116.33 ? 16  DC  D "C2'" 1 
ATOM   847 C  "C1'" . DC  D 4 7  ? 19.201  18.573  11.919  1.00 120.43 ? 16  DC  D "C1'" 1 
ATOM   848 N  N1    . DC  D 4 7  ? 18.062  19.197  12.676  1.00 123.60 ? 16  DC  D N1    1 
ATOM   849 C  C2    . DC  D 4 7  ? 17.183  20.097  12.040  1.00 119.86 ? 16  DC  D C2    1 
ATOM   850 O  O2    . DC  D 4 7  ? 17.358  20.383  10.846  1.00 118.10 ? 16  DC  D O2    1 
ATOM   851 N  N3    . DC  D 4 7  ? 16.159  20.632  12.763  1.00 119.50 ? 16  DC  D N3    1 
ATOM   852 C  C4    . DC  D 4 7  ? 15.998  20.299  14.049  1.00 120.41 ? 16  DC  D C4    1 
ATOM   853 N  N4    . DC  D 4 7  ? 14.979  20.852  14.722  1.00 119.95 ? 16  DC  D N4    1 
ATOM   854 C  C5    . DC  D 4 7  ? 16.880  19.389  14.706  1.00 120.95 ? 16  DC  D C5    1 
ATOM   855 C  C6    . DC  D 4 7  ? 17.883  18.870  13.990  1.00 123.75 ? 16  DC  D C6    1 
HETATM 856 AS AS    . CAC E 5 .  ? 7.554   9.595   0.818   1.00 226.38 ? 101 CAC A AS    1 
# 
loop_
_pdbx_poly_seq_scheme.asym_id 
_pdbx_poly_seq_scheme.entity_id 
_pdbx_poly_seq_scheme.seq_id 
_pdbx_poly_seq_scheme.mon_id 
_pdbx_poly_seq_scheme.ndb_seq_num 
_pdbx_poly_seq_scheme.pdb_seq_num 
_pdbx_poly_seq_scheme.auth_seq_num 
_pdbx_poly_seq_scheme.pdb_mon_id 
_pdbx_poly_seq_scheme.auth_mon_id 
_pdbx_poly_seq_scheme.pdb_strand_id 
_pdbx_poly_seq_scheme.pdb_ins_code 
_pdbx_poly_seq_scheme.hetero 
A 1 1  DG 1  1  1  DG DG A . n 
A 1 2  DA 2  2  2  DA DA A . n 
A 1 3  DG 3  3  3  DG DG A . n 
A 1 4  DC 4  4  4  DC DC A . n 
A 1 5  DA 5  5  5  DA DA A . n 
A 1 6  DG 6  6  6  DG DG A . n 
A 1 7  DA 7  7  7  DA DA A . n 
A 1 8  DC 8  8  8  DC DC A . n 
A 1 9  DG 9  9  9  DG DG A . n 
A 1 10 DT 10 10 10 DT DT A . n 
A 1 11 DG 11 11 11 DG DG A . n 
A 1 12 DA 12 12 12 DA DA A . n 
A 1 13 DC 13 13 13 DC DC A . n 
A 1 14 DG 14 14 14 DG DG A . n 
A 1 15 DA 15 15 15 DA DA A . n 
A 1 16 DG 16 16 16 DG DG A . n 
A 1 17 DA 17 17 17 DA DA A . n 
A 1 18 DC 18 18 18 DC DC A . n 
A 1 19 DT 19 19 19 DT DT A . n 
A 1 20 DC 20 20 20 DC DC A . n 
A 1 21 DA 21 21 21 DA DA A . n 
B 2 1  DT 1  0  0  DT DT B . n 
B 2 2  DC 2  1  1  DC DC B . n 
B 2 3  DG 3  2  2  DG DG B . n 
B 2 4  DT 4  3  3  DT DT B . n 
B 2 5  DC 5  4  4  DC DC B . n 
B 2 6  DA 6  5  5  DA DA B . n 
C 3 1  DT 1  1  1  DT DT C . n 
C 3 2  DC 2  2  2  DC DC C . n 
C 3 3  DT 3  3  3  DT DT C . n 
C 3 4  DG 4  4  4  DG DG C . n 
C 3 5  DA 5  5  5  DA DA C . n 
C 3 6  DG 6  6  6  DG DG C . n 
C 3 7  DT 7  7  7  DT DT C . n 
C 3 8  DC 8  8  8  DC DC C . n 
D 4 1  DC 1  10 10 DC DC D . n 
D 4 2  DG 2  11 11 DG DG D . n 
D 4 3  DT 3  12 12 DT DT D . n 
D 4 4  DC 4  13 13 DC DC D . n 
D 4 5  DT 5  14 14 DT DT D . n 
D 4 6  DG 6  15 15 DG DG D . n 
D 4 7  DC 7  16 16 DC DC D . n 
# 
_pdbx_nonpoly_scheme.asym_id         E 
_pdbx_nonpoly_scheme.entity_id       5 
_pdbx_nonpoly_scheme.mon_id          CAC 
_pdbx_nonpoly_scheme.ndb_seq_num     1 
_pdbx_nonpoly_scheme.pdb_seq_num     101 
_pdbx_nonpoly_scheme.auth_seq_num    1 
_pdbx_nonpoly_scheme.pdb_mon_id      CAC 
_pdbx_nonpoly_scheme.auth_mon_id     AS 
_pdbx_nonpoly_scheme.pdb_strand_id   A 
_pdbx_nonpoly_scheme.pdb_ins_code    . 
# 
_pdbx_struct_assembly.id                   1 
_pdbx_struct_assembly.details              author_defined_assembly 
_pdbx_struct_assembly.method_details       ? 
_pdbx_struct_assembly.oligomeric_details   tetrameric 
_pdbx_struct_assembly.oligomeric_count     4 
# 
_pdbx_struct_assembly_gen.assembly_id       1 
_pdbx_struct_assembly_gen.oper_expression   1 
_pdbx_struct_assembly_gen.asym_id_list      A,B,C,D,E 
# 
_pdbx_struct_oper_list.id                   1 
_pdbx_struct_oper_list.type                 'identity operation' 
_pdbx_struct_oper_list.name                 1_555 
_pdbx_struct_oper_list.symmetry_operation   x,y,z 
_pdbx_struct_oper_list.matrix[1][1]         1.0000000000 
_pdbx_struct_oper_list.matrix[1][2]         0.0000000000 
_pdbx_struct_oper_list.matrix[1][3]         0.0000000000 
_pdbx_struct_oper_list.vector[1]            0.0000000000 
_pdbx_struct_oper_list.matrix[2][1]         0.0000000000 
_pdbx_struct_oper_list.matrix[2][2]         1.0000000000 
_pdbx_struct_oper_list.matrix[2][3]         0.0000000000 
_pdbx_struct_oper_list.vector[2]            0.0000000000 
_pdbx_struct_oper_list.matrix[3][1]         0.0000000000 
_pdbx_struct_oper_list.matrix[3][2]         0.0000000000 
_pdbx_struct_oper_list.matrix[3][3]         1.0000000000 
_pdbx_struct_oper_list.vector[3]            0.0000000000 
# 
loop_
_pdbx_audit_revision_history.ordinal 
_pdbx_audit_revision_history.data_content_type 
_pdbx_audit_revision_history.major_revision 
_pdbx_audit_revision_history.minor_revision 
_pdbx_audit_revision_history.revision_date 
1 'Structure model' 1 0 2021-07-14 
2 'Structure model' 1 1 2022-07-06 
3 'Structure model' 1 2 2023-10-18 
# 
_pdbx_audit_revision_details.ordinal             1 
_pdbx_audit_revision_details.revision_ordinal    1 
_pdbx_audit_revision_details.data_content_type   'Structure model' 
_pdbx_audit_revision_details.provider            repository 
_pdbx_audit_revision_details.type                'Initial release' 
_pdbx_audit_revision_details.description         ? 
_pdbx_audit_revision_details.details             ? 
# 
loop_
_pdbx_audit_revision_group.ordinal 
_pdbx_audit_revision_group.revision_ordinal 
_pdbx_audit_revision_group.data_content_type 
_pdbx_audit_revision_group.group 
1 2 'Structure model' 'Database references'    
2 3 'Structure model' 'Data collection'        
3 3 'Structure model' 'Refinement description' 
# 
loop_
_pdbx_audit_revision_category.ordinal 
_pdbx_audit_revision_category.revision_ordinal 
_pdbx_audit_revision_category.data_content_type 
_pdbx_audit_revision_category.category 
1 2 'Structure model' citation                      
2 2 'Structure model' citation_author               
3 2 'Structure model' database_2                    
4 3 'Structure model' chem_comp_atom                
5 3 'Structure model' chem_comp_bond                
6 3 'Structure model' pdbx_initial_refinement_model 
# 
loop_
_pdbx_audit_revision_item.ordinal 
_pdbx_audit_revision_item.revision_ordinal 
_pdbx_audit_revision_item.data_content_type 
_pdbx_audit_revision_item.item 
1  2 'Structure model' '_citation.country'                   
2  2 'Structure model' '_citation.journal_abbrev'            
3  2 'Structure model' '_citation.journal_id_CSD'            
4  2 'Structure model' '_citation.journal_id_ISSN'           
5  2 'Structure model' '_citation.journal_volume'            
6  2 'Structure model' '_citation.page_first'                
7  2 'Structure model' '_citation.page_last'                 
8  2 'Structure model' '_citation.pdbx_database_id_DOI'      
9  2 'Structure model' '_citation.pdbx_database_id_PubMed'   
10 2 'Structure model' '_citation.title'                     
11 2 'Structure model' '_citation.year'                      
12 2 'Structure model' '_database_2.pdbx_DOI'                
13 2 'Structure model' '_database_2.pdbx_database_accession' 
# 
loop_
_software.citation_id 
_software.classification 
_software.compiler_name 
_software.compiler_version 
_software.contact_author 
_software.contact_author_email 
_software.date 
_software.description 
_software.dependencies 
_software.hardware 
_software.language 
_software.location 
_software.mods 
_software.name 
_software.os 
_software.os_version 
_software.type 
_software.version 
_software.pdbx_ordinal 
? 'data reduction'  ? ? ? ? ? ? ? ? ? ? ? HKL-2000    ? ? ? .           1 
? 'data scaling'    ? ? ? ? ? ? ? ? ? ? ? HKL-2000    ? ? ? .           2 
? refinement        ? ? ? ? ? ? ? ? ? ? ? PHENIX      ? ? ? 1.11.1_2575 3 
? 'data extraction' ? ? ? ? ? ? ? ? ? ? ? PDB_EXTRACT ? ? ? 3.25        4 
? phasing           ? ? ? ? ? ? ? ? ? ? ? PHASER      ? ? ? .           5 
# 
_pdbx_entry_details.entry_id                 7JP6 
_pdbx_entry_details.has_ligand_of_interest   N 
_pdbx_entry_details.compound_details         ? 
_pdbx_entry_details.source_details           ? 
_pdbx_entry_details.nonpolymer_details       ? 
_pdbx_entry_details.sequence_details         ? 
# 
loop_
_pdbx_validate_rmsd_angle.id 
_pdbx_validate_rmsd_angle.PDB_model_num 
_pdbx_validate_rmsd_angle.auth_atom_id_1 
_pdbx_validate_rmsd_angle.auth_asym_id_1 
_pdbx_validate_rmsd_angle.auth_comp_id_1 
_pdbx_validate_rmsd_angle.auth_seq_id_1 
_pdbx_validate_rmsd_angle.PDB_ins_code_1 
_pdbx_validate_rmsd_angle.label_alt_id_1 
_pdbx_validate_rmsd_angle.auth_atom_id_2 
_pdbx_validate_rmsd_angle.auth_asym_id_2 
_pdbx_validate_rmsd_angle.auth_comp_id_2 
_pdbx_validate_rmsd_angle.auth_seq_id_2 
_pdbx_validate_rmsd_angle.PDB_ins_code_2 
_pdbx_validate_rmsd_angle.label_alt_id_2 
_pdbx_validate_rmsd_angle.auth_atom_id_3 
_pdbx_validate_rmsd_angle.auth_asym_id_3 
_pdbx_validate_rmsd_angle.auth_comp_id_3 
_pdbx_validate_rmsd_angle.auth_seq_id_3 
_pdbx_validate_rmsd_angle.PDB_ins_code_3 
_pdbx_validate_rmsd_angle.label_alt_id_3 
_pdbx_validate_rmsd_angle.angle_value 
_pdbx_validate_rmsd_angle.angle_target_value 
_pdbx_validate_rmsd_angle.angle_deviation 
_pdbx_validate_rmsd_angle.angle_standard_deviation 
_pdbx_validate_rmsd_angle.linker_flag 
1 1 "C3'" C DC 8 ? ? "C2'" C DC 8 ? ? "C1'" C DC 8 ? ? 97.55  102.40 -4.85 0.80 N 
2 1 "O4'" C DC 8 ? ? "C1'" C DC 8 ? ? N1    C DC 8 ? ? 110.18 108.30 1.88  0.30 N 
# 
loop_
_pdbx_unobs_or_zero_occ_atoms.id 
_pdbx_unobs_or_zero_occ_atoms.PDB_model_num 
_pdbx_unobs_or_zero_occ_atoms.polymer_flag 
_pdbx_unobs_or_zero_occ_atoms.occupancy_flag 
_pdbx_unobs_or_zero_occ_atoms.auth_asym_id 
_pdbx_unobs_or_zero_occ_atoms.auth_comp_id 
_pdbx_unobs_or_zero_occ_atoms.auth_seq_id 
_pdbx_unobs_or_zero_occ_atoms.PDB_ins_code 
_pdbx_unobs_or_zero_occ_atoms.auth_atom_id 
_pdbx_unobs_or_zero_occ_atoms.label_alt_id 
_pdbx_unobs_or_zero_occ_atoms.label_asym_id 
_pdbx_unobs_or_zero_occ_atoms.label_comp_id 
_pdbx_unobs_or_zero_occ_atoms.label_seq_id 
_pdbx_unobs_or_zero_occ_atoms.label_atom_id 
1 1 N 1 A CAC 101 ? O1 ? E CAC 1 O1 
2 1 N 1 A CAC 101 ? O2 ? E CAC 1 O2 
3 1 N 1 A CAC 101 ? C1 ? E CAC 1 C1 
4 1 N 1 A CAC 101 ? C2 ? E CAC 1 C2 
# 
loop_
_chem_comp_atom.comp_id 
_chem_comp_atom.atom_id 
_chem_comp_atom.type_symbol 
_chem_comp_atom.pdbx_aromatic_flag 
_chem_comp_atom.pdbx_stereo_config 
_chem_comp_atom.pdbx_ordinal 
CAC AS     AS N N 1   
CAC O1     O  N N 2   
CAC O2     O  N N 3   
CAC C1     C  N N 4   
CAC C2     C  N N 5   
CAC H11    H  N N 6   
CAC H12    H  N N 7   
CAC H13    H  N N 8   
CAC H21    H  N N 9   
CAC H22    H  N N 10  
CAC H23    H  N N 11  
DA  OP3    O  N N 12  
DA  P      P  N N 13  
DA  OP1    O  N N 14  
DA  OP2    O  N N 15  
DA  "O5'"  O  N N 16  
DA  "C5'"  C  N N 17  
DA  "C4'"  C  N R 18  
DA  "O4'"  O  N N 19  
DA  "C3'"  C  N S 20  
DA  "O3'"  O  N N 21  
DA  "C2'"  C  N N 22  
DA  "C1'"  C  N R 23  
DA  N9     N  Y N 24  
DA  C8     C  Y N 25  
DA  N7     N  Y N 26  
DA  C5     C  Y N 27  
DA  C6     C  Y N 28  
DA  N6     N  N N 29  
DA  N1     N  Y N 30  
DA  C2     C  Y N 31  
DA  N3     N  Y N 32  
DA  C4     C  Y N 33  
DA  HOP3   H  N N 34  
DA  HOP2   H  N N 35  
DA  "H5'"  H  N N 36  
DA  "H5''" H  N N 37  
DA  "H4'"  H  N N 38  
DA  "H3'"  H  N N 39  
DA  "HO3'" H  N N 40  
DA  "H2'"  H  N N 41  
DA  "H2''" H  N N 42  
DA  "H1'"  H  N N 43  
DA  H8     H  N N 44  
DA  H61    H  N N 45  
DA  H62    H  N N 46  
DA  H2     H  N N 47  
DC  OP3    O  N N 48  
DC  P      P  N N 49  
DC  OP1    O  N N 50  
DC  OP2    O  N N 51  
DC  "O5'"  O  N N 52  
DC  "C5'"  C  N N 53  
DC  "C4'"  C  N R 54  
DC  "O4'"  O  N N 55  
DC  "C3'"  C  N S 56  
DC  "O3'"  O  N N 57  
DC  "C2'"  C  N N 58  
DC  "C1'"  C  N R 59  
DC  N1     N  N N 60  
DC  C2     C  N N 61  
DC  O2     O  N N 62  
DC  N3     N  N N 63  
DC  C4     C  N N 64  
DC  N4     N  N N 65  
DC  C5     C  N N 66  
DC  C6     C  N N 67  
DC  HOP3   H  N N 68  
DC  HOP2   H  N N 69  
DC  "H5'"  H  N N 70  
DC  "H5''" H  N N 71  
DC  "H4'"  H  N N 72  
DC  "H3'"  H  N N 73  
DC  "HO3'" H  N N 74  
DC  "H2'"  H  N N 75  
DC  "H2''" H  N N 76  
DC  "H1'"  H  N N 77  
DC  H41    H  N N 78  
DC  H42    H  N N 79  
DC  H5     H  N N 80  
DC  H6     H  N N 81  
DG  OP3    O  N N 82  
DG  P      P  N N 83  
DG  OP1    O  N N 84  
DG  OP2    O  N N 85  
DG  "O5'"  O  N N 86  
DG  "C5'"  C  N N 87  
DG  "C4'"  C  N R 88  
DG  "O4'"  O  N N 89  
DG  "C3'"  C  N S 90  
DG  "O3'"  O  N N 91  
DG  "C2'"  C  N N 92  
DG  "C1'"  C  N R 93  
DG  N9     N  Y N 94  
DG  C8     C  Y N 95  
DG  N7     N  Y N 96  
DG  C5     C  Y N 97  
DG  C6     C  N N 98  
DG  O6     O  N N 99  
DG  N1     N  N N 100 
DG  C2     C  N N 101 
DG  N2     N  N N 102 
DG  N3     N  N N 103 
DG  C4     C  Y N 104 
DG  HOP3   H  N N 105 
DG  HOP2   H  N N 106 
DG  "H5'"  H  N N 107 
DG  "H5''" H  N N 108 
DG  "H4'"  H  N N 109 
DG  "H3'"  H  N N 110 
DG  "HO3'" H  N N 111 
DG  "H2'"  H  N N 112 
DG  "H2''" H  N N 113 
DG  "H1'"  H  N N 114 
DG  H8     H  N N 115 
DG  H1     H  N N 116 
DG  H21    H  N N 117 
DG  H22    H  N N 118 
DT  OP3    O  N N 119 
DT  P      P  N N 120 
DT  OP1    O  N N 121 
DT  OP2    O  N N 122 
DT  "O5'"  O  N N 123 
DT  "C5'"  C  N N 124 
DT  "C4'"  C  N R 125 
DT  "O4'"  O  N N 126 
DT  "C3'"  C  N S 127 
DT  "O3'"  O  N N 128 
DT  "C2'"  C  N N 129 
DT  "C1'"  C  N R 130 
DT  N1     N  N N 131 
DT  C2     C  N N 132 
DT  O2     O  N N 133 
DT  N3     N  N N 134 
DT  C4     C  N N 135 
DT  O4     O  N N 136 
DT  C5     C  N N 137 
DT  C7     C  N N 138 
DT  C6     C  N N 139 
DT  HOP3   H  N N 140 
DT  HOP2   H  N N 141 
DT  "H5'"  H  N N 142 
DT  "H5''" H  N N 143 
DT  "H4'"  H  N N 144 
DT  "H3'"  H  N N 145 
DT  "HO3'" H  N N 146 
DT  "H2'"  H  N N 147 
DT  "H2''" H  N N 148 
DT  "H1'"  H  N N 149 
DT  H3     H  N N 150 
DT  H71    H  N N 151 
DT  H72    H  N N 152 
DT  H73    H  N N 153 
DT  H6     H  N N 154 
# 
loop_
_chem_comp_bond.comp_id 
_chem_comp_bond.atom_id_1 
_chem_comp_bond.atom_id_2 
_chem_comp_bond.value_order 
_chem_comp_bond.pdbx_aromatic_flag 
_chem_comp_bond.pdbx_stereo_config 
_chem_comp_bond.pdbx_ordinal 
CAC AS    O1     doub N N 1   
CAC AS    O2     sing N N 2   
CAC AS    C1     sing N N 3   
CAC AS    C2     sing N N 4   
CAC C1    H11    sing N N 5   
CAC C1    H12    sing N N 6   
CAC C1    H13    sing N N 7   
CAC C2    H21    sing N N 8   
CAC C2    H22    sing N N 9   
CAC C2    H23    sing N N 10  
DA  OP3   P      sing N N 11  
DA  OP3   HOP3   sing N N 12  
DA  P     OP1    doub N N 13  
DA  P     OP2    sing N N 14  
DA  P     "O5'"  sing N N 15  
DA  OP2   HOP2   sing N N 16  
DA  "O5'" "C5'"  sing N N 17  
DA  "C5'" "C4'"  sing N N 18  
DA  "C5'" "H5'"  sing N N 19  
DA  "C5'" "H5''" sing N N 20  
DA  "C4'" "O4'"  sing N N 21  
DA  "C4'" "C3'"  sing N N 22  
DA  "C4'" "H4'"  sing N N 23  
DA  "O4'" "C1'"  sing N N 24  
DA  "C3'" "O3'"  sing N N 25  
DA  "C3'" "C2'"  sing N N 26  
DA  "C3'" "H3'"  sing N N 27  
DA  "O3'" "HO3'" sing N N 28  
DA  "C2'" "C1'"  sing N N 29  
DA  "C2'" "H2'"  sing N N 30  
DA  "C2'" "H2''" sing N N 31  
DA  "C1'" N9     sing N N 32  
DA  "C1'" "H1'"  sing N N 33  
DA  N9    C8     sing Y N 34  
DA  N9    C4     sing Y N 35  
DA  C8    N7     doub Y N 36  
DA  C8    H8     sing N N 37  
DA  N7    C5     sing Y N 38  
DA  C5    C6     sing Y N 39  
DA  C5    C4     doub Y N 40  
DA  C6    N6     sing N N 41  
DA  C6    N1     doub Y N 42  
DA  N6    H61    sing N N 43  
DA  N6    H62    sing N N 44  
DA  N1    C2     sing Y N 45  
DA  C2    N3     doub Y N 46  
DA  C2    H2     sing N N 47  
DA  N3    C4     sing Y N 48  
DC  OP3   P      sing N N 49  
DC  OP3   HOP3   sing N N 50  
DC  P     OP1    doub N N 51  
DC  P     OP2    sing N N 52  
DC  P     "O5'"  sing N N 53  
DC  OP2   HOP2   sing N N 54  
DC  "O5'" "C5'"  sing N N 55  
DC  "C5'" "C4'"  sing N N 56  
DC  "C5'" "H5'"  sing N N 57  
DC  "C5'" "H5''" sing N N 58  
DC  "C4'" "O4'"  sing N N 59  
DC  "C4'" "C3'"  sing N N 60  
DC  "C4'" "H4'"  sing N N 61  
DC  "O4'" "C1'"  sing N N 62  
DC  "C3'" "O3'"  sing N N 63  
DC  "C3'" "C2'"  sing N N 64  
DC  "C3'" "H3'"  sing N N 65  
DC  "O3'" "HO3'" sing N N 66  
DC  "C2'" "C1'"  sing N N 67  
DC  "C2'" "H2'"  sing N N 68  
DC  "C2'" "H2''" sing N N 69  
DC  "C1'" N1     sing N N 70  
DC  "C1'" "H1'"  sing N N 71  
DC  N1    C2     sing N N 72  
DC  N1    C6     sing N N 73  
DC  C2    O2     doub N N 74  
DC  C2    N3     sing N N 75  
DC  N3    C4     doub N N 76  
DC  C4    N4     sing N N 77  
DC  C4    C5     sing N N 78  
DC  N4    H41    sing N N 79  
DC  N4    H42    sing N N 80  
DC  C5    C6     doub N N 81  
DC  C5    H5     sing N N 82  
DC  C6    H6     sing N N 83  
DG  OP3   P      sing N N 84  
DG  OP3   HOP3   sing N N 85  
DG  P     OP1    doub N N 86  
DG  P     OP2    sing N N 87  
DG  P     "O5'"  sing N N 88  
DG  OP2   HOP2   sing N N 89  
DG  "O5'" "C5'"  sing N N 90  
DG  "C5'" "C4'"  sing N N 91  
DG  "C5'" "H5'"  sing N N 92  
DG  "C5'" "H5''" sing N N 93  
DG  "C4'" "O4'"  sing N N 94  
DG  "C4'" "C3'"  sing N N 95  
DG  "C4'" "H4'"  sing N N 96  
DG  "O4'" "C1'"  sing N N 97  
DG  "C3'" "O3'"  sing N N 98  
DG  "C3'" "C2'"  sing N N 99  
DG  "C3'" "H3'"  sing N N 100 
DG  "O3'" "HO3'" sing N N 101 
DG  "C2'" "C1'"  sing N N 102 
DG  "C2'" "H2'"  sing N N 103 
DG  "C2'" "H2''" sing N N 104 
DG  "C1'" N9     sing N N 105 
DG  "C1'" "H1'"  sing N N 106 
DG  N9    C8     sing Y N 107 
DG  N9    C4     sing Y N 108 
DG  C8    N7     doub Y N 109 
DG  C8    H8     sing N N 110 
DG  N7    C5     sing Y N 111 
DG  C5    C6     sing N N 112 
DG  C5    C4     doub Y N 113 
DG  C6    O6     doub N N 114 
DG  C6    N1     sing N N 115 
DG  N1    C2     sing N N 116 
DG  N1    H1     sing N N 117 
DG  C2    N2     sing N N 118 
DG  C2    N3     doub N N 119 
DG  N2    H21    sing N N 120 
DG  N2    H22    sing N N 121 
DG  N3    C4     sing N N 122 
DT  OP3   P      sing N N 123 
DT  OP3   HOP3   sing N N 124 
DT  P     OP1    doub N N 125 
DT  P     OP2    sing N N 126 
DT  P     "O5'"  sing N N 127 
DT  OP2   HOP2   sing N N 128 
DT  "O5'" "C5'"  sing N N 129 
DT  "C5'" "C4'"  sing N N 130 
DT  "C5'" "H5'"  sing N N 131 
DT  "C5'" "H5''" sing N N 132 
DT  "C4'" "O4'"  sing N N 133 
DT  "C4'" "C3'"  sing N N 134 
DT  "C4'" "H4'"  sing N N 135 
DT  "O4'" "C1'"  sing N N 136 
DT  "C3'" "O3'"  sing N N 137 
DT  "C3'" "C2'"  sing N N 138 
DT  "C3'" "H3'"  sing N N 139 
DT  "O3'" "HO3'" sing N N 140 
DT  "C2'" "C1'"  sing N N 141 
DT  "C2'" "H2'"  sing N N 142 
DT  "C2'" "H2''" sing N N 143 
DT  "C1'" N1     sing N N 144 
DT  "C1'" "H1'"  sing N N 145 
DT  N1    C2     sing N N 146 
DT  N1    C6     sing N N 147 
DT  C2    O2     doub N N 148 
DT  C2    N3     sing N N 149 
DT  N3    C4     sing N N 150 
DT  N3    H3     sing N N 151 
DT  C4    O4     doub N N 152 
DT  C4    C5     sing N N 153 
DT  C5    C7     sing N N 154 
DT  C5    C6     doub N N 155 
DT  C7    H71    sing N N 156 
DT  C7    H72    sing N N 157 
DT  C7    H73    sing N N 158 
DT  C6    H6     sing N N 159 
# 
loop_
_ndb_struct_conf_na.entry_id 
_ndb_struct_conf_na.feature 
7JP6 'double helix'        
7JP6 'a-form double helix' 
7JP6 'b-form double helix' 
# 
loop_
_ndb_struct_na_base_pair.model_number 
_ndb_struct_na_base_pair.i_label_asym_id 
_ndb_struct_na_base_pair.i_label_comp_id 
_ndb_struct_na_base_pair.i_label_seq_id 
_ndb_struct_na_base_pair.i_symmetry 
_ndb_struct_na_base_pair.j_label_asym_id 
_ndb_struct_na_base_pair.j_label_comp_id 
_ndb_struct_na_base_pair.j_label_seq_id 
_ndb_struct_na_base_pair.j_symmetry 
_ndb_struct_na_base_pair.shear 
_ndb_struct_na_base_pair.stretch 
_ndb_struct_na_base_pair.stagger 
_ndb_struct_na_base_pair.buckle 
_ndb_struct_na_base_pair.propeller 
_ndb_struct_na_base_pair.opening 
_ndb_struct_na_base_pair.pair_number 
_ndb_struct_na_base_pair.pair_name 
_ndb_struct_na_base_pair.i_auth_asym_id 
_ndb_struct_na_base_pair.i_auth_seq_id 
_ndb_struct_na_base_pair.i_PDB_ins_code 
_ndb_struct_na_base_pair.j_auth_asym_id 
_ndb_struct_na_base_pair.j_auth_seq_id 
_ndb_struct_na_base_pair.j_PDB_ins_code 
_ndb_struct_na_base_pair.hbond_type_28 
_ndb_struct_na_base_pair.hbond_type_12 
1 A DG 3  1_555 D DC 7 1_555 -0.146 -0.084 0.128  -0.133 -10.718 0.169  1  A_DG3:DC16_D A 3  ? D 16 ? 19 1 
1 A DC 4  1_555 D DG 6 1_555 0.185  -0.091 0.151  -5.201 -7.919  0.405  2  A_DC4:DG15_D A 4  ? D 15 ? 19 1 
1 A DA 5  1_555 D DT 5 1_555 0.091  -0.052 -0.028 -5.788 -5.179  -1.807 3  A_DA5:DT14_D A 5  ? D 14 ? 20 1 
1 A DG 6  1_555 D DC 4 1_555 -0.205 -0.085 -0.314 -4.138 -1.373  -1.563 4  A_DG6:DC13_D A 6  ? D 13 ? 19 1 
1 A DA 7  1_555 D DT 3 1_555 0.080  -0.089 -0.269 -2.004 -0.213  -6.921 5  A_DA7:DT12_D A 7  ? D 12 ? 20 1 
1 A DC 8  1_555 D DG 2 1_555 0.193  -0.104 0.174  5.784  -1.024  1.283  6  A_DC8:DG11_D A 8  ? D 11 ? 19 1 
1 A DG 9  1_555 D DC 1 1_555 -0.173 -0.157 0.654  5.907  -3.710  0.085  7  A_DG9:DC10_D A 9  ? D 10 ? 19 1 
1 A DT 10 1_555 B DA 6 1_555 -0.184 -0.042 0.370  -7.095 -9.948  -2.596 8  A_DT10:DA5_B A 10 ? B 5  ? 20 1 
1 A DG 11 1_555 B DC 5 1_555 -0.212 -0.093 0.011  -7.120 -8.323  0.001  9  A_DG11:DC4_B A 11 ? B 4  ? 19 1 
1 A DA 12 1_555 B DT 4 1_555 0.208  0.005  0.061  -5.695 -3.774  -5.647 10 A_DA12:DT3_B A 12 ? B 3  ? 20 1 
1 A DC 13 1_555 B DG 3 1_555 0.131  -0.146 0.481  -2.419 -5.399  -2.129 11 A_DC13:DG2_B A 13 ? B 2  ? 19 1 
1 A DG 14 1_555 B DC 2 1_555 -0.226 -0.184 0.374  -2.322 -0.595  1.091  12 A_DG14:DC1_B A 14 ? B 1  ? 19 1 
1 A DA 15 1_555 B DT 1 1_555 0.262  -0.190 0.557  6.697  -0.705  -2.998 13 A_DA15:DT0_B A 15 ? B 0  ? 20 1 
1 A DG 16 1_555 C DC 8 1_555 -0.157 -0.269 0.872  5.214  -5.287  -2.005 14 A_DG16:DC8_C A 16 ? C 8  ? 19 1 
1 A DA 17 1_555 C DT 7 1_555 0.207  -0.153 0.569  1.112  -7.097  -5.319 15 A_DA17:DT7_C A 17 ? C 7  ? 20 1 
1 A DC 18 1_555 C DG 6 1_555 0.190  -0.123 0.369  -0.935 -5.514  -0.442 16 A_DC18:DG6_C A 18 ? C 6  ? 19 1 
1 A DT 19 1_555 C DA 5 1_555 -0.123 -0.138 0.119  -3.899 -10.138 -1.999 17 A_DT19:DA5_C A 19 ? C 5  ? 20 1 
1 A DC 20 1_555 C DG 4 1_555 0.192  -0.119 0.023  -1.978 -4.969  -0.183 18 A_DC20:DG4_C A 20 ? C 4  ? 19 1 
1 A DA 21 1_555 C DT 3 1_555 0.027  -0.100 -0.266 -3.441 -12.784 0.023  19 A_DA21:DT3_C A 21 ? C 3  ? 20 1 
# 
loop_
_ndb_struct_na_base_pair_step.model_number 
_ndb_struct_na_base_pair_step.i_label_asym_id_1 
_ndb_struct_na_base_pair_step.i_label_comp_id_1 
_ndb_struct_na_base_pair_step.i_label_seq_id_1 
_ndb_struct_na_base_pair_step.i_symmetry_1 
_ndb_struct_na_base_pair_step.j_label_asym_id_1 
_ndb_struct_na_base_pair_step.j_label_comp_id_1 
_ndb_struct_na_base_pair_step.j_label_seq_id_1 
_ndb_struct_na_base_pair_step.j_symmetry_1 
_ndb_struct_na_base_pair_step.i_label_asym_id_2 
_ndb_struct_na_base_pair_step.i_label_comp_id_2 
_ndb_struct_na_base_pair_step.i_label_seq_id_2 
_ndb_struct_na_base_pair_step.i_symmetry_2 
_ndb_struct_na_base_pair_step.j_label_asym_id_2 
_ndb_struct_na_base_pair_step.j_label_comp_id_2 
_ndb_struct_na_base_pair_step.j_label_seq_id_2 
_ndb_struct_na_base_pair_step.j_symmetry_2 
_ndb_struct_na_base_pair_step.shift 
_ndb_struct_na_base_pair_step.slide 
_ndb_struct_na_base_pair_step.rise 
_ndb_struct_na_base_pair_step.tilt 
_ndb_struct_na_base_pair_step.roll 
_ndb_struct_na_base_pair_step.twist 
_ndb_struct_na_base_pair_step.x_displacement 
_ndb_struct_na_base_pair_step.y_displacement 
_ndb_struct_na_base_pair_step.helical_rise 
_ndb_struct_na_base_pair_step.inclination 
_ndb_struct_na_base_pair_step.tip 
_ndb_struct_na_base_pair_step.helical_twist 
_ndb_struct_na_base_pair_step.step_number 
_ndb_struct_na_base_pair_step.step_name 
_ndb_struct_na_base_pair_step.i_auth_asym_id_1 
_ndb_struct_na_base_pair_step.i_auth_seq_id_1 
_ndb_struct_na_base_pair_step.i_PDB_ins_code_1 
_ndb_struct_na_base_pair_step.j_auth_asym_id_1 
_ndb_struct_na_base_pair_step.j_auth_seq_id_1 
_ndb_struct_na_base_pair_step.j_PDB_ins_code_1 
_ndb_struct_na_base_pair_step.i_auth_asym_id_2 
_ndb_struct_na_base_pair_step.i_auth_seq_id_2 
_ndb_struct_na_base_pair_step.i_PDB_ins_code_2 
_ndb_struct_na_base_pair_step.j_auth_asym_id_2 
_ndb_struct_na_base_pair_step.j_auth_seq_id_2 
_ndb_struct_na_base_pair_step.j_PDB_ins_code_2 
1 A DG 3  1_555 D DC 7 1_555 A DC 4  1_555 D DG 6 1_555 0.527  -0.794 3.347 -0.004 -0.563 35.258 -1.225 -0.870 3.359 -0.930 0.006  
35.263 1  AA_DG3DC4:DG15DC16_DD A 3  ? D 16 ? A 4  ? D 15 ? 
1 A DC 4  1_555 D DG 6 1_555 A DA 5  1_555 D DT 5 1_555 -0.866 1.042  3.509 -1.521 0.808  36.293 1.550  1.159  3.562 1.296  2.440  
36.333 2  AA_DC4DA5:DT14DG15_DD A 4  ? D 15 ? A 5  ? D 14 ? 
1 A DA 5  1_555 D DT 5 1_555 A DG 6  1_555 D DC 4 1_555 0.094  -0.377 3.461 -0.583 2.896  27.268 -1.548 -0.349 3.401 6.120  1.232  
27.425 3  AA_DA5DG6:DC13DT14_DD A 5  ? D 14 ? A 6  ? D 13 ? 
1 A DG 6  1_555 D DC 4 1_555 A DA 7  1_555 D DT 3 1_555 -0.364 -0.534 3.243 -1.794 2.465  36.851 -1.170 0.335  3.216 3.891  2.832  
36.972 4  AA_DG6DA7:DT12DC13_DD A 6  ? D 13 ? A 7  ? D 12 ? 
1 A DA 7  1_555 D DT 3 1_555 A DC 8  1_555 D DG 2 1_555 0.844  -0.722 3.126 -4.808 3.358  32.621 -1.790 -2.231 2.889 5.918  8.474  
33.130 5  AA_DA7DC8:DG11DT12_DD A 7  ? D 12 ? A 8  ? D 11 ? 
1 A DC 8  1_555 D DG 2 1_555 A DG 9  1_555 D DC 1 1_555 -0.877 -1.669 2.914 -8.780 2.482  34.151 -3.084 0.268  2.918 4.135  14.629 
35.314 6  AA_DC8DG9:DC10DG11_DD A 8  ? D 11 ? A 9  ? D 10 ? 
1 A DG 9  1_555 D DC 1 1_555 A DT 10 1_555 B DA 6 1_555 -1.184 -1.697 3.567 1.692  4.789  24.921 -5.274 3.193  3.105 10.953 -3.870 
25.425 7  AA_DG9DT10:DA5DC10_BD A 9  ? D 10 ? A 10 ? B 5  ? 
1 A DT 10 1_555 B DA 6 1_555 A DG 11 1_555 B DC 5 1_555 -0.845 0.947  3.478 -2.143 4.112  32.056 0.908  1.104  3.615 7.398  3.855  
32.381 8  AA_DT10DG11:DC4DA5_BB A 10 ? B 5  ? A 11 ? B 4  ? 
1 A DG 11 1_555 B DC 5 1_555 A DA 12 1_555 B DT 4 1_555 -0.325 -0.107 3.103 -2.235 2.302  39.051 -0.422 0.231  3.105 3.436  3.337  
39.178 9  AA_DG11DA12:DT3DC4_BB A 11 ? B 4  ? A 12 ? B 3  ? 
1 A DA 12 1_555 B DT 4 1_555 A DC 13 1_555 B DG 3 1_555 0.685  -1.260 3.127 -2.255 2.732  33.283 -2.609 -1.537 2.966 4.752  3.924  
33.466 10 AA_DA12DC13:DG2DT3_BB A 12 ? B 3  ? A 13 ? B 2  ? 
1 A DC 13 1_555 B DG 3 1_555 A DG 14 1_555 B DC 2 1_555 -0.070 -0.499 3.255 1.067  0.407  33.702 -0.925 0.293  3.246 0.702  -1.839 
33.721 11 AA_DC13DG14:DC1DG2_BB A 13 ? B 2  ? A 14 ? B 1  ? 
1 A DG 14 1_555 B DC 2 1_555 A DA 15 1_555 B DT 1 1_555 0.047  -0.513 3.154 -5.710 3.465  36.896 -1.232 -0.789 3.054 5.421  8.931  
37.475 12 AA_DG14DA15:DT0DC1_BB A 14 ? B 1  ? A 15 ? B 0  ? 
1 A DA 15 1_555 B DT 1 1_555 A DG 16 1_555 C DC 8 1_555 -0.957 -0.815 3.163 -5.305 -0.650 27.400 -1.535 0.723  3.304 -1.357 11.067 
27.906 13 AA_DA15DG16:DC8DT0_CB A 15 ? B 0  ? A 16 ? C 8  ? 
1 A DG 16 1_555 C DC 8 1_555 A DA 17 1_555 C DT 7 1_555 -0.719 -0.592 3.356 -1.199 1.316  36.572 -1.127 0.976  3.354 2.095  1.909  
36.614 14 AA_DG16DA17:DT7DC8_CC A 16 ? C 8  ? A 17 ? C 7  ? 
1 A DA 17 1_555 C DT 7 1_555 A DC 18 1_555 C DG 6 1_555 0.377  -0.977 3.264 1.934  -0.095 36.645 -1.539 -0.335 3.281 -0.150 -3.074 
36.695 15 AA_DA17DC18:DG6DT7_CC A 17 ? C 7  ? A 18 ? C 6  ? 
1 A DC 18 1_555 C DG 6 1_555 A DT 19 1_555 C DA 5 1_555 -0.626 -0.866 3.236 0.279  -1.005 33.751 -1.330 1.122  3.254 -1.730 -0.480 
33.767 16 AA_DC18DT19:DA5DG6_CC A 18 ? C 6  ? A 19 ? C 5  ? 
1 A DT 19 1_555 C DA 5 1_555 A DC 20 1_555 C DG 4 1_555 0.541  0.251  3.309 0.073  2.291  36.488 0.080  -0.853 3.319 3.654  -0.117 
36.557 17 AA_DT19DC20:DG4DA5_CC A 19 ? C 5  ? A 20 ? C 4  ? 
1 A DC 20 1_555 C DG 4 1_555 A DA 21 1_555 C DT 3 1_555 -0.260 2.329  3.533 -1.019 -6.030 38.529 4.238  0.263  3.152 -9.068 1.532  
38.993 18 AA_DC20DA21:DT3DG4_CC A 20 ? C 4  ? A 21 ? C 3  ? 
# 
loop_
_pdbx_audit_support.funding_organization 
_pdbx_audit_support.country 
_pdbx_audit_support.grant_number 
_pdbx_audit_support.ordinal 
'National Science Foundation (NSF, United States)'                                         'United States' 1360635     1 
'National Institutes of Health/National Institute of General Medical Sciences (NIH/NIGMS)' 'United States' R01GM104960 2 
'National Science Foundation (NSF, United States)'                                         'United States' NSF2004250  3 
# 
_pdbx_entity_nonpoly.entity_id   5 
_pdbx_entity_nonpoly.name        'CACODYLATE ION' 
_pdbx_entity_nonpoly.comp_id     CAC 
# 
_pdbx_initial_refinement_model.id               1 
_pdbx_initial_refinement_model.entity_id_list   ? 
_pdbx_initial_refinement_model.type             'experimental model' 
_pdbx_initial_refinement_model.source_name      PDB 
_pdbx_initial_refinement_model.accession_code   5VY6 
_pdbx_initial_refinement_model.details          ? 
# 
_pdbx_struct_assembly_auth_evidence.id                     1 
_pdbx_struct_assembly_auth_evidence.assembly_id            1 
_pdbx_struct_assembly_auth_evidence.experimental_support   none 
_pdbx_struct_assembly_auth_evidence.details                ? 
# 
